data_1Y0H
# 
_entry.id   1Y0H 
# 
_audit_conform.dict_name       mmcif_pdbx.dic 
_audit_conform.dict_version    5.386 
_audit_conform.dict_location   http://mmcif.pdb.org/dictionaries/ascii/mmcif_pdbx.dic 
# 
loop_
_database_2.database_id 
_database_2.database_code 
_database_2.pdbx_database_accession 
_database_2.pdbx_DOI 
PDB   1Y0H         pdb_00001y0h 10.2210/pdb1y0h/pdb 
RCSB  RCSB030960   ?            ?                   
WWPDB D_1000030960 ?            ?                   
# 
loop_
_pdbx_audit_revision_history.ordinal 
_pdbx_audit_revision_history.data_content_type 
_pdbx_audit_revision_history.major_revision 
_pdbx_audit_revision_history.minor_revision 
_pdbx_audit_revision_history.revision_date 
1 'Structure model' 1 0 2004-12-28 
2 'Structure model' 1 1 2008-04-30 
3 'Structure model' 1 2 2011-07-13 
4 'Structure model' 1 3 2017-10-11 
5 'Structure model' 1 4 2024-02-14 
# 
_pdbx_audit_revision_details.ordinal             1 
_pdbx_audit_revision_details.revision_ordinal    1 
_pdbx_audit_revision_details.data_content_type   'Structure model' 
_pdbx_audit_revision_details.provider            repository 
_pdbx_audit_revision_details.type                'Initial release' 
_pdbx_audit_revision_details.description         ? 
_pdbx_audit_revision_details.details             ? 
# 
loop_
_pdbx_audit_revision_group.ordinal 
_pdbx_audit_revision_group.revision_ordinal 
_pdbx_audit_revision_group.data_content_type 
_pdbx_audit_revision_group.group 
1 2 'Structure model' 'Version format compliance' 
2 3 'Structure model' Advisory                    
3 3 'Structure model' 'Version format compliance' 
4 4 'Structure model' 'Refinement description'    
5 5 'Structure model' 'Data collection'           
6 5 'Structure model' 'Database references'       
7 5 'Structure model' 'Derived calculations'      
# 
loop_
_pdbx_audit_revision_category.ordinal 
_pdbx_audit_revision_category.revision_ordinal 
_pdbx_audit_revision_category.data_content_type 
_pdbx_audit_revision_category.category 
1 4 'Structure model' software           
2 5 'Structure model' chem_comp_atom     
3 5 'Structure model' chem_comp_bond     
4 5 'Structure model' database_2         
5 5 'Structure model' struct_ref_seq_dif 
6 5 'Structure model' struct_site        
# 
loop_
_pdbx_audit_revision_item.ordinal 
_pdbx_audit_revision_item.revision_ordinal 
_pdbx_audit_revision_item.data_content_type 
_pdbx_audit_revision_item.item 
1  4 'Structure model' '_software.classification'            
2  4 'Structure model' '_software.contact_author'            
3  4 'Structure model' '_software.contact_author_email'      
4  4 'Structure model' '_software.date'                      
5  4 'Structure model' '_software.language'                  
6  4 'Structure model' '_software.location'                  
7  4 'Structure model' '_software.name'                      
8  4 'Structure model' '_software.type'                      
9  4 'Structure model' '_software.version'                   
10 5 'Structure model' '_database_2.pdbx_DOI'                
11 5 'Structure model' '_database_2.pdbx_database_accession' 
12 5 'Structure model' '_struct_ref_seq_dif.details'         
13 5 'Structure model' '_struct_site.pdbx_auth_asym_id'      
14 5 'Structure model' '_struct_site.pdbx_auth_comp_id'      
15 5 'Structure model' '_struct_site.pdbx_auth_seq_id'       
# 
_pdbx_database_status.entry_id                        1Y0H 
_pdbx_database_status.deposit_site                    RCSB 
_pdbx_database_status.process_site                    RCSB 
_pdbx_database_status.recvd_initial_deposition_date   2004-11-15 
_pdbx_database_status.status_code                     REL 
_pdbx_database_status.status_code_sf                  REL 
_pdbx_database_status.status_code_mr                  ? 
_pdbx_database_status.SG_entry                        Y 
_pdbx_database_status.pdb_format_compatible           Y 
_pdbx_database_status.status_code_cs                  ? 
_pdbx_database_status.methods_development_category    ? 
_pdbx_database_status.status_code_nmr_data            ? 
# 
_pdbx_database_related.db_name        TargetDB 
_pdbx_database_related.db_id          Rv0793 
_pdbx_database_related.details        . 
_pdbx_database_related.content_type   unspecified 
# 
loop_
_audit_author.name 
_audit_author.pdbx_ordinal 
'Lemieux, M.J.'                             1 
'Ference, C.'                               2 
'Cherney, M.M.'                             3 
'Wang, M.'                                  4 
'Garen, C.'                                 5 
'James, M.N.'                               6 
'TB Structural Genomics Consortium (TBSGC)' 7 
# 
_citation.id                        primary 
_citation.title                     'The crystal structure of Rv0793, a hypothetical monooxygenase from M. tuberculosis' 
_citation.journal_abbrev            J.STRUCT.FUNCT.GENOM. 
_citation.journal_volume            6 
_citation.page_first                245 
_citation.page_last                 257 
_citation.year                      2005 
_citation.journal_id_ASTM           ? 
_citation.country                   NE 
_citation.journal_id_ISSN           1345-711X 
_citation.journal_id_CSD            ? 
_citation.book_publisher            ? 
_citation.pdbx_database_id_PubMed   16496224 
_citation.pdbx_database_id_DOI      10.1007/s10969-005-9004-6 
# 
loop_
_citation_author.citation_id 
_citation_author.name 
_citation_author.ordinal 
_citation_author.identifier_ORCID 
primary 'Lemieux, M.J.' 1 ? 
primary 'Ference, C.'   2 ? 
primary 'Cherney, M.M.' 3 ? 
primary 'Wang, M.'      4 ? 
primary 'Garen, C.'     5 ? 
primary 'James, M.N.'   6 ? 
# 
loop_
_entity.id 
_entity.type 
_entity.src_method 
_entity.pdbx_description 
_entity.formula_weight 
_entity.pdbx_number_of_molecules 
_entity.pdbx_ec 
_entity.pdbx_mutation 
_entity.pdbx_fragment 
_entity.details 
1 polymer     man 'hypothetical protein Rv0793' 11262.771 2   ? ? ? ? 
2 non-polymer syn 'ACETATE ION'                 59.044    3   ? ? ? ? 
3 water       nat water                         18.015    208 ? ? ? ? 
# 
_entity_poly.entity_id                      1 
_entity_poly.type                           'polypeptide(L)' 
_entity_poly.nstd_linkage                   no 
_entity_poly.nstd_monomer                   no 
_entity_poly.pdbx_seq_one_letter_code       
;GMTSPVAVIARFMPRPDARSALRALLDAMITPTRAEDGCRSYDLYESADGGELVLFERYRSRIALDEHRGSPHYLNYRAQ
VGELLTRPVAVTVLAPLDEASA
;
_entity_poly.pdbx_seq_one_letter_code_can   
;GMTSPVAVIARFMPRPDARSALRALLDAMITPTRAEDGCRSYDLYESADGGELVLFERYRSRIALDEHRGSPHYLNYRAQ
VGELLTRPVAVTVLAPLDEASA
;
_entity_poly.pdbx_strand_id                 A,B 
_entity_poly.pdbx_target_identifier         Rv0793 
# 
loop_
_pdbx_entity_nonpoly.entity_id 
_pdbx_entity_nonpoly.name 
_pdbx_entity_nonpoly.comp_id 
2 'ACETATE ION' ACT 
3 water         HOH 
# 
loop_
_entity_poly_seq.entity_id 
_entity_poly_seq.num 
_entity_poly_seq.mon_id 
_entity_poly_seq.hetero 
1 1   GLY n 
1 2   MET n 
1 3   THR n 
1 4   SER n 
1 5   PRO n 
1 6   VAL n 
1 7   ALA n 
1 8   VAL n 
1 9   ILE n 
1 10  ALA n 
1 11  ARG n 
1 12  PHE n 
1 13  MET n 
1 14  PRO n 
1 15  ARG n 
1 16  PRO n 
1 17  ASP n 
1 18  ALA n 
1 19  ARG n 
1 20  SER n 
1 21  ALA n 
1 22  LEU n 
1 23  ARG n 
1 24  ALA n 
1 25  LEU n 
1 26  LEU n 
1 27  ASP n 
1 28  ALA n 
1 29  MET n 
1 30  ILE n 
1 31  THR n 
1 32  PRO n 
1 33  THR n 
1 34  ARG n 
1 35  ALA n 
1 36  GLU n 
1 37  ASP n 
1 38  GLY n 
1 39  CYS n 
1 40  ARG n 
1 41  SER n 
1 42  TYR n 
1 43  ASP n 
1 44  LEU n 
1 45  TYR n 
1 46  GLU n 
1 47  SER n 
1 48  ALA n 
1 49  ASP n 
1 50  GLY n 
1 51  GLY n 
1 52  GLU n 
1 53  LEU n 
1 54  VAL n 
1 55  LEU n 
1 56  PHE n 
1 57  GLU n 
1 58  ARG n 
1 59  TYR n 
1 60  ARG n 
1 61  SER n 
1 62  ARG n 
1 63  ILE n 
1 64  ALA n 
1 65  LEU n 
1 66  ASP n 
1 67  GLU n 
1 68  HIS n 
1 69  ARG n 
1 70  GLY n 
1 71  SER n 
1 72  PRO n 
1 73  HIS n 
1 74  TYR n 
1 75  LEU n 
1 76  ASN n 
1 77  TYR n 
1 78  ARG n 
1 79  ALA n 
1 80  GLN n 
1 81  VAL n 
1 82  GLY n 
1 83  GLU n 
1 84  LEU n 
1 85  LEU n 
1 86  THR n 
1 87  ARG n 
1 88  PRO n 
1 89  VAL n 
1 90  ALA n 
1 91  VAL n 
1 92  THR n 
1 93  VAL n 
1 94  LEU n 
1 95  ALA n 
1 96  PRO n 
1 97  LEU n 
1 98  ASP n 
1 99  GLU n 
1 100 ALA n 
1 101 SER n 
1 102 ALA n 
# 
_entity_src_gen.entity_id                          1 
_entity_src_gen.pdbx_src_id                        1 
_entity_src_gen.pdbx_alt_source_flag               sample 
_entity_src_gen.pdbx_seq_type                      ? 
_entity_src_gen.pdbx_beg_seq_num                   ? 
_entity_src_gen.pdbx_end_seq_num                   ? 
_entity_src_gen.gene_src_common_name               ? 
_entity_src_gen.gene_src_genus                     Mycobacterium 
_entity_src_gen.pdbx_gene_src_gene                 Rv0793 
_entity_src_gen.gene_src_species                   ? 
_entity_src_gen.gene_src_strain                    ? 
_entity_src_gen.gene_src_tissue                    ? 
_entity_src_gen.gene_src_tissue_fraction           ? 
_entity_src_gen.gene_src_details                   ? 
_entity_src_gen.pdbx_gene_src_fragment             ? 
_entity_src_gen.pdbx_gene_src_scientific_name      'Mycobacterium tuberculosis' 
_entity_src_gen.pdbx_gene_src_ncbi_taxonomy_id     1773 
_entity_src_gen.pdbx_gene_src_variant              ? 
_entity_src_gen.pdbx_gene_src_cell_line            ? 
_entity_src_gen.pdbx_gene_src_atcc                 ? 
_entity_src_gen.pdbx_gene_src_organ                ? 
_entity_src_gen.pdbx_gene_src_organelle            ? 
_entity_src_gen.pdbx_gene_src_cell                 ? 
_entity_src_gen.pdbx_gene_src_cellular_location    ? 
_entity_src_gen.host_org_common_name               ? 
_entity_src_gen.pdbx_host_org_scientific_name      'Escherichia coli' 
_entity_src_gen.pdbx_host_org_ncbi_taxonomy_id     562 
_entity_src_gen.host_org_genus                     Escherichia 
_entity_src_gen.pdbx_host_org_gene                 ? 
_entity_src_gen.pdbx_host_org_organ                ? 
_entity_src_gen.host_org_species                   ? 
_entity_src_gen.pdbx_host_org_tissue               ? 
_entity_src_gen.pdbx_host_org_tissue_fraction      ? 
_entity_src_gen.pdbx_host_org_strain               B834 
_entity_src_gen.pdbx_host_org_variant              ? 
_entity_src_gen.pdbx_host_org_cell_line            ? 
_entity_src_gen.pdbx_host_org_atcc                 ? 
_entity_src_gen.pdbx_host_org_culture_collection   ? 
_entity_src_gen.pdbx_host_org_cell                 ? 
_entity_src_gen.pdbx_host_org_organelle            ? 
_entity_src_gen.pdbx_host_org_cellular_location    ? 
_entity_src_gen.pdbx_host_org_vector_type          'Gateway plasmid (Invitrogen)' 
_entity_src_gen.pdbx_host_org_vector               ? 
_entity_src_gen.host_org_details                   ? 
_entity_src_gen.expression_system_id               ? 
_entity_src_gen.plasmid_name                       pDEST15 
_entity_src_gen.plasmid_details                    ? 
_entity_src_gen.pdbx_description                   ? 
# 
loop_
_chem_comp.id 
_chem_comp.type 
_chem_comp.mon_nstd_flag 
_chem_comp.name 
_chem_comp.pdbx_synonyms 
_chem_comp.formula 
_chem_comp.formula_weight 
ACT non-polymer         . 'ACETATE ION'   ? 'C2 H3 O2 -1'    59.044  
ALA 'L-peptide linking' y ALANINE         ? 'C3 H7 N O2'     89.093  
ARG 'L-peptide linking' y ARGININE        ? 'C6 H15 N4 O2 1' 175.209 
ASN 'L-peptide linking' y ASPARAGINE      ? 'C4 H8 N2 O3'    132.118 
ASP 'L-peptide linking' y 'ASPARTIC ACID' ? 'C4 H7 N O4'     133.103 
CYS 'L-peptide linking' y CYSTEINE        ? 'C3 H7 N O2 S'   121.158 
GLN 'L-peptide linking' y GLUTAMINE       ? 'C5 H10 N2 O3'   146.144 
GLU 'L-peptide linking' y 'GLUTAMIC ACID' ? 'C5 H9 N O4'     147.129 
GLY 'peptide linking'   y GLYCINE         ? 'C2 H5 N O2'     75.067  
HIS 'L-peptide linking' y HISTIDINE       ? 'C6 H10 N3 O2 1' 156.162 
HOH non-polymer         . WATER           ? 'H2 O'           18.015  
ILE 'L-peptide linking' y ISOLEUCINE      ? 'C6 H13 N O2'    131.173 
LEU 'L-peptide linking' y LEUCINE         ? 'C6 H13 N O2'    131.173 
MET 'L-peptide linking' y METHIONINE      ? 'C5 H11 N O2 S'  149.211 
PHE 'L-peptide linking' y PHENYLALANINE   ? 'C9 H11 N O2'    165.189 
PRO 'L-peptide linking' y PROLINE         ? 'C5 H9 N O2'     115.130 
SER 'L-peptide linking' y SERINE          ? 'C3 H7 N O3'     105.093 
THR 'L-peptide linking' y THREONINE       ? 'C4 H9 N O3'     119.119 
TYR 'L-peptide linking' y TYROSINE        ? 'C9 H11 N O3'    181.189 
VAL 'L-peptide linking' y VALINE          ? 'C5 H11 N O2'    117.146 
# 
loop_
_pdbx_poly_seq_scheme.asym_id 
_pdbx_poly_seq_scheme.entity_id 
_pdbx_poly_seq_scheme.seq_id 
_pdbx_poly_seq_scheme.mon_id 
_pdbx_poly_seq_scheme.ndb_seq_num 
_pdbx_poly_seq_scheme.pdb_seq_num 
_pdbx_poly_seq_scheme.auth_seq_num 
_pdbx_poly_seq_scheme.pdb_mon_id 
_pdbx_poly_seq_scheme.auth_mon_id 
_pdbx_poly_seq_scheme.pdb_strand_id 
_pdbx_poly_seq_scheme.pdb_ins_code 
_pdbx_poly_seq_scheme.hetero 
A 1 1   GLY 1   1   1   GLY GLY A . n 
A 1 2   MET 2   2   2   MET MET A . n 
A 1 3   THR 3   3   3   THR THR A . n 
A 1 4   SER 4   4   4   SER SER A . n 
A 1 5   PRO 5   5   5   PRO PRO A . n 
A 1 6   VAL 6   6   6   VAL VAL A . n 
A 1 7   ALA 7   7   7   ALA ALA A . n 
A 1 8   VAL 8   8   8   VAL VAL A . n 
A 1 9   ILE 9   9   9   ILE ILE A . n 
A 1 10  ALA 10  10  10  ALA ALA A . n 
A 1 11  ARG 11  11  11  ARG ARG A . n 
A 1 12  PHE 12  12  12  PHE PHE A . n 
A 1 13  MET 13  13  13  MET MET A . n 
A 1 14  PRO 14  14  14  PRO PRO A . n 
A 1 15  ARG 15  15  15  ARG ARG A . n 
A 1 16  PRO 16  16  16  PRO PRO A . n 
A 1 17  ASP 17  17  17  ASP ASP A . n 
A 1 18  ALA 18  18  18  ALA ALA A . n 
A 1 19  ARG 19  19  19  ARG ARG A . n 
A 1 20  SER 20  20  20  SER SER A . n 
A 1 21  ALA 21  21  21  ALA ALA A . n 
A 1 22  LEU 22  22  22  LEU LEU A . n 
A 1 23  ARG 23  23  23  ARG ARG A . n 
A 1 24  ALA 24  24  24  ALA ALA A . n 
A 1 25  LEU 25  25  25  LEU LEU A . n 
A 1 26  LEU 26  26  26  LEU LEU A . n 
A 1 27  ASP 27  27  27  ASP ASP A . n 
A 1 28  ALA 28  28  28  ALA ALA A . n 
A 1 29  MET 29  29  29  MET MET A . n 
A 1 30  ILE 30  30  30  ILE ILE A . n 
A 1 31  THR 31  31  31  THR THR A . n 
A 1 32  PRO 32  32  32  PRO PRO A . n 
A 1 33  THR 33  33  33  THR THR A . n 
A 1 34  ARG 34  34  34  ARG ARG A . n 
A 1 35  ALA 35  35  35  ALA ALA A . n 
A 1 36  GLU 36  36  36  GLU GLU A . n 
A 1 37  ASP 37  37  37  ASP ASP A . n 
A 1 38  GLY 38  38  38  GLY GLY A . n 
A 1 39  CYS 39  39  39  CYS CYS A . n 
A 1 40  ARG 40  40  40  ARG ARG A . n 
A 1 41  SER 41  41  41  SER SER A . n 
A 1 42  TYR 42  42  42  TYR TYR A . n 
A 1 43  ASP 43  43  43  ASP ASP A . n 
A 1 44  LEU 44  44  44  LEU LEU A . n 
A 1 45  TYR 45  45  45  TYR TYR A . n 
A 1 46  GLU 46  46  46  GLU GLU A . n 
A 1 47  SER 47  47  47  SER SER A . n 
A 1 48  ALA 48  48  48  ALA ALA A . n 
A 1 49  ASP 49  49  49  ASP ASP A . n 
A 1 50  GLY 50  50  50  GLY GLY A . n 
A 1 51  GLY 51  51  51  GLY GLY A . n 
A 1 52  GLU 52  52  52  GLU GLU A . n 
A 1 53  LEU 53  53  53  LEU LEU A . n 
A 1 54  VAL 54  54  54  VAL VAL A . n 
A 1 55  LEU 55  55  55  LEU LEU A . n 
A 1 56  PHE 56  56  56  PHE PHE A . n 
A 1 57  GLU 57  57  57  GLU GLU A . n 
A 1 58  ARG 58  58  58  ARG ARG A . n 
A 1 59  TYR 59  59  59  TYR TYR A . n 
A 1 60  ARG 60  60  60  ARG ARG A . n 
A 1 61  SER 61  61  61  SER SER A . n 
A 1 62  ARG 62  62  62  ARG ARG A . n 
A 1 63  ILE 63  63  63  ILE ILE A . n 
A 1 64  ALA 64  64  64  ALA ALA A . n 
A 1 65  LEU 65  65  65  LEU LEU A . n 
A 1 66  ASP 66  66  66  ASP ASP A . n 
A 1 67  GLU 67  67  67  GLU GLU A . n 
A 1 68  HIS 68  68  68  HIS HIS A . n 
A 1 69  ARG 69  69  69  ARG ARG A . n 
A 1 70  GLY 70  70  70  GLY GLY A . n 
A 1 71  SER 71  71  71  SER SER A . n 
A 1 72  PRO 72  72  72  PRO PRO A . n 
A 1 73  HIS 73  73  73  HIS HIS A . n 
A 1 74  TYR 74  74  74  TYR TYR A . n 
A 1 75  LEU 75  75  75  LEU LEU A . n 
A 1 76  ASN 76  76  76  ASN ASN A . n 
A 1 77  TYR 77  77  77  TYR TYR A . n 
A 1 78  ARG 78  78  78  ARG ARG A . n 
A 1 79  ALA 79  79  79  ALA ALA A . n 
A 1 80  GLN 80  80  80  GLN GLN A . n 
A 1 81  VAL 81  81  81  VAL VAL A . n 
A 1 82  GLY 82  82  82  GLY GLY A . n 
A 1 83  GLU 83  83  83  GLU GLU A . n 
A 1 84  LEU 84  84  84  LEU LEU A . n 
A 1 85  LEU 85  85  85  LEU LEU A . n 
A 1 86  THR 86  86  86  THR THR A . n 
A 1 87  ARG 87  87  87  ARG ARG A . n 
A 1 88  PRO 88  88  88  PRO PRO A . n 
A 1 89  VAL 89  89  89  VAL VAL A . n 
A 1 90  ALA 90  90  90  ALA ALA A . n 
A 1 91  VAL 91  91  91  VAL VAL A . n 
A 1 92  THR 92  92  92  THR THR A . n 
A 1 93  VAL 93  93  93  VAL VAL A . n 
A 1 94  LEU 94  94  94  LEU LEU A . n 
A 1 95  ALA 95  95  95  ALA ALA A . n 
A 1 96  PRO 96  96  96  PRO PRO A . n 
A 1 97  LEU 97  97  97  LEU LEU A . n 
A 1 98  ASP 98  98  98  ASP ASP A . n 
A 1 99  GLU 99  99  99  GLU GLU A . n 
A 1 100 ALA 100 100 100 ALA ALA A . n 
A 1 101 SER 101 101 101 SER SER A . n 
A 1 102 ALA 102 102 ?   ?   ?   A . n 
B 1 1   GLY 1   1   ?   ?   ?   B . n 
B 1 2   MET 2   2   ?   ?   ?   B . n 
B 1 3   THR 3   3   ?   ?   ?   B . n 
B 1 4   SER 4   4   4   SER SER B . n 
B 1 5   PRO 5   5   5   PRO PRO B . n 
B 1 6   VAL 6   6   6   VAL VAL B . n 
B 1 7   ALA 7   7   7   ALA ALA B . n 
B 1 8   VAL 8   8   8   VAL VAL B . n 
B 1 9   ILE 9   9   9   ILE ILE B . n 
B 1 10  ALA 10  10  10  ALA ALA B . n 
B 1 11  ARG 11  11  11  ARG ARG B . n 
B 1 12  PHE 12  12  12  PHE PHE B . n 
B 1 13  MET 13  13  13  MET MET B . n 
B 1 14  PRO 14  14  14  PRO PRO B . n 
B 1 15  ARG 15  15  15  ARG ARG B . n 
B 1 16  PRO 16  16  16  PRO PRO B . n 
B 1 17  ASP 17  17  17  ASP ASP B . n 
B 1 18  ALA 18  18  18  ALA ALA B . n 
B 1 19  ARG 19  19  19  ARG ARG B . n 
B 1 20  SER 20  20  20  SER SER B . n 
B 1 21  ALA 21  21  21  ALA ALA B . n 
B 1 22  LEU 22  22  22  LEU LEU B . n 
B 1 23  ARG 23  23  23  ARG ARG B . n 
B 1 24  ALA 24  24  24  ALA ALA B . n 
B 1 25  LEU 25  25  25  LEU LEU B . n 
B 1 26  LEU 26  26  26  LEU LEU B . n 
B 1 27  ASP 27  27  27  ASP ASP B . n 
B 1 28  ALA 28  28  28  ALA ALA B . n 
B 1 29  MET 29  29  29  MET MET B . n 
B 1 30  ILE 30  30  30  ILE ILE B . n 
B 1 31  THR 31  31  31  THR THR B . n 
B 1 32  PRO 32  32  32  PRO PRO B . n 
B 1 33  THR 33  33  33  THR THR B . n 
B 1 34  ARG 34  34  34  ARG ARG B . n 
B 1 35  ALA 35  35  35  ALA ALA B . n 
B 1 36  GLU 36  36  36  GLU GLU B . n 
B 1 37  ASP 37  37  37  ASP ASP B . n 
B 1 38  GLY 38  38  38  GLY GLY B . n 
B 1 39  CYS 39  39  39  CYS CYS B . n 
B 1 40  ARG 40  40  40  ARG ARG B . n 
B 1 41  SER 41  41  41  SER SER B . n 
B 1 42  TYR 42  42  42  TYR TYR B . n 
B 1 43  ASP 43  43  43  ASP ASP B . n 
B 1 44  LEU 44  44  44  LEU LEU B . n 
B 1 45  TYR 45  45  45  TYR TYR B . n 
B 1 46  GLU 46  46  46  GLU GLU B . n 
B 1 47  SER 47  47  47  SER SER B . n 
B 1 48  ALA 48  48  48  ALA ALA B . n 
B 1 49  ASP 49  49  49  ASP ASP B . n 
B 1 50  GLY 50  50  50  GLY GLY B . n 
B 1 51  GLY 51  51  51  GLY GLY B . n 
B 1 52  GLU 52  52  52  GLU GLU B . n 
B 1 53  LEU 53  53  53  LEU LEU B . n 
B 1 54  VAL 54  54  54  VAL VAL B . n 
B 1 55  LEU 55  55  55  LEU LEU B . n 
B 1 56  PHE 56  56  56  PHE PHE B . n 
B 1 57  GLU 57  57  57  GLU GLU B . n 
B 1 58  ARG 58  58  58  ARG ARG B . n 
B 1 59  TYR 59  59  59  TYR TYR B . n 
B 1 60  ARG 60  60  60  ARG ARG B . n 
B 1 61  SER 61  61  61  SER SER B . n 
B 1 62  ARG 62  62  62  ARG ARG B . n 
B 1 63  ILE 63  63  63  ILE ILE B . n 
B 1 64  ALA 64  64  64  ALA ALA B . n 
B 1 65  LEU 65  65  65  LEU LEU B . n 
B 1 66  ASP 66  66  66  ASP ASP B . n 
B 1 67  GLU 67  67  67  GLU GLU B . n 
B 1 68  HIS 68  68  68  HIS HIS B . n 
B 1 69  ARG 69  69  69  ARG ARG B . n 
B 1 70  GLY 70  70  70  GLY GLY B . n 
B 1 71  SER 71  71  71  SER SER B . n 
B 1 72  PRO 72  72  72  PRO PRO B . n 
B 1 73  HIS 73  73  73  HIS HIS B . n 
B 1 74  TYR 74  74  74  TYR TYR B . n 
B 1 75  LEU 75  75  75  LEU LEU B . n 
B 1 76  ASN 76  76  76  ASN ASN B . n 
B 1 77  TYR 77  77  77  TYR TYR B . n 
B 1 78  ARG 78  78  78  ARG ARG B . n 
B 1 79  ALA 79  79  79  ALA ALA B . n 
B 1 80  GLN 80  80  80  GLN GLN B . n 
B 1 81  VAL 81  81  81  VAL VAL B . n 
B 1 82  GLY 82  82  82  GLY GLY B . n 
B 1 83  GLU 83  83  83  GLU GLU B . n 
B 1 84  LEU 84  84  84  LEU LEU B . n 
B 1 85  LEU 85  85  85  LEU LEU B . n 
B 1 86  THR 86  86  86  THR THR B . n 
B 1 87  ARG 87  87  87  ARG ARG B . n 
B 1 88  PRO 88  88  88  PRO PRO B . n 
B 1 89  VAL 89  89  89  VAL VAL B . n 
B 1 90  ALA 90  90  90  ALA ALA B . n 
B 1 91  VAL 91  91  91  VAL VAL B . n 
B 1 92  THR 92  92  92  THR THR B . n 
B 1 93  VAL 93  93  93  VAL VAL B . n 
B 1 94  LEU 94  94  94  LEU LEU B . n 
B 1 95  ALA 95  95  95  ALA ALA B . n 
B 1 96  PRO 96  96  96  PRO PRO B . n 
B 1 97  LEU 97  97  97  LEU LEU B . n 
B 1 98  ASP 98  98  98  ASP ASP B . n 
B 1 99  GLU 99  99  99  GLU GLU B . n 
B 1 100 ALA 100 100 100 ALA ALA B . n 
B 1 101 SER 101 101 101 SER SER B . n 
B 1 102 ALA 102 102 ?   ?   ?   B . n 
# 
loop_
_pdbx_nonpoly_scheme.asym_id 
_pdbx_nonpoly_scheme.entity_id 
_pdbx_nonpoly_scheme.mon_id 
_pdbx_nonpoly_scheme.ndb_seq_num 
_pdbx_nonpoly_scheme.pdb_seq_num 
_pdbx_nonpoly_scheme.auth_seq_num 
_pdbx_nonpoly_scheme.pdb_mon_id 
_pdbx_nonpoly_scheme.auth_mon_id 
_pdbx_nonpoly_scheme.pdb_strand_id 
_pdbx_nonpoly_scheme.pdb_ins_code 
C 2 ACT 1   301 301 ACT ACT A . 
D 2 ACT 1   303 303 ACT ACT A . 
E 2 ACT 1   302 302 ACT ACT B . 
F 3 HOH 1   304 1   HOH HOH A . 
F 3 HOH 2   305 2   HOH HOH A . 
F 3 HOH 3   306 8   HOH HOH A . 
F 3 HOH 4   307 9   HOH HOH A . 
F 3 HOH 5   308 10  HOH HOH A . 
F 3 HOH 6   309 11  HOH HOH A . 
F 3 HOH 7   310 13  HOH HOH A . 
F 3 HOH 8   311 16  HOH HOH A . 
F 3 HOH 9   312 17  HOH HOH A . 
F 3 HOH 10  313 20  HOH HOH A . 
F 3 HOH 11  314 22  HOH HOH A . 
F 3 HOH 12  315 23  HOH HOH A . 
F 3 HOH 13  316 25  HOH HOH A . 
F 3 HOH 14  317 26  HOH HOH A . 
F 3 HOH 15  318 27  HOH HOH A . 
F 3 HOH 16  319 28  HOH HOH A . 
F 3 HOH 17  320 29  HOH HOH A . 
F 3 HOH 18  321 30  HOH HOH A . 
F 3 HOH 19  322 32  HOH HOH A . 
F 3 HOH 20  323 33  HOH HOH A . 
F 3 HOH 21  324 35  HOH HOH A . 
F 3 HOH 22  325 36  HOH HOH A . 
F 3 HOH 23  326 37  HOH HOH A . 
F 3 HOH 24  327 39  HOH HOH A . 
F 3 HOH 25  328 41  HOH HOH A . 
F 3 HOH 26  329 42  HOH HOH A . 
F 3 HOH 27  330 43  HOH HOH A . 
F 3 HOH 28  331 44  HOH HOH A . 
F 3 HOH 29  332 48  HOH HOH A . 
F 3 HOH 30  333 51  HOH HOH A . 
F 3 HOH 31  334 52  HOH HOH A . 
F 3 HOH 32  335 53  HOH HOH A . 
F 3 HOH 33  336 54  HOH HOH A . 
F 3 HOH 34  337 60  HOH HOH A . 
F 3 HOH 35  338 61  HOH HOH A . 
F 3 HOH 36  339 62  HOH HOH A . 
F 3 HOH 37  340 64  HOH HOH A . 
F 3 HOH 38  341 65  HOH HOH A . 
F 3 HOH 39  342 66  HOH HOH A . 
F 3 HOH 40  343 68  HOH HOH A . 
F 3 HOH 41  344 69  HOH HOH A . 
F 3 HOH 42  345 70  HOH HOH A . 
F 3 HOH 43  346 71  HOH HOH A . 
F 3 HOH 44  347 72  HOH HOH A . 
F 3 HOH 45  348 73  HOH HOH A . 
F 3 HOH 46  349 75  HOH HOH A . 
F 3 HOH 47  350 76  HOH HOH A . 
F 3 HOH 48  351 78  HOH HOH A . 
F 3 HOH 49  352 80  HOH HOH A . 
F 3 HOH 50  353 81  HOH HOH A . 
F 3 HOH 51  354 82  HOH HOH A . 
F 3 HOH 52  355 83  HOH HOH A . 
F 3 HOH 53  356 84  HOH HOH A . 
F 3 HOH 54  357 88  HOH HOH A . 
F 3 HOH 55  358 92  HOH HOH A . 
F 3 HOH 56  359 93  HOH HOH A . 
F 3 HOH 57  360 94  HOH HOH A . 
F 3 HOH 58  361 95  HOH HOH A . 
F 3 HOH 59  362 96  HOH HOH A . 
F 3 HOH 60  363 97  HOH HOH A . 
F 3 HOH 61  364 99  HOH HOH A . 
F 3 HOH 62  365 105 HOH HOH A . 
F 3 HOH 63  366 107 HOH HOH A . 
F 3 HOH 64  367 109 HOH HOH A . 
F 3 HOH 65  368 113 HOH HOH A . 
F 3 HOH 66  369 114 HOH HOH A . 
F 3 HOH 67  370 115 HOH HOH A . 
F 3 HOH 68  371 117 HOH HOH A . 
F 3 HOH 69  372 119 HOH HOH A . 
F 3 HOH 70  373 120 HOH HOH A . 
F 3 HOH 71  374 121 HOH HOH A . 
F 3 HOH 72  375 122 HOH HOH A . 
F 3 HOH 73  376 124 HOH HOH A . 
F 3 HOH 74  377 127 HOH HOH A . 
F 3 HOH 75  378 128 HOH HOH A . 
F 3 HOH 76  379 132 HOH HOH A . 
F 3 HOH 77  380 133 HOH HOH A . 
F 3 HOH 78  381 134 HOH HOH A . 
F 3 HOH 79  382 135 HOH HOH A . 
F 3 HOH 80  383 137 HOH HOH A . 
F 3 HOH 81  384 138 HOH HOH A . 
F 3 HOH 82  385 141 HOH HOH A . 
F 3 HOH 83  386 143 HOH HOH A . 
F 3 HOH 84  387 146 HOH HOH A . 
F 3 HOH 85  388 147 HOH HOH A . 
F 3 HOH 86  389 154 HOH HOH A . 
F 3 HOH 87  390 156 HOH HOH A . 
F 3 HOH 88  391 157 HOH HOH A . 
F 3 HOH 89  392 158 HOH HOH A . 
F 3 HOH 90  393 160 HOH HOH A . 
F 3 HOH 91  394 165 HOH HOH A . 
F 3 HOH 92  395 169 HOH HOH A . 
F 3 HOH 93  396 170 HOH HOH A . 
F 3 HOH 94  397 171 HOH HOH A . 
F 3 HOH 95  398 172 HOH HOH A . 
F 3 HOH 96  399 173 HOH HOH A . 
F 3 HOH 97  400 177 HOH HOH A . 
F 3 HOH 98  401 178 HOH HOH A . 
F 3 HOH 99  402 183 HOH HOH A . 
F 3 HOH 100 403 185 HOH HOH A . 
F 3 HOH 101 404 187 HOH HOH A . 
F 3 HOH 102 405 188 HOH HOH A . 
F 3 HOH 103 406 194 HOH HOH A . 
F 3 HOH 104 407 196 HOH HOH A . 
F 3 HOH 105 408 197 HOH HOH A . 
F 3 HOH 106 409 199 HOH HOH A . 
F 3 HOH 107 410 200 HOH HOH A . 
F 3 HOH 108 411 203 HOH HOH A . 
F 3 HOH 109 412 204 HOH HOH A . 
F 3 HOH 110 413 205 HOH HOH A . 
F 3 HOH 111 414 208 HOH HOH A . 
F 3 HOH 112 415 211 HOH HOH A . 
F 3 HOH 113 416 212 HOH HOH A . 
F 3 HOH 114 417 218 HOH HOH A . 
F 3 HOH 115 418 227 HOH HOH A . 
F 3 HOH 116 419 229 HOH HOH A . 
F 3 HOH 117 420 230 HOH HOH A . 
F 3 HOH 118 421 231 HOH HOH A . 
F 3 HOH 119 422 232 HOH HOH A . 
F 3 HOH 120 423 235 HOH HOH A . 
F 3 HOH 121 424 236 HOH HOH A . 
F 3 HOH 122 425 237 HOH HOH A . 
F 3 HOH 123 426 238 HOH HOH A . 
F 3 HOH 124 427 239 HOH HOH A . 
F 3 HOH 125 428 240 HOH HOH A . 
F 3 HOH 126 429 241 HOH HOH A . 
F 3 HOH 127 430 242 HOH HOH A . 
G 3 HOH 1   303 4   HOH HOH B . 
G 3 HOH 2   304 5   HOH HOH B . 
G 3 HOH 3   305 6   HOH HOH B . 
G 3 HOH 4   306 7   HOH HOH B . 
G 3 HOH 5   307 12  HOH HOH B . 
G 3 HOH 6   308 14  HOH HOH B . 
G 3 HOH 7   309 15  HOH HOH B . 
G 3 HOH 8   310 19  HOH HOH B . 
G 3 HOH 9   311 21  HOH HOH B . 
G 3 HOH 10  312 31  HOH HOH B . 
G 3 HOH 11  313 38  HOH HOH B . 
G 3 HOH 12  314 40  HOH HOH B . 
G 3 HOH 13  315 45  HOH HOH B . 
G 3 HOH 14  316 46  HOH HOH B . 
G 3 HOH 15  317 47  HOH HOH B . 
G 3 HOH 16  318 49  HOH HOH B . 
G 3 HOH 17  319 50  HOH HOH B . 
G 3 HOH 18  320 55  HOH HOH B . 
G 3 HOH 19  321 56  HOH HOH B . 
G 3 HOH 20  322 58  HOH HOH B . 
G 3 HOH 21  323 59  HOH HOH B . 
G 3 HOH 22  324 63  HOH HOH B . 
G 3 HOH 23  325 67  HOH HOH B . 
G 3 HOH 24  326 74  HOH HOH B . 
G 3 HOH 25  327 77  HOH HOH B . 
G 3 HOH 26  328 79  HOH HOH B . 
G 3 HOH 27  329 85  HOH HOH B . 
G 3 HOH 28  330 86  HOH HOH B . 
G 3 HOH 29  331 89  HOH HOH B . 
G 3 HOH 30  332 90  HOH HOH B . 
G 3 HOH 31  333 91  HOH HOH B . 
G 3 HOH 32  334 100 HOH HOH B . 
G 3 HOH 33  335 101 HOH HOH B . 
G 3 HOH 34  336 102 HOH HOH B . 
G 3 HOH 35  337 104 HOH HOH B . 
G 3 HOH 36  338 106 HOH HOH B . 
G 3 HOH 37  339 108 HOH HOH B . 
G 3 HOH 38  340 111 HOH HOH B . 
G 3 HOH 39  341 112 HOH HOH B . 
G 3 HOH 40  342 116 HOH HOH B . 
G 3 HOH 41  343 118 HOH HOH B . 
G 3 HOH 42  344 123 HOH HOH B . 
G 3 HOH 43  345 126 HOH HOH B . 
G 3 HOH 44  346 130 HOH HOH B . 
G 3 HOH 45  347 131 HOH HOH B . 
G 3 HOH 46  348 136 HOH HOH B . 
G 3 HOH 47  349 140 HOH HOH B . 
G 3 HOH 48  350 142 HOH HOH B . 
G 3 HOH 49  351 144 HOH HOH B . 
G 3 HOH 50  352 145 HOH HOH B . 
G 3 HOH 51  353 148 HOH HOH B . 
G 3 HOH 52  354 150 HOH HOH B . 
G 3 HOH 53  355 151 HOH HOH B . 
G 3 HOH 54  356 152 HOH HOH B . 
G 3 HOH 55  357 153 HOH HOH B . 
G 3 HOH 56  358 155 HOH HOH B . 
G 3 HOH 57  359 163 HOH HOH B . 
G 3 HOH 58  360 166 HOH HOH B . 
G 3 HOH 59  361 167 HOH HOH B . 
G 3 HOH 60  362 168 HOH HOH B . 
G 3 HOH 61  363 174 HOH HOH B . 
G 3 HOH 62  364 175 HOH HOH B . 
G 3 HOH 63  365 176 HOH HOH B . 
G 3 HOH 64  366 180 HOH HOH B . 
G 3 HOH 65  367 182 HOH HOH B . 
G 3 HOH 66  368 184 HOH HOH B . 
G 3 HOH 67  369 189 HOH HOH B . 
G 3 HOH 68  370 191 HOH HOH B . 
G 3 HOH 69  371 192 HOH HOH B . 
G 3 HOH 70  372 193 HOH HOH B . 
G 3 HOH 71  373 195 HOH HOH B . 
G 3 HOH 72  374 201 HOH HOH B . 
G 3 HOH 73  375 202 HOH HOH B . 
G 3 HOH 74  376 210 HOH HOH B . 
G 3 HOH 75  377 213 HOH HOH B . 
G 3 HOH 76  378 215 HOH HOH B . 
G 3 HOH 77  379 217 HOH HOH B . 
G 3 HOH 78  380 226 HOH HOH B . 
G 3 HOH 79  381 228 HOH HOH B . 
G 3 HOH 80  382 233 HOH HOH B . 
G 3 HOH 81  383 234 HOH HOH B . 
# 
loop_
_software.name 
_software.version 
_software.date 
_software.type 
_software.contact_author 
_software.contact_author_email 
_software.classification 
_software.location 
_software.language 
_software.citation_id 
_software.pdbx_ordinal 
DENZO     .    ?           package 'Zbyszek Otwinowski' zbyszek@mix.swmed.edu 'data reduction' 
http://www.lnls.br/infra/linhasluz/denzo-hkl.htm ?       ? 1 
SCALEPACK .    ?           package 'Zbyszek Otwinowski' zbyszek@mix.swmed.edu 'data scaling'   
http://www.lnls.br/infra/linhasluz/denzo-hkl.htm ?       ? 2 
SOLVE     2.06 28-Dec-2003 program 'Tom Terwilliger'    terwilliger@LANL.gov  phasing          http://www.solve.lanl.gov/ ?       
? 3 
REFMAC    .    ?           program 'Murshudov, G.N.'    ccp4@dl.ac.uk         refinement       http://www.ccp4.ac.uk/main.html 
Fortran ? 4 
MOSFLM    .    ?           ?       ?                    ?                     'data reduction' ? ?       ? 5 
# 
_cell.entry_id           1Y0H 
_cell.length_a           30.440 
_cell.length_b           34.600 
_cell.length_c           42.850 
_cell.angle_alpha        103.44 
_cell.angle_beta         107.96 
_cell.angle_gamma        94.34 
_cell.Z_PDB              2 
_cell.pdbx_unique_axis   ? 
_cell.length_a_esd       ? 
_cell.length_b_esd       ? 
_cell.length_c_esd       ? 
_cell.angle_alpha_esd    ? 
_cell.angle_beta_esd     ? 
_cell.angle_gamma_esd    ? 
# 
_symmetry.entry_id                         1Y0H 
_symmetry.space_group_name_H-M             'P 1' 
_symmetry.pdbx_full_space_group_name_H-M   ? 
_symmetry.cell_setting                     ? 
_symmetry.Int_Tables_number                1 
_symmetry.space_group_name_Hall            ? 
# 
_exptl.method            'X-RAY DIFFRACTION' 
_exptl.entry_id          1Y0H 
_exptl.crystals_number   1 
# 
_exptl_crystal.id                    1 
_exptl_crystal.density_meas          ? 
_exptl_crystal.density_percent_sol   33.2 
_exptl_crystal.density_Matthews      1.84 
_exptl_crystal.description           ? 
_exptl_crystal.F_000                 ? 
_exptl_crystal.preparation           ? 
# 
_exptl_crystal_grow.crystal_id      1 
_exptl_crystal_grow.method          'VAPOR DIFFUSION, HANGING DROP' 
_exptl_crystal_grow.pH              7.0 
_exptl_crystal_grow.temp            295 
_exptl_crystal_grow.temp_details    ? 
_exptl_crystal_grow.pdbx_details    
'PEG20K, hepes, ammonium acetate, ethylene glycol, isopropanol, pH 7.0, VAPOR DIFFUSION, HANGING DROP, temperature 295K' 
_exptl_crystal_grow.pdbx_pH_range   . 
# 
_diffrn.id                     1 
_diffrn.ambient_temp           100 
_diffrn.ambient_temp_details   ? 
_diffrn.crystal_id             1 
# 
_diffrn_detector.diffrn_id              1 
_diffrn_detector.detector               CCD 
_diffrn_detector.type                   'ADSC QUANTUM 4' 
_diffrn_detector.pdbx_collection_date   2003-09-13 
_diffrn_detector.details                ? 
# 
_diffrn_radiation.diffrn_id                        1 
_diffrn_radiation.wavelength_id                    1 
_diffrn_radiation.pdbx_diffrn_protocol             'SINGLE WAVELENGTH' 
_diffrn_radiation.monochromator                    'Double crystal Si(111)' 
_diffrn_radiation.pdbx_monochromatic_or_laue_m_l   M 
_diffrn_radiation.pdbx_scattering_type             x-ray 
# 
_diffrn_radiation_wavelength.id           1 
_diffrn_radiation_wavelength.wavelength   0.979232 
_diffrn_radiation_wavelength.wt           1.0 
# 
_diffrn_source.diffrn_id                   1 
_diffrn_source.source                      SYNCHROTRON 
_diffrn_source.type                        'ALS BEAMLINE 8.3.1' 
_diffrn_source.pdbx_wavelength             ? 
_diffrn_source.pdbx_wavelength_list        0.979232 
_diffrn_source.pdbx_synchrotron_site       ALS 
_diffrn_source.pdbx_synchrotron_beamline   8.3.1 
# 
_reflns.d_resolution_low             30.00 
_reflns.d_resolution_high            1.60 
_reflns.number_obs                   20461 
_reflns.percent_possible_obs         96.9 
_reflns.pdbx_Rmerge_I_obs            0.098 
_reflns.pdbx_chi_squared             1.059 
_reflns.entry_id                     1Y0H 
_reflns.observed_criterion_sigma_F   0 
_reflns.observed_criterion_sigma_I   0 
_reflns.number_all                   ? 
_reflns.pdbx_Rsym_value              0.098 
_reflns.pdbx_netI_over_sigmaI        8.5 
_reflns.B_iso_Wilson_estimate        ? 
_reflns.pdbx_redundancy              3.7 
_reflns.R_free_details               ? 
_reflns.limit_h_max                  ? 
_reflns.limit_h_min                  ? 
_reflns.limit_k_max                  ? 
_reflns.limit_k_min                  ? 
_reflns.limit_l_max                  ? 
_reflns.limit_l_min                  ? 
_reflns.observed_criterion_F_max     ? 
_reflns.observed_criterion_F_min     ? 
_reflns.pdbx_scaling_rejects         ? 
_reflns.pdbx_ordinal                 1 
_reflns.pdbx_diffrn_id               1 
# 
_reflns_shell.d_res_low              1.66 
_reflns_shell.d_res_high             1.60 
_reflns_shell.number_unique_all      2027 
_reflns_shell.percent_possible_all   95.4 
_reflns_shell.Rmerge_I_obs           0.485 
_reflns_shell.pdbx_redundancy        3.6 
_reflns_shell.pdbx_chi_squared       1.031 
_reflns_shell.number_unique_obs      ? 
_reflns_shell.meanI_over_sigI_obs    4.8 
_reflns_shell.pdbx_Rsym_value        0.48 
_reflns_shell.percent_possible_obs   ? 
_reflns_shell.number_measured_all    ? 
_reflns_shell.number_measured_obs    ? 
_reflns_shell.pdbx_ordinal           1 
_reflns_shell.pdbx_diffrn_id         1 
# 
_refine.ls_d_res_high                            1.600 
_refine.ls_d_res_low                             29.590 
_refine.pdbx_ls_sigma_F                          0 
_refine.ls_percent_reflns_obs                    93.110 
_refine.ls_number_reflns_obs                     19610 
_refine.pdbx_ls_cross_valid_method               THROUGHOUT 
_refine.pdbx_R_Free_selection_details            RANDOM 
_refine.ls_R_factor_all                          0.176 
_refine.ls_R_factor_R_work                       0.173 
_refine.ls_R_factor_R_free                       0.219 
_refine.ls_percent_reflns_R_free                 5.100 
_refine.ls_number_reflns_R_free                  994 
_refine.B_iso_mean                               18.607 
_refine.aniso_B[1][1]                            -0.010 
_refine.aniso_B[2][2]                            0.080 
_refine.aniso_B[3][3]                            -0.040 
_refine.aniso_B[1][2]                            0.060 
_refine.aniso_B[1][3]                            0.070 
_refine.aniso_B[2][3]                            -0.040 
_refine.correlation_coeff_Fo_to_Fc               0.962 
_refine.correlation_coeff_Fo_to_Fc_free          0.928 
_refine.overall_SU_R_Cruickshank_DPI             0.114 
_refine.pdbx_overall_ESU_R_Free                  0.114 
_refine.overall_SU_ML                            0.071 
_refine.overall_SU_B                             3.978 
_refine.solvent_model_details                    MASK 
_refine.pdbx_solvent_vdw_probe_radii             1.200 
_refine.pdbx_solvent_ion_probe_radii             0.800 
_refine.pdbx_solvent_shrinkage_radii             0.800 
_refine.entry_id                                 1Y0H 
_refine.pdbx_ls_sigma_I                          0 
_refine.ls_number_reflns_all                     ? 
_refine.ls_R_factor_obs                          0.202 
_refine.ls_redundancy_reflns_obs                 ? 
_refine.pdbx_data_cutoff_high_absF               ? 
_refine.pdbx_data_cutoff_low_absF                ? 
_refine.ls_number_parameters                     ? 
_refine.ls_number_restraints                     ? 
_refine.ls_R_factor_R_free_error                 ? 
_refine.ls_R_factor_R_free_error_details         ? 
_refine.pdbx_method_to_determine_struct          SAD 
_refine.pdbx_starting_model                      ? 
_refine.pdbx_stereochem_target_val_spec_case     ? 
_refine.pdbx_stereochemistry_target_values       'Engh & Huber' 
_refine.solvent_model_param_bsol                 ? 
_refine.solvent_model_param_ksol                 ? 
_refine.occupancy_max                            ? 
_refine.occupancy_min                            ? 
_refine.pdbx_isotropic_thermal_model             ? 
_refine.details                                  ? 
_refine.B_iso_min                                ? 
_refine.B_iso_max                                ? 
_refine.overall_SU_R_free                        ? 
_refine.pdbx_overall_ESU_R                       ? 
_refine.pdbx_data_cutoff_high_rms_absF           ? 
_refine.ls_wR_factor_R_free                      ? 
_refine.ls_wR_factor_R_work                      ? 
_refine.overall_FOM_free_R_set                   ? 
_refine.overall_FOM_work_R_set                   ? 
_refine.pdbx_refine_id                           'X-RAY DIFFRACTION' 
_refine.pdbx_TLS_residual_ADP_flag               'LIKELY RESIDUAL' 
_refine.pdbx_diffrn_id                           1 
_refine.pdbx_overall_phase_error                 ? 
_refine.pdbx_overall_SU_R_free_Cruickshank_DPI   ? 
_refine.pdbx_overall_SU_R_Blow_DPI               ? 
_refine.pdbx_overall_SU_R_free_Blow_DPI          ? 
# 
_refine_hist.pdbx_refine_id                   'X-RAY DIFFRACTION' 
_refine_hist.cycle_id                         LAST 
_refine_hist.pdbx_number_atoms_protein        1549 
_refine_hist.pdbx_number_atoms_nucleic_acid   0 
_refine_hist.pdbx_number_atoms_ligand         12 
_refine_hist.number_atoms_solvent             208 
_refine_hist.number_atoms_total               1769 
_refine_hist.d_res_high                       1.600 
_refine_hist.d_res_low                        29.590 
# 
loop_
_refine_ls_restr.type 
_refine_ls_restr.number 
_refine_ls_restr.dev_ideal 
_refine_ls_restr.weight 
_refine_ls_restr.dev_ideal_target 
_refine_ls_restr.pdbx_refine_id 
_refine_ls_restr.pdbx_restraint_function 
r_bond_refined_d         1611 0.008  0.022  ? 'X-RAY DIFFRACTION' ? 
r_angle_refined_deg      2182 1.219  1.995  ? 'X-RAY DIFFRACTION' ? 
r_dihedral_angle_1_deg   197  6.170  5.000  ? 'X-RAY DIFFRACTION' ? 
r_dihedral_angle_2_deg   79   28.008 20.886 ? 'X-RAY DIFFRACTION' ? 
r_dihedral_angle_3_deg   262  12.449 15.000 ? 'X-RAY DIFFRACTION' ? 
r_dihedral_angle_4_deg   27   16.773 15.000 ? 'X-RAY DIFFRACTION' ? 
r_chiral_restr           241  0.079  0.200  ? 'X-RAY DIFFRACTION' ? 
r_gen_planes_refined     1259 0.004  0.020  ? 'X-RAY DIFFRACTION' ? 
r_nbd_refined            772  0.198  0.200  ? 'X-RAY DIFFRACTION' ? 
r_nbtor_refined          1087 0.307  0.200  ? 'X-RAY DIFFRACTION' ? 
r_xyhbond_nbd_refined    163  0.131  0.200  ? 'X-RAY DIFFRACTION' ? 
r_symmetry_vdw_refined   46   0.176  0.200  ? 'X-RAY DIFFRACTION' ? 
r_symmetry_hbond_refined 36   0.139  0.200  ? 'X-RAY DIFFRACTION' ? 
r_mcbond_it              1029 0.620  1.500  ? 'X-RAY DIFFRACTION' ? 
r_mcangle_it             1607 1.049  2.000  ? 'X-RAY DIFFRACTION' ? 
r_scbond_it              643  2.027  3.000  ? 'X-RAY DIFFRACTION' ? 
r_scangle_it             575  3.033  4.500  ? 'X-RAY DIFFRACTION' ? 
# 
_refine_ls_shell.d_res_high                       1.600 
_refine_ls_shell.d_res_low                        1.641 
_refine_ls_shell.pdbx_total_number_of_bins_used   20 
_refine_ls_shell.percent_reflns_obs               82.530 
_refine_ls_shell.number_reflns_R_work             1229 
_refine_ls_shell.R_factor_R_work                  0.193 
_refine_ls_shell.R_factor_R_free                  0.226 
_refine_ls_shell.percent_reflns_R_free            ? 
_refine_ls_shell.number_reflns_R_free             56 
_refine_ls_shell.R_factor_R_free_error            ? 
_refine_ls_shell.number_reflns_obs                7385 
_refine_ls_shell.redundancy_reflns_obs            ? 
_refine_ls_shell.number_reflns_all                ? 
_refine_ls_shell.R_factor_all                     ? 
_refine_ls_shell.pdbx_refine_id                   'X-RAY DIFFRACTION' 
# 
_struct.entry_id                  1Y0H 
_struct.title                     'Structure of Rv0793 from Mycobacterium tuberculosis' 
_struct.pdbx_model_details        ? 
_struct.pdbx_CASP_flag            ? 
_struct.pdbx_model_type_details   ? 
# 
_struct_keywords.entry_id        1Y0H 
_struct_keywords.pdbx_keywords   'STRUCTURAL GENOMICS, UNKNOWN FUNCTION' 
_struct_keywords.text            
;ferredoxin-like fold, alpha+beta sandwich with antiparallel beta-sheet, Structural Genomics, PSI, Protein Structure Initiative, TB Structural Genomics Consortium, TBSGC, UNKNOWN FUNCTION
;
# 
loop_
_struct_asym.id 
_struct_asym.pdbx_blank_PDB_chainid_flag 
_struct_asym.pdbx_modified 
_struct_asym.entity_id 
_struct_asym.details 
A N N 1 ? 
B N N 1 ? 
C N N 2 ? 
D N N 2 ? 
E N N 2 ? 
F N N 3 ? 
G N N 3 ? 
# 
_struct_ref.id                         1 
_struct_ref.db_name                    UNP 
_struct_ref.db_code                    O86332_MYCTU 
_struct_ref.pdbx_db_accession          O86332 
_struct_ref.entity_id                  1 
_struct_ref.pdbx_seq_one_letter_code   
;MTSPVAVIARFMPRPDARSALRALLDAMITPTRAEDGCRSYDLYESADGGELVLFERYRSRIALDEHRGSPHYLNYRAQV
GELLTRPVAVTVLAPLDEASA
;
_struct_ref.pdbx_align_begin           1 
_struct_ref.pdbx_db_isoform            ? 
# 
loop_
_struct_ref_seq.align_id 
_struct_ref_seq.ref_id 
_struct_ref_seq.pdbx_PDB_id_code 
_struct_ref_seq.pdbx_strand_id 
_struct_ref_seq.seq_align_beg 
_struct_ref_seq.pdbx_seq_align_beg_ins_code 
_struct_ref_seq.seq_align_end 
_struct_ref_seq.pdbx_seq_align_end_ins_code 
_struct_ref_seq.pdbx_db_accession 
_struct_ref_seq.db_align_beg 
_struct_ref_seq.pdbx_db_align_beg_ins_code 
_struct_ref_seq.db_align_end 
_struct_ref_seq.pdbx_db_align_end_ins_code 
_struct_ref_seq.pdbx_auth_seq_align_beg 
_struct_ref_seq.pdbx_auth_seq_align_end 
1 1 1Y0H A 2 ? 102 ? O86332 1 ? 101 ? 2 102 
2 1 1Y0H B 2 ? 102 ? O86332 1 ? 101 ? 2 102 
# 
loop_
_struct_ref_seq_dif.align_id 
_struct_ref_seq_dif.pdbx_pdb_id_code 
_struct_ref_seq_dif.mon_id 
_struct_ref_seq_dif.pdbx_pdb_strand_id 
_struct_ref_seq_dif.seq_num 
_struct_ref_seq_dif.pdbx_pdb_ins_code 
_struct_ref_seq_dif.pdbx_seq_db_name 
_struct_ref_seq_dif.pdbx_seq_db_accession_code 
_struct_ref_seq_dif.db_mon_id 
_struct_ref_seq_dif.pdbx_seq_db_seq_num 
_struct_ref_seq_dif.details 
_struct_ref_seq_dif.pdbx_auth_seq_num 
_struct_ref_seq_dif.pdbx_ordinal 
1 1Y0H GLY A 1 ? UNP O86332 ? ? insertion 1 1 
2 1Y0H GLY B 1 ? UNP O86332 ? ? insertion 1 2 
# 
_pdbx_struct_assembly.id                   1 
_pdbx_struct_assembly.details              author_and_software_defined_assembly 
_pdbx_struct_assembly.method_details       PISA 
_pdbx_struct_assembly.oligomeric_details   dimeric 
_pdbx_struct_assembly.oligomeric_count     2 
# 
loop_
_pdbx_struct_assembly_prop.biol_id 
_pdbx_struct_assembly_prop.type 
_pdbx_struct_assembly_prop.value 
_pdbx_struct_assembly_prop.details 
1 'ABSA (A^2)' 3020 ? 
1 MORE         -13  ? 
1 'SSA (A^2)'  9400 ? 
# 
_pdbx_struct_assembly_gen.assembly_id       1 
_pdbx_struct_assembly_gen.oper_expression   1 
_pdbx_struct_assembly_gen.asym_id_list      A,B,C,D,E,F,G 
# 
_pdbx_struct_oper_list.id                   1 
_pdbx_struct_oper_list.type                 'identity operation' 
_pdbx_struct_oper_list.name                 1_555 
_pdbx_struct_oper_list.symmetry_operation   x,y,z 
_pdbx_struct_oper_list.matrix[1][1]         1.0000000000 
_pdbx_struct_oper_list.matrix[1][2]         0.0000000000 
_pdbx_struct_oper_list.matrix[1][3]         0.0000000000 
_pdbx_struct_oper_list.vector[1]            0.0000000000 
_pdbx_struct_oper_list.matrix[2][1]         0.0000000000 
_pdbx_struct_oper_list.matrix[2][2]         1.0000000000 
_pdbx_struct_oper_list.matrix[2][3]         0.0000000000 
_pdbx_struct_oper_list.vector[2]            0.0000000000 
_pdbx_struct_oper_list.matrix[3][1]         0.0000000000 
_pdbx_struct_oper_list.matrix[3][2]         0.0000000000 
_pdbx_struct_oper_list.matrix[3][3]         1.0000000000 
_pdbx_struct_oper_list.vector[3]            0.0000000000 
# 
_struct_biol.id                    1 
_struct_biol.pdbx_parent_biol_id   ? 
_struct_biol.details               ? 
# 
loop_
_struct_conf.conf_type_id 
_struct_conf.id 
_struct_conf.pdbx_PDB_helix_id 
_struct_conf.beg_label_comp_id 
_struct_conf.beg_label_asym_id 
_struct_conf.beg_label_seq_id 
_struct_conf.pdbx_beg_PDB_ins_code 
_struct_conf.end_label_comp_id 
_struct_conf.end_label_asym_id 
_struct_conf.end_label_seq_id 
_struct_conf.pdbx_end_PDB_ins_code 
_struct_conf.beg_auth_comp_id 
_struct_conf.beg_auth_asym_id 
_struct_conf.beg_auth_seq_id 
_struct_conf.end_auth_comp_id 
_struct_conf.end_auth_asym_id 
_struct_conf.end_auth_seq_id 
_struct_conf.pdbx_PDB_helix_class 
_struct_conf.details 
_struct_conf.pdbx_PDB_helix_length 
HELX_P HELX_P1  1  ARG A 15 ? ASP A 17 ? ARG A 15 ASP A 17 5 ? 3  
HELX_P HELX_P2  2  ALA A 18 ? ALA A 28 ? ALA A 18 ALA A 28 1 ? 11 
HELX_P HELX_P3  3  MET A 29 ? GLU A 36 ? MET A 29 GLU A 36 1 ? 8  
HELX_P HELX_P4  4  SER A 61 ? GLY A 70 ? SER A 61 GLY A 70 1 ? 10 
HELX_P HELX_P5  5  SER A 71 ? ALA A 79 ? SER A 71 ALA A 79 1 ? 9  
HELX_P HELX_P6  6  VAL A 81 ? LEU A 85 ? VAL A 81 LEU A 85 5 ? 5  
HELX_P HELX_P7  7  ARG B 15 ? ASP B 17 ? ARG B 15 ASP B 17 5 ? 3  
HELX_P HELX_P8  8  ALA B 18 ? ALA B 28 ? ALA B 18 ALA B 28 1 ? 11 
HELX_P HELX_P9  9  MET B 29 ? ALA B 35 ? MET B 29 ALA B 35 1 ? 7  
HELX_P HELX_P10 10 SER B 61 ? ARG B 69 ? SER B 61 ARG B 69 1 ? 9  
HELX_P HELX_P11 11 SER B 71 ? GLY B 82 ? SER B 71 GLY B 82 1 ? 12 
HELX_P HELX_P12 12 GLU B 83 ? LEU B 85 ? GLU B 83 LEU B 85 5 ? 3  
# 
_struct_conf_type.id          HELX_P 
_struct_conf_type.criteria    ? 
_struct_conf_type.reference   ? 
# 
_struct_sheet.id               A 
_struct_sheet.type             ? 
_struct_sheet.number_strands   9 
_struct_sheet.details          ? 
# 
loop_
_struct_sheet_order.sheet_id 
_struct_sheet_order.range_id_1 
_struct_sheet_order.range_id_2 
_struct_sheet_order.offset 
_struct_sheet_order.sense 
A 1 2 ? anti-parallel 
A 2 3 ? anti-parallel 
A 3 4 ? anti-parallel 
A 4 5 ? anti-parallel 
A 5 6 ? anti-parallel 
A 6 7 ? anti-parallel 
A 7 8 ? anti-parallel 
A 8 9 ? anti-parallel 
# 
loop_
_struct_sheet_range.sheet_id 
_struct_sheet_range.id 
_struct_sheet_range.beg_label_comp_id 
_struct_sheet_range.beg_label_asym_id 
_struct_sheet_range.beg_label_seq_id 
_struct_sheet_range.pdbx_beg_PDB_ins_code 
_struct_sheet_range.end_label_comp_id 
_struct_sheet_range.end_label_asym_id 
_struct_sheet_range.end_label_seq_id 
_struct_sheet_range.pdbx_end_PDB_ins_code 
_struct_sheet_range.beg_auth_comp_id 
_struct_sheet_range.beg_auth_asym_id 
_struct_sheet_range.beg_auth_seq_id 
_struct_sheet_range.end_auth_comp_id 
_struct_sheet_range.end_auth_asym_id 
_struct_sheet_range.end_auth_seq_id 
A 1 VAL A 6  ? PHE A 12 ? VAL A 6  PHE A 12 
A 2 LEU A 53 ? TYR A 59 ? LEU A 53 TYR A 59 
A 3 CYS A 39 ? SER A 47 ? CYS A 39 SER A 47 
A 4 ALA B 90 ? ASP B 98 ? ALA B 90 ASP B 98 
A 5 VAL B 6  ? PHE B 12 ? VAL B 6  PHE B 12 
A 6 LEU B 53 ? TYR B 59 ? LEU B 53 TYR B 59 
A 7 CYS B 39 ? SER B 47 ? CYS B 39 SER B 47 
A 8 ALA A 90 ? ASP A 98 ? ALA A 90 ASP A 98 
A 9 VAL A 6  ? PHE A 12 ? VAL A 6  PHE A 12 
# 
loop_
_pdbx_struct_sheet_hbond.sheet_id 
_pdbx_struct_sheet_hbond.range_id_1 
_pdbx_struct_sheet_hbond.range_id_2 
_pdbx_struct_sheet_hbond.range_1_label_atom_id 
_pdbx_struct_sheet_hbond.range_1_label_comp_id 
_pdbx_struct_sheet_hbond.range_1_label_asym_id 
_pdbx_struct_sheet_hbond.range_1_label_seq_id 
_pdbx_struct_sheet_hbond.range_1_PDB_ins_code 
_pdbx_struct_sheet_hbond.range_1_auth_atom_id 
_pdbx_struct_sheet_hbond.range_1_auth_comp_id 
_pdbx_struct_sheet_hbond.range_1_auth_asym_id 
_pdbx_struct_sheet_hbond.range_1_auth_seq_id 
_pdbx_struct_sheet_hbond.range_2_label_atom_id 
_pdbx_struct_sheet_hbond.range_2_label_comp_id 
_pdbx_struct_sheet_hbond.range_2_label_asym_id 
_pdbx_struct_sheet_hbond.range_2_label_seq_id 
_pdbx_struct_sheet_hbond.range_2_PDB_ins_code 
_pdbx_struct_sheet_hbond.range_2_auth_atom_id 
_pdbx_struct_sheet_hbond.range_2_auth_comp_id 
_pdbx_struct_sheet_hbond.range_2_auth_asym_id 
_pdbx_struct_sheet_hbond.range_2_auth_seq_id 
A 1 2 N PHE A 12 ? N PHE A 12 O LEU A 53 ? O LEU A 53 
A 2 3 O VAL A 54 ? O VAL A 54 N TYR A 45 ? N TYR A 45 
A 3 4 N LEU A 44 ? N LEU A 44 O LEU B 97 ? O LEU B 97 
A 4 5 O LEU B 94 ? O LEU B 94 N ALA B 7  ? N ALA B 7  
A 5 6 N VAL B 6  ? N VAL B 6  O TYR B 59 ? O TYR B 59 
A 6 7 O VAL B 54 ? O VAL B 54 N TYR B 45 ? N TYR B 45 
A 7 8 O LEU B 44 ? O LEU B 44 N LEU A 97 ? N LEU A 97 
A 8 9 O LEU A 94 ? O LEU A 94 N ALA A 7  ? N ALA A 7  
# 
loop_
_struct_site.id 
_struct_site.pdbx_evidence_code 
_struct_site.pdbx_auth_asym_id 
_struct_site.pdbx_auth_comp_id 
_struct_site.pdbx_auth_seq_id 
_struct_site.pdbx_auth_ins_code 
_struct_site.pdbx_num_residues 
_struct_site.details 
AC1 Software A ACT 301 ? 8 'BINDING SITE FOR RESIDUE ACT A 301' 
AC2 Software B ACT 302 ? 7 'BINDING SITE FOR RESIDUE ACT B 302' 
AC3 Software A ACT 303 ? 6 'BINDING SITE FOR RESIDUE ACT A 303' 
# 
loop_
_struct_site_gen.id 
_struct_site_gen.site_id 
_struct_site_gen.pdbx_num_res 
_struct_site_gen.label_comp_id 
_struct_site_gen.label_asym_id 
_struct_site_gen.label_seq_id 
_struct_site_gen.pdbx_auth_ins_code 
_struct_site_gen.auth_comp_id 
_struct_site_gen.auth_asym_id 
_struct_site_gen.auth_seq_id 
_struct_site_gen.label_atom_id 
_struct_site_gen.label_alt_id 
_struct_site_gen.symmetry 
_struct_site_gen.details 
1  AC1 8 MET A 29 ? MET A 29  . ? 1_555 ? 
2  AC1 8 TYR A 42 ? TYR A 42  . ? 1_555 ? 
3  AC1 8 LEU A 55 ? LEU A 55  . ? 1_555 ? 
4  AC1 8 GLU A 57 ? GLU A 57  . ? 1_555 ? 
5  AC1 8 HIS A 68 ? HIS A 68  . ? 1_555 ? 
6  AC1 8 TYR A 77 ? TYR A 77  . ? 1_555 ? 
7  AC1 8 ACT D .  ? ACT A 303 . ? 1_555 ? 
8  AC1 8 HOH F .  ? HOH A 338 . ? 1_555 ? 
9  AC2 7 MET B 29 ? MET B 29  . ? 1_555 ? 
10 AC2 7 TYR B 42 ? TYR B 42  . ? 1_555 ? 
11 AC2 7 LEU B 55 ? LEU B 55  . ? 1_555 ? 
12 AC2 7 GLU B 57 ? GLU B 57  . ? 1_555 ? 
13 AC2 7 HIS B 68 ? HIS B 68  . ? 1_555 ? 
14 AC2 7 TYR B 77 ? TYR B 77  . ? 1_555 ? 
15 AC2 7 HOH G .  ? HOH B 324 . ? 1_555 ? 
16 AC3 6 TYR A 74 ? TYR A 74  . ? 1_555 ? 
17 AC3 6 TYR A 77 ? TYR A 77  . ? 1_555 ? 
18 AC3 6 ARG A 78 ? ARG A 78  . ? 1_555 ? 
19 AC3 6 VAL A 91 ? VAL A 91  . ? 1_555 ? 
20 AC3 6 ACT C .  ? ACT A 301 . ? 1_555 ? 
21 AC3 6 HOH F .  ? HOH A 372 . ? 1_555 ? 
# 
_pdbx_validate_close_contact.id               1 
_pdbx_validate_close_contact.PDB_model_num    1 
_pdbx_validate_close_contact.auth_atom_id_1   O 
_pdbx_validate_close_contact.auth_asym_id_1   B 
_pdbx_validate_close_contact.auth_comp_id_1   SER 
_pdbx_validate_close_contact.auth_seq_id_1    101 
_pdbx_validate_close_contact.PDB_ins_code_1   ? 
_pdbx_validate_close_contact.label_alt_id_1   ? 
_pdbx_validate_close_contact.auth_atom_id_2   O 
_pdbx_validate_close_contact.auth_asym_id_2   B 
_pdbx_validate_close_contact.auth_comp_id_2   HOH 
_pdbx_validate_close_contact.auth_seq_id_2    315 
_pdbx_validate_close_contact.PDB_ins_code_2   ? 
_pdbx_validate_close_contact.label_alt_id_2   ? 
_pdbx_validate_close_contact.dist             2.16 
# 
loop_
_pdbx_validate_torsion.id 
_pdbx_validate_torsion.PDB_model_num 
_pdbx_validate_torsion.auth_comp_id 
_pdbx_validate_torsion.auth_asym_id 
_pdbx_validate_torsion.auth_seq_id 
_pdbx_validate_torsion.PDB_ins_code 
_pdbx_validate_torsion.label_alt_id 
_pdbx_validate_torsion.phi 
_pdbx_validate_torsion.psi 
1 1 TYR B 42 ? ? -160.53 99.38 
2 1 ASP B 98 ? ? -153.44 89.92 
# 
_pdbx_SG_project.project_name          'PSI, Protein Structure Initiative' 
_pdbx_SG_project.full_name_of_center   'TB Structural Genomics Consortium' 
_pdbx_SG_project.initial_of_center     TBSGC 
_pdbx_SG_project.id                    1 
# 
_pdbx_refine_tls.id               1 
_pdbx_refine_tls.details          ? 
_pdbx_refine_tls.method           refined 
_pdbx_refine_tls.origin_x         -0.1269 
_pdbx_refine_tls.origin_y         -0.0341 
_pdbx_refine_tls.origin_z         -0.0666 
_pdbx_refine_tls.T[1][1]          -0.0025 
_pdbx_refine_tls.T[2][2]          -0.0326 
_pdbx_refine_tls.T[3][3]          -0.0184 
_pdbx_refine_tls.T[1][2]          -0.0163 
_pdbx_refine_tls.T[1][3]          -0.0056 
_pdbx_refine_tls.T[2][3]          0.0063 
_pdbx_refine_tls.L[1][1]          0.8859 
_pdbx_refine_tls.L[2][2]          0.2420 
_pdbx_refine_tls.L[3][3]          0.5352 
_pdbx_refine_tls.L[1][2]          -0.2876 
_pdbx_refine_tls.L[1][3]          -0.2241 
_pdbx_refine_tls.L[2][3]          0.1983 
_pdbx_refine_tls.S[1][1]          -0.0293 
_pdbx_refine_tls.S[2][2]          0.0308 
_pdbx_refine_tls.S[3][3]          -0.0014 
_pdbx_refine_tls.S[1][2]          -0.0231 
_pdbx_refine_tls.S[1][3]          -0.0982 
_pdbx_refine_tls.S[2][3]          0.0595 
_pdbx_refine_tls.S[2][1]          0.0071 
_pdbx_refine_tls.S[3][1]          0.0319 
_pdbx_refine_tls.S[3][2]          -0.0022 
_pdbx_refine_tls.pdbx_refine_id   'X-RAY DIFFRACTION' 
# 
_pdbx_refine_tls_group.id                  1 
_pdbx_refine_tls_group.refine_tls_id       1 
_pdbx_refine_tls_group.beg_label_asym_id   B 
_pdbx_refine_tls_group.beg_label_seq_id    4 
_pdbx_refine_tls_group.end_label_asym_id   B 
_pdbx_refine_tls_group.end_label_seq_id    101 
_pdbx_refine_tls_group.selection           ALL 
_pdbx_refine_tls_group.beg_auth_asym_id    B 
_pdbx_refine_tls_group.beg_auth_seq_id     4 
_pdbx_refine_tls_group.end_auth_asym_id    B 
_pdbx_refine_tls_group.end_auth_seq_id     101 
_pdbx_refine_tls_group.pdbx_refine_id      'X-RAY DIFFRACTION' 
_pdbx_refine_tls_group.selection_details   ? 
# 
_phasing.method   SAD 
# 
loop_
_pdbx_unobs_or_zero_occ_residues.id 
_pdbx_unobs_or_zero_occ_residues.PDB_model_num 
_pdbx_unobs_or_zero_occ_residues.polymer_flag 
_pdbx_unobs_or_zero_occ_residues.occupancy_flag 
_pdbx_unobs_or_zero_occ_residues.auth_asym_id 
_pdbx_unobs_or_zero_occ_residues.auth_comp_id 
_pdbx_unobs_or_zero_occ_residues.auth_seq_id 
_pdbx_unobs_or_zero_occ_residues.PDB_ins_code 
_pdbx_unobs_or_zero_occ_residues.label_asym_id 
_pdbx_unobs_or_zero_occ_residues.label_comp_id 
_pdbx_unobs_or_zero_occ_residues.label_seq_id 
1 1 Y 1 A ALA 102 ? A ALA 102 
2 1 Y 1 B GLY 1   ? B GLY 1   
3 1 Y 1 B MET 2   ? B MET 2   
4 1 Y 1 B THR 3   ? B THR 3   
5 1 Y 1 B ALA 102 ? B ALA 102 
# 
loop_
_chem_comp_atom.comp_id 
_chem_comp_atom.atom_id 
_chem_comp_atom.type_symbol 
_chem_comp_atom.pdbx_aromatic_flag 
_chem_comp_atom.pdbx_stereo_config 
_chem_comp_atom.pdbx_ordinal 
ACT C    C N N 1   
ACT O    O N N 2   
ACT OXT  O N N 3   
ACT CH3  C N N 4   
ACT H1   H N N 5   
ACT H2   H N N 6   
ACT H3   H N N 7   
ALA N    N N N 8   
ALA CA   C N S 9   
ALA C    C N N 10  
ALA O    O N N 11  
ALA CB   C N N 12  
ALA OXT  O N N 13  
ALA H    H N N 14  
ALA H2   H N N 15  
ALA HA   H N N 16  
ALA HB1  H N N 17  
ALA HB2  H N N 18  
ALA HB3  H N N 19  
ALA HXT  H N N 20  
ARG N    N N N 21  
ARG CA   C N S 22  
ARG C    C N N 23  
ARG O    O N N 24  
ARG CB   C N N 25  
ARG CG   C N N 26  
ARG CD   C N N 27  
ARG NE   N N N 28  
ARG CZ   C N N 29  
ARG NH1  N N N 30  
ARG NH2  N N N 31  
ARG OXT  O N N 32  
ARG H    H N N 33  
ARG H2   H N N 34  
ARG HA   H N N 35  
ARG HB2  H N N 36  
ARG HB3  H N N 37  
ARG HG2  H N N 38  
ARG HG3  H N N 39  
ARG HD2  H N N 40  
ARG HD3  H N N 41  
ARG HE   H N N 42  
ARG HH11 H N N 43  
ARG HH12 H N N 44  
ARG HH21 H N N 45  
ARG HH22 H N N 46  
ARG HXT  H N N 47  
ASN N    N N N 48  
ASN CA   C N S 49  
ASN C    C N N 50  
ASN O    O N N 51  
ASN CB   C N N 52  
ASN CG   C N N 53  
ASN OD1  O N N 54  
ASN ND2  N N N 55  
ASN OXT  O N N 56  
ASN H    H N N 57  
ASN H2   H N N 58  
ASN HA   H N N 59  
ASN HB2  H N N 60  
ASN HB3  H N N 61  
ASN HD21 H N N 62  
ASN HD22 H N N 63  
ASN HXT  H N N 64  
ASP N    N N N 65  
ASP CA   C N S 66  
ASP C    C N N 67  
ASP O    O N N 68  
ASP CB   C N N 69  
ASP CG   C N N 70  
ASP OD1  O N N 71  
ASP OD2  O N N 72  
ASP OXT  O N N 73  
ASP H    H N N 74  
ASP H2   H N N 75  
ASP HA   H N N 76  
ASP HB2  H N N 77  
ASP HB3  H N N 78  
ASP HD2  H N N 79  
ASP HXT  H N N 80  
CYS N    N N N 81  
CYS CA   C N R 82  
CYS C    C N N 83  
CYS O    O N N 84  
CYS CB   C N N 85  
CYS SG   S N N 86  
CYS OXT  O N N 87  
CYS H    H N N 88  
CYS H2   H N N 89  
CYS HA   H N N 90  
CYS HB2  H N N 91  
CYS HB3  H N N 92  
CYS HG   H N N 93  
CYS HXT  H N N 94  
GLN N    N N N 95  
GLN CA   C N S 96  
GLN C    C N N 97  
GLN O    O N N 98  
GLN CB   C N N 99  
GLN CG   C N N 100 
GLN CD   C N N 101 
GLN OE1  O N N 102 
GLN NE2  N N N 103 
GLN OXT  O N N 104 
GLN H    H N N 105 
GLN H2   H N N 106 
GLN HA   H N N 107 
GLN HB2  H N N 108 
GLN HB3  H N N 109 
GLN HG2  H N N 110 
GLN HG3  H N N 111 
GLN HE21 H N N 112 
GLN HE22 H N N 113 
GLN HXT  H N N 114 
GLU N    N N N 115 
GLU CA   C N S 116 
GLU C    C N N 117 
GLU O    O N N 118 
GLU CB   C N N 119 
GLU CG   C N N 120 
GLU CD   C N N 121 
GLU OE1  O N N 122 
GLU OE2  O N N 123 
GLU OXT  O N N 124 
GLU H    H N N 125 
GLU H2   H N N 126 
GLU HA   H N N 127 
GLU HB2  H N N 128 
GLU HB3  H N N 129 
GLU HG2  H N N 130 
GLU HG3  H N N 131 
GLU HE2  H N N 132 
GLU HXT  H N N 133 
GLY N    N N N 134 
GLY CA   C N N 135 
GLY C    C N N 136 
GLY O    O N N 137 
GLY OXT  O N N 138 
GLY H    H N N 139 
GLY H2   H N N 140 
GLY HA2  H N N 141 
GLY HA3  H N N 142 
GLY HXT  H N N 143 
HIS N    N N N 144 
HIS CA   C N S 145 
HIS C    C N N 146 
HIS O    O N N 147 
HIS CB   C N N 148 
HIS CG   C Y N 149 
HIS ND1  N Y N 150 
HIS CD2  C Y N 151 
HIS CE1  C Y N 152 
HIS NE2  N Y N 153 
HIS OXT  O N N 154 
HIS H    H N N 155 
HIS H2   H N N 156 
HIS HA   H N N 157 
HIS HB2  H N N 158 
HIS HB3  H N N 159 
HIS HD1  H N N 160 
HIS HD2  H N N 161 
HIS HE1  H N N 162 
HIS HE2  H N N 163 
HIS HXT  H N N 164 
HOH O    O N N 165 
HOH H1   H N N 166 
HOH H2   H N N 167 
ILE N    N N N 168 
ILE CA   C N S 169 
ILE C    C N N 170 
ILE O    O N N 171 
ILE CB   C N S 172 
ILE CG1  C N N 173 
ILE CG2  C N N 174 
ILE CD1  C N N 175 
ILE OXT  O N N 176 
ILE H    H N N 177 
ILE H2   H N N 178 
ILE HA   H N N 179 
ILE HB   H N N 180 
ILE HG12 H N N 181 
ILE HG13 H N N 182 
ILE HG21 H N N 183 
ILE HG22 H N N 184 
ILE HG23 H N N 185 
ILE HD11 H N N 186 
ILE HD12 H N N 187 
ILE HD13 H N N 188 
ILE HXT  H N N 189 
LEU N    N N N 190 
LEU CA   C N S 191 
LEU C    C N N 192 
LEU O    O N N 193 
LEU CB   C N N 194 
LEU CG   C N N 195 
LEU CD1  C N N 196 
LEU CD2  C N N 197 
LEU OXT  O N N 198 
LEU H    H N N 199 
LEU H2   H N N 200 
LEU HA   H N N 201 
LEU HB2  H N N 202 
LEU HB3  H N N 203 
LEU HG   H N N 204 
LEU HD11 H N N 205 
LEU HD12 H N N 206 
LEU HD13 H N N 207 
LEU HD21 H N N 208 
LEU HD22 H N N 209 
LEU HD23 H N N 210 
LEU HXT  H N N 211 
MET N    N N N 212 
MET CA   C N S 213 
MET C    C N N 214 
MET O    O N N 215 
MET CB   C N N 216 
MET CG   C N N 217 
MET SD   S N N 218 
MET CE   C N N 219 
MET OXT  O N N 220 
MET H    H N N 221 
MET H2   H N N 222 
MET HA   H N N 223 
MET HB2  H N N 224 
MET HB3  H N N 225 
MET HG2  H N N 226 
MET HG3  H N N 227 
MET HE1  H N N 228 
MET HE2  H N N 229 
MET HE3  H N N 230 
MET HXT  H N N 231 
PHE N    N N N 232 
PHE CA   C N S 233 
PHE C    C N N 234 
PHE O    O N N 235 
PHE CB   C N N 236 
PHE CG   C Y N 237 
PHE CD1  C Y N 238 
PHE CD2  C Y N 239 
PHE CE1  C Y N 240 
PHE CE2  C Y N 241 
PHE CZ   C Y N 242 
PHE OXT  O N N 243 
PHE H    H N N 244 
PHE H2   H N N 245 
PHE HA   H N N 246 
PHE HB2  H N N 247 
PHE HB3  H N N 248 
PHE HD1  H N N 249 
PHE HD2  H N N 250 
PHE HE1  H N N 251 
PHE HE2  H N N 252 
PHE HZ   H N N 253 
PHE HXT  H N N 254 
PRO N    N N N 255 
PRO CA   C N S 256 
PRO C    C N N 257 
PRO O    O N N 258 
PRO CB   C N N 259 
PRO CG   C N N 260 
PRO CD   C N N 261 
PRO OXT  O N N 262 
PRO H    H N N 263 
PRO HA   H N N 264 
PRO HB2  H N N 265 
PRO HB3  H N N 266 
PRO HG2  H N N 267 
PRO HG3  H N N 268 
PRO HD2  H N N 269 
PRO HD3  H N N 270 
PRO HXT  H N N 271 
SER N    N N N 272 
SER CA   C N S 273 
SER C    C N N 274 
SER O    O N N 275 
SER CB   C N N 276 
SER OG   O N N 277 
SER OXT  O N N 278 
SER H    H N N 279 
SER H2   H N N 280 
SER HA   H N N 281 
SER HB2  H N N 282 
SER HB3  H N N 283 
SER HG   H N N 284 
SER HXT  H N N 285 
THR N    N N N 286 
THR CA   C N S 287 
THR C    C N N 288 
THR O    O N N 289 
THR CB   C N R 290 
THR OG1  O N N 291 
THR CG2  C N N 292 
THR OXT  O N N 293 
THR H    H N N 294 
THR H2   H N N 295 
THR HA   H N N 296 
THR HB   H N N 297 
THR HG1  H N N 298 
THR HG21 H N N 299 
THR HG22 H N N 300 
THR HG23 H N N 301 
THR HXT  H N N 302 
TYR N    N N N 303 
TYR CA   C N S 304 
TYR C    C N N 305 
TYR O    O N N 306 
TYR CB   C N N 307 
TYR CG   C Y N 308 
TYR CD1  C Y N 309 
TYR CD2  C Y N 310 
TYR CE1  C Y N 311 
TYR CE2  C Y N 312 
TYR CZ   C Y N 313 
TYR OH   O N N 314 
TYR OXT  O N N 315 
TYR H    H N N 316 
TYR H2   H N N 317 
TYR HA   H N N 318 
TYR HB2  H N N 319 
TYR HB3  H N N 320 
TYR HD1  H N N 321 
TYR HD2  H N N 322 
TYR HE1  H N N 323 
TYR HE2  H N N 324 
TYR HH   H N N 325 
TYR HXT  H N N 326 
VAL N    N N N 327 
VAL CA   C N S 328 
VAL C    C N N 329 
VAL O    O N N 330 
VAL CB   C N N 331 
VAL CG1  C N N 332 
VAL CG2  C N N 333 
VAL OXT  O N N 334 
VAL H    H N N 335 
VAL H2   H N N 336 
VAL HA   H N N 337 
VAL HB   H N N 338 
VAL HG11 H N N 339 
VAL HG12 H N N 340 
VAL HG13 H N N 341 
VAL HG21 H N N 342 
VAL HG22 H N N 343 
VAL HG23 H N N 344 
VAL HXT  H N N 345 
# 
loop_
_chem_comp_bond.comp_id 
_chem_comp_bond.atom_id_1 
_chem_comp_bond.atom_id_2 
_chem_comp_bond.value_order 
_chem_comp_bond.pdbx_aromatic_flag 
_chem_comp_bond.pdbx_stereo_config 
_chem_comp_bond.pdbx_ordinal 
ACT C   O    doub N N 1   
ACT C   OXT  sing N N 2   
ACT C   CH3  sing N N 3   
ACT CH3 H1   sing N N 4   
ACT CH3 H2   sing N N 5   
ACT CH3 H3   sing N N 6   
ALA N   CA   sing N N 7   
ALA N   H    sing N N 8   
ALA N   H2   sing N N 9   
ALA CA  C    sing N N 10  
ALA CA  CB   sing N N 11  
ALA CA  HA   sing N N 12  
ALA C   O    doub N N 13  
ALA C   OXT  sing N N 14  
ALA CB  HB1  sing N N 15  
ALA CB  HB2  sing N N 16  
ALA CB  HB3  sing N N 17  
ALA OXT HXT  sing N N 18  
ARG N   CA   sing N N 19  
ARG N   H    sing N N 20  
ARG N   H2   sing N N 21  
ARG CA  C    sing N N 22  
ARG CA  CB   sing N N 23  
ARG CA  HA   sing N N 24  
ARG C   O    doub N N 25  
ARG C   OXT  sing N N 26  
ARG CB  CG   sing N N 27  
ARG CB  HB2  sing N N 28  
ARG CB  HB3  sing N N 29  
ARG CG  CD   sing N N 30  
ARG CG  HG2  sing N N 31  
ARG CG  HG3  sing N N 32  
ARG CD  NE   sing N N 33  
ARG CD  HD2  sing N N 34  
ARG CD  HD3  sing N N 35  
ARG NE  CZ   sing N N 36  
ARG NE  HE   sing N N 37  
ARG CZ  NH1  sing N N 38  
ARG CZ  NH2  doub N N 39  
ARG NH1 HH11 sing N N 40  
ARG NH1 HH12 sing N N 41  
ARG NH2 HH21 sing N N 42  
ARG NH2 HH22 sing N N 43  
ARG OXT HXT  sing N N 44  
ASN N   CA   sing N N 45  
ASN N   H    sing N N 46  
ASN N   H2   sing N N 47  
ASN CA  C    sing N N 48  
ASN CA  CB   sing N N 49  
ASN CA  HA   sing N N 50  
ASN C   O    doub N N 51  
ASN C   OXT  sing N N 52  
ASN CB  CG   sing N N 53  
ASN CB  HB2  sing N N 54  
ASN CB  HB3  sing N N 55  
ASN CG  OD1  doub N N 56  
ASN CG  ND2  sing N N 57  
ASN ND2 HD21 sing N N 58  
ASN ND2 HD22 sing N N 59  
ASN OXT HXT  sing N N 60  
ASP N   CA   sing N N 61  
ASP N   H    sing N N 62  
ASP N   H2   sing N N 63  
ASP CA  C    sing N N 64  
ASP CA  CB   sing N N 65  
ASP CA  HA   sing N N 66  
ASP C   O    doub N N 67  
ASP C   OXT  sing N N 68  
ASP CB  CG   sing N N 69  
ASP CB  HB2  sing N N 70  
ASP CB  HB3  sing N N 71  
ASP CG  OD1  doub N N 72  
ASP CG  OD2  sing N N 73  
ASP OD2 HD2  sing N N 74  
ASP OXT HXT  sing N N 75  
CYS N   CA   sing N N 76  
CYS N   H    sing N N 77  
CYS N   H2   sing N N 78  
CYS CA  C    sing N N 79  
CYS CA  CB   sing N N 80  
CYS CA  HA   sing N N 81  
CYS C   O    doub N N 82  
CYS C   OXT  sing N N 83  
CYS CB  SG   sing N N 84  
CYS CB  HB2  sing N N 85  
CYS CB  HB3  sing N N 86  
CYS SG  HG   sing N N 87  
CYS OXT HXT  sing N N 88  
GLN N   CA   sing N N 89  
GLN N   H    sing N N 90  
GLN N   H2   sing N N 91  
GLN CA  C    sing N N 92  
GLN CA  CB   sing N N 93  
GLN CA  HA   sing N N 94  
GLN C   O    doub N N 95  
GLN C   OXT  sing N N 96  
GLN CB  CG   sing N N 97  
GLN CB  HB2  sing N N 98  
GLN CB  HB3  sing N N 99  
GLN CG  CD   sing N N 100 
GLN CG  HG2  sing N N 101 
GLN CG  HG3  sing N N 102 
GLN CD  OE1  doub N N 103 
GLN CD  NE2  sing N N 104 
GLN NE2 HE21 sing N N 105 
GLN NE2 HE22 sing N N 106 
GLN OXT HXT  sing N N 107 
GLU N   CA   sing N N 108 
GLU N   H    sing N N 109 
GLU N   H2   sing N N 110 
GLU CA  C    sing N N 111 
GLU CA  CB   sing N N 112 
GLU CA  HA   sing N N 113 
GLU C   O    doub N N 114 
GLU C   OXT  sing N N 115 
GLU CB  CG   sing N N 116 
GLU CB  HB2  sing N N 117 
GLU CB  HB3  sing N N 118 
GLU CG  CD   sing N N 119 
GLU CG  HG2  sing N N 120 
GLU CG  HG3  sing N N 121 
GLU CD  OE1  doub N N 122 
GLU CD  OE2  sing N N 123 
GLU OE2 HE2  sing N N 124 
GLU OXT HXT  sing N N 125 
GLY N   CA   sing N N 126 
GLY N   H    sing N N 127 
GLY N   H2   sing N N 128 
GLY CA  C    sing N N 129 
GLY CA  HA2  sing N N 130 
GLY CA  HA3  sing N N 131 
GLY C   O    doub N N 132 
GLY C   OXT  sing N N 133 
GLY OXT HXT  sing N N 134 
HIS N   CA   sing N N 135 
HIS N   H    sing N N 136 
HIS N   H2   sing N N 137 
HIS CA  C    sing N N 138 
HIS CA  CB   sing N N 139 
HIS CA  HA   sing N N 140 
HIS C   O    doub N N 141 
HIS C   OXT  sing N N 142 
HIS CB  CG   sing N N 143 
HIS CB  HB2  sing N N 144 
HIS CB  HB3  sing N N 145 
HIS CG  ND1  sing Y N 146 
HIS CG  CD2  doub Y N 147 
HIS ND1 CE1  doub Y N 148 
HIS ND1 HD1  sing N N 149 
HIS CD2 NE2  sing Y N 150 
HIS CD2 HD2  sing N N 151 
HIS CE1 NE2  sing Y N 152 
HIS CE1 HE1  sing N N 153 
HIS NE2 HE2  sing N N 154 
HIS OXT HXT  sing N N 155 
HOH O   H1   sing N N 156 
HOH O   H2   sing N N 157 
ILE N   CA   sing N N 158 
ILE N   H    sing N N 159 
ILE N   H2   sing N N 160 
ILE CA  C    sing N N 161 
ILE CA  CB   sing N N 162 
ILE CA  HA   sing N N 163 
ILE C   O    doub N N 164 
ILE C   OXT  sing N N 165 
ILE CB  CG1  sing N N 166 
ILE CB  CG2  sing N N 167 
ILE CB  HB   sing N N 168 
ILE CG1 CD1  sing N N 169 
ILE CG1 HG12 sing N N 170 
ILE CG1 HG13 sing N N 171 
ILE CG2 HG21 sing N N 172 
ILE CG2 HG22 sing N N 173 
ILE CG2 HG23 sing N N 174 
ILE CD1 HD11 sing N N 175 
ILE CD1 HD12 sing N N 176 
ILE CD1 HD13 sing N N 177 
ILE OXT HXT  sing N N 178 
LEU N   CA   sing N N 179 
LEU N   H    sing N N 180 
LEU N   H2   sing N N 181 
LEU CA  C    sing N N 182 
LEU CA  CB   sing N N 183 
LEU CA  HA   sing N N 184 
LEU C   O    doub N N 185 
LEU C   OXT  sing N N 186 
LEU CB  CG   sing N N 187 
LEU CB  HB2  sing N N 188 
LEU CB  HB3  sing N N 189 
LEU CG  CD1  sing N N 190 
LEU CG  CD2  sing N N 191 
LEU CG  HG   sing N N 192 
LEU CD1 HD11 sing N N 193 
LEU CD1 HD12 sing N N 194 
LEU CD1 HD13 sing N N 195 
LEU CD2 HD21 sing N N 196 
LEU CD2 HD22 sing N N 197 
LEU CD2 HD23 sing N N 198 
LEU OXT HXT  sing N N 199 
MET N   CA   sing N N 200 
MET N   H    sing N N 201 
MET N   H2   sing N N 202 
MET CA  C    sing N N 203 
MET CA  CB   sing N N 204 
MET CA  HA   sing N N 205 
MET C   O    doub N N 206 
MET C   OXT  sing N N 207 
MET CB  CG   sing N N 208 
MET CB  HB2  sing N N 209 
MET CB  HB3  sing N N 210 
MET CG  SD   sing N N 211 
MET CG  HG2  sing N N 212 
MET CG  HG3  sing N N 213 
MET SD  CE   sing N N 214 
MET CE  HE1  sing N N 215 
MET CE  HE2  sing N N 216 
MET CE  HE3  sing N N 217 
MET OXT HXT  sing N N 218 
PHE N   CA   sing N N 219 
PHE N   H    sing N N 220 
PHE N   H2   sing N N 221 
PHE CA  C    sing N N 222 
PHE CA  CB   sing N N 223 
PHE CA  HA   sing N N 224 
PHE C   O    doub N N 225 
PHE C   OXT  sing N N 226 
PHE CB  CG   sing N N 227 
PHE CB  HB2  sing N N 228 
PHE CB  HB3  sing N N 229 
PHE CG  CD1  doub Y N 230 
PHE CG  CD2  sing Y N 231 
PHE CD1 CE1  sing Y N 232 
PHE CD1 HD1  sing N N 233 
PHE CD2 CE2  doub Y N 234 
PHE CD2 HD2  sing N N 235 
PHE CE1 CZ   doub Y N 236 
PHE CE1 HE1  sing N N 237 
PHE CE2 CZ   sing Y N 238 
PHE CE2 HE2  sing N N 239 
PHE CZ  HZ   sing N N 240 
PHE OXT HXT  sing N N 241 
PRO N   CA   sing N N 242 
PRO N   CD   sing N N 243 
PRO N   H    sing N N 244 
PRO CA  C    sing N N 245 
PRO CA  CB   sing N N 246 
PRO CA  HA   sing N N 247 
PRO C   O    doub N N 248 
PRO C   OXT  sing N N 249 
PRO CB  CG   sing N N 250 
PRO CB  HB2  sing N N 251 
PRO CB  HB3  sing N N 252 
PRO CG  CD   sing N N 253 
PRO CG  HG2  sing N N 254 
PRO CG  HG3  sing N N 255 
PRO CD  HD2  sing N N 256 
PRO CD  HD3  sing N N 257 
PRO OXT HXT  sing N N 258 
SER N   CA   sing N N 259 
SER N   H    sing N N 260 
SER N   H2   sing N N 261 
SER CA  C    sing N N 262 
SER CA  CB   sing N N 263 
SER CA  HA   sing N N 264 
SER C   O    doub N N 265 
SER C   OXT  sing N N 266 
SER CB  OG   sing N N 267 
SER CB  HB2  sing N N 268 
SER CB  HB3  sing N N 269 
SER OG  HG   sing N N 270 
SER OXT HXT  sing N N 271 
THR N   CA   sing N N 272 
THR N   H    sing N N 273 
THR N   H2   sing N N 274 
THR CA  C    sing N N 275 
THR CA  CB   sing N N 276 
THR CA  HA   sing N N 277 
THR C   O    doub N N 278 
THR C   OXT  sing N N 279 
THR CB  OG1  sing N N 280 
THR CB  CG2  sing N N 281 
THR CB  HB   sing N N 282 
THR OG1 HG1  sing N N 283 
THR CG2 HG21 sing N N 284 
THR CG2 HG22 sing N N 285 
THR CG2 HG23 sing N N 286 
THR OXT HXT  sing N N 287 
TYR N   CA   sing N N 288 
TYR N   H    sing N N 289 
TYR N   H2   sing N N 290 
TYR CA  C    sing N N 291 
TYR CA  CB   sing N N 292 
TYR CA  HA   sing N N 293 
TYR C   O    doub N N 294 
TYR C   OXT  sing N N 295 
TYR CB  CG   sing N N 296 
TYR CB  HB2  sing N N 297 
TYR CB  HB3  sing N N 298 
TYR CG  CD1  doub Y N 299 
TYR CG  CD2  sing Y N 300 
TYR CD1 CE1  sing Y N 301 
TYR CD1 HD1  sing N N 302 
TYR CD2 CE2  doub Y N 303 
TYR CD2 HD2  sing N N 304 
TYR CE1 CZ   doub Y N 305 
TYR CE1 HE1  sing N N 306 
TYR CE2 CZ   sing Y N 307 
TYR CE2 HE2  sing N N 308 
TYR CZ  OH   sing N N 309 
TYR OH  HH   sing N N 310 
TYR OXT HXT  sing N N 311 
VAL N   CA   sing N N 312 
VAL N   H    sing N N 313 
VAL N   H2   sing N N 314 
VAL CA  C    sing N N 315 
VAL CA  CB   sing N N 316 
VAL CA  HA   sing N N 317 
VAL C   O    doub N N 318 
VAL C   OXT  sing N N 319 
VAL CB  CG1  sing N N 320 
VAL CB  CG2  sing N N 321 
VAL CB  HB   sing N N 322 
VAL CG1 HG11 sing N N 323 
VAL CG1 HG12 sing N N 324 
VAL CG1 HG13 sing N N 325 
VAL CG2 HG21 sing N N 326 
VAL CG2 HG22 sing N N 327 
VAL CG2 HG23 sing N N 328 
VAL OXT HXT  sing N N 329 
# 
_atom_sites.entry_id                    1Y0H 
_atom_sites.fract_transf_matrix[1][1]   -0.00281859 
_atom_sites.fract_transf_matrix[1][2]   -0.02762479 
_atom_sites.fract_transf_matrix[1][3]   0.02127437 
_atom_sites.fract_transf_matrix[2][1]   -0.00270521 
_atom_sites.fract_transf_matrix[2][2]   0.01443877 
_atom_sites.fract_transf_matrix[2][3]   0.02627172 
_atom_sites.fract_transf_matrix[3][1]   -0.02431492 
_atom_sites.fract_transf_matrix[3][2]   -0.00297057 
_atom_sites.fract_transf_matrix[3][3]   0.00699907 
_atom_sites.fract_transf_vector[1]      0.135376 
_atom_sites.fract_transf_vector[2]      0.323618 
_atom_sites.fract_transf_vector[3]      0.410297 
# 
loop_
_atom_type.symbol 
C 
N 
O 
S 
# 
loop_
_atom_site.group_PDB 
_atom_site.id 
_atom_site.type_symbol 
_atom_site.label_atom_id 
_atom_site.label_alt_id 
_atom_site.label_comp_id 
_atom_site.label_asym_id 
_atom_site.label_entity_id 
_atom_site.label_seq_id 
_atom_site.pdbx_PDB_ins_code 
_atom_site.Cartn_x 
_atom_site.Cartn_y 
_atom_site.Cartn_z 
_atom_site.occupancy 
_atom_site.B_iso_or_equiv 
_atom_site.pdbx_formal_charge 
_atom_site.auth_seq_id 
_atom_site.auth_comp_id 
_atom_site.auth_asym_id 
_atom_site.auth_atom_id 
_atom_site.pdbx_PDB_model_num 
ATOM   1    N N   . GLY A 1 1   ? 12.108  6.605   14.120  1.00 17.41  ? 1   GLY A N   1 
ATOM   2    C CA  . GLY A 1 1   ? 13.559  6.889   13.865  1.00 16.51  ? 1   GLY A CA  1 
ATOM   3    C C   . GLY A 1 1   ? 14.134  6.055   12.732  1.00 16.11  ? 1   GLY A C   1 
ATOM   4    O O   . GLY A 1 1   ? 13.394  5.388   12.009  1.00 16.11  ? 1   GLY A O   1 
ATOM   5    N N   . MET A 1 2   ? 15.456  6.082   12.589  1.00 15.48  ? 2   MET A N   1 
ATOM   6    C CA  . MET A 1 2   ? 16.116  5.415   11.460  1.00 15.47  ? 2   MET A CA  1 
ATOM   7    C C   . MET A 1 2   ? 16.122  3.895   11.579  1.00 14.74  ? 2   MET A C   1 
ATOM   8    O O   . MET A 1 2   ? 16.257  3.188   10.573  1.00 13.77  ? 2   MET A O   1 
ATOM   9    C CB  . MET A 1 2   ? 17.534  5.958   11.255  1.00 15.75  ? 2   MET A CB  1 
ATOM   10   C CG  . MET A 1 2   ? 17.895  6.195   9.798   1.00 19.79  ? 2   MET A CG  1 
ATOM   11   S SD  . MET A 1 2   ? 17.046  7.625   9.049   1.00 16.67  ? 2   MET A SD  1 
ATOM   12   C CE  . MET A 1 2   ? 18.251  8.016   7.799   1.00 21.08  ? 2   MET A CE  1 
ATOM   13   N N   . THR A 1 3   ? 15.962  3.396   12.799  1.00 14.20  ? 3   THR A N   1 
ATOM   14   C CA  . THR A 1 3   ? 15.954  1.952   13.035  1.00 14.47  ? 3   THR A CA  1 
ATOM   15   C C   . THR A 1 3   ? 14.540  1.385   12.956  1.00 14.21  ? 3   THR A C   1 
ATOM   16   O O   . THR A 1 3   ? 14.352  0.170   13.044  1.00 15.11  ? 3   THR A O   1 
ATOM   17   C CB  . THR A 1 3   ? 16.566  1.584   14.406  1.00 14.26  ? 3   THR A CB  1 
ATOM   18   O OG1 . THR A 1 3   ? 15.693  2.013   15.451  1.00 15.81  ? 3   THR A OG1 1 
ATOM   19   C CG2 . THR A 1 3   ? 17.950  2.224   14.578  1.00 13.75  ? 3   THR A CG2 1 
ATOM   20   N N   . SER A 1 4   ? 13.550  2.259   12.803  1.00 13.97  ? 4   SER A N   1 
ATOM   21   C CA  . SER A 1 4   ? 12.142  1.849   12.821  1.00 14.53  ? 4   SER A CA  1 
ATOM   22   C C   . SER A 1 4   ? 11.721  1.297   11.467  1.00 13.60  ? 4   SER A C   1 
ATOM   23   O O   . SER A 1 4   ? 12.123  1.833   10.439  1.00 13.10  ? 4   SER A O   1 
ATOM   24   C CB  . SER A 1 4   ? 11.242  3.042   13.155  1.00 15.01  ? 4   SER A CB  1 
ATOM   25   O OG  . SER A 1 4   ? 11.652  3.643   14.371  1.00 18.04  ? 4   SER A OG  1 
ATOM   26   N N   . PRO A 1 5   ? 10.869  0.252   11.461  1.00 13.85  ? 5   PRO A N   1 
ATOM   27   C CA  . PRO A 1 5   ? 10.364  -0.250  10.181  1.00 13.71  ? 5   PRO A CA  1 
ATOM   28   C C   . PRO A 1 5   ? 9.606   0.797   9.375   1.00 14.05  ? 5   PRO A C   1 
ATOM   29   O O   . PRO A 1 5   ? 9.015   1.735   9.931   1.00 13.96  ? 5   PRO A O   1 
ATOM   30   C CB  . PRO A 1 5   ? 9.411   -1.386  10.580  1.00 14.32  ? 5   PRO A CB  1 
ATOM   31   C CG  . PRO A 1 5   ? 9.790   -1.749  11.960  1.00 14.73  ? 5   PRO A CG  1 
ATOM   32   C CD  . PRO A 1 5   ? 10.352  -0.522  12.605  1.00 14.09  ? 5   PRO A CD  1 
ATOM   33   N N   . VAL A 1 6   ? 9.644   0.620   8.060   1.00 13.16  ? 6   VAL A N   1 
ATOM   34   C CA  . VAL A 1 6   ? 8.971   1.521   7.146   1.00 13.29  ? 6   VAL A CA  1 
ATOM   35   C C   . VAL A 1 6   ? 8.335   0.700   6.052   1.00 13.64  ? 6   VAL A C   1 
ATOM   36   O O   . VAL A 1 6   ? 8.709   -0.459  5.841   1.00 13.91  ? 6   VAL A O   1 
ATOM   37   C CB  . VAL A 1 6   ? 9.942   2.590   6.509   1.00 13.40  ? 6   VAL A CB  1 
ATOM   38   C CG1 . VAL A 1 6   ? 10.534  3.498   7.561   1.00 16.05  ? 6   VAL A CG1 1 
ATOM   39   C CG2 . VAL A 1 6   ? 11.047  1.941   5.634   1.00 14.63  ? 6   VAL A CG2 1 
ATOM   40   N N   . ALA A 1 7   ? 7.365   1.303   5.371   1.00 13.04  ? 7   ALA A N   1 
ATOM   41   C CA  . ALA A 1 7   ? 6.802   0.718   4.157   1.00 12.33  ? 7   ALA A CA  1 
ATOM   42   C C   . ALA A 1 7   ? 6.853   1.734   3.010   1.00 12.47  ? 7   ALA A C   1 
ATOM   43   O O   . ALA A 1 7   ? 7.035   2.921   3.223   1.00 13.04  ? 7   ALA A O   1 
ATOM   44   C CB  . ALA A 1 7   ? 5.364   0.219   4.395   1.00 12.96  ? 7   ALA A CB  1 
ATOM   45   N N   . VAL A 1 8   ? 6.690   1.255   1.783   1.00 11.58  ? 8   VAL A N   1 
ATOM   46   C CA  . VAL A 1 8   ? 6.669   2.129   0.623   1.00 12.52  ? 8   VAL A CA  1 
ATOM   47   C C   . VAL A 1 8   ? 5.572   1.630   -0.296  1.00 12.14  ? 8   VAL A C   1 
ATOM   48   O O   . VAL A 1 8   ? 5.415   0.413   -0.489  1.00 12.64  ? 8   VAL A O   1 
ATOM   49   C CB  . VAL A 1 8   ? 8.015   2.086   -0.162  1.00 12.47  ? 8   VAL A CB  1 
ATOM   50   C CG1 . VAL A 1 8   ? 7.988   3.033   -1.363  1.00 13.98  ? 8   VAL A CG1 1 
ATOM   51   C CG2 . VAL A 1 8   ? 9.186   2.420   0.747   1.00 12.90  ? 8   VAL A CG2 1 
ATOM   52   N N   . ILE A 1 9   ? 4.786   2.566   -0.819  1.00 12.17  ? 9   ILE A N   1 
ATOM   53   C CA  . ILE A 1 9   ? 3.878   2.258   -1.920  1.00 12.97  ? 9   ILE A CA  1 
ATOM   54   C C   . ILE A 1 9   ? 4.450   2.951   -3.141  1.00 11.77  ? 9   ILE A C   1 
ATOM   55   O O   . ILE A 1 9   ? 4.740   4.143   -3.100  1.00 12.47  ? 9   ILE A O   1 
ATOM   56   C CB  . ILE A 1 9   ? 2.444   2.779   -1.663  1.00 13.51  ? 9   ILE A CB  1 
ATOM   57   C CG1 . ILE A 1 9   ? 1.835   2.083   -0.458  1.00 15.04  ? 9   ILE A CG1 1 
ATOM   58   C CG2 . ILE A 1 9   ? 1.539   2.563   -2.913  1.00 13.94  ? 9   ILE A CG2 1 
ATOM   59   C CD1 . ILE A 1 9   ? 0.534   2.747   0.047   1.00 15.88  ? 9   ILE A CD1 1 
ATOM   60   N N   . ALA A 1 10  ? 4.594   2.205   -4.231  1.00 10.78  ? 10  ALA A N   1 
ATOM   61   C CA  . ALA A 1 10  ? 5.046   2.794   -5.493  1.00 10.96  ? 10  ALA A CA  1 
ATOM   62   C C   . ALA A 1 10  ? 4.013   2.445   -6.544  1.00 11.20  ? 10  ALA A C   1 
ATOM   63   O O   . ALA A 1 10  ? 3.709   1.260   -6.756  1.00 12.15  ? 10  ALA A O   1 
ATOM   64   C CB  . ALA A 1 10  ? 6.408   2.254   -5.886  1.00 11.51  ? 10  ALA A CB  1 
ATOM   65   N N   . ARG A 1 11  ? 3.497   3.475   -7.201  1.00 11.99  ? 11  ARG A N   1 
ATOM   66   C CA  . ARG A 1 11  ? 2.457   3.316   -8.231  1.00 12.10  ? 11  ARG A CA  1 
ATOM   67   C C   . ARG A 1 11  ? 3.014   3.671   -9.596  1.00 11.77  ? 11  ARG A C   1 
ATOM   68   O O   . ARG A 1 11  ? 3.645   4.727   -9.761  1.00 12.61  ? 11  ARG A O   1 
ATOM   69   C CB  . ARG A 1 11  ? 1.244   4.198   -7.916  1.00 13.09  ? 11  ARG A CB  1 
ATOM   70   C CG  . ARG A 1 11  ? 0.771   4.074   -6.485  1.00 17.15  ? 11  ARG A CG  1 
ATOM   71   C CD  A ARG A 1 11  ? -0.564  4.774   -6.255  0.65 20.95  ? 11  ARG A CD  1 
ATOM   72   C CD  B ARG A 1 11  ? -0.544  4.803   -6.280  0.35 20.01  ? 11  ARG A CD  1 
ATOM   73   N NE  A ARG A 1 11  ? -1.612  3.765   -6.103  0.65 22.42  ? 11  ARG A NE  1 
ATOM   74   N NE  B ARG A 1 11  ? -0.470  6.203   -6.677  0.35 22.24  ? 11  ARG A NE  1 
ATOM   75   C CZ  A ARG A 1 11  ? -2.336  3.569   -5.004  0.65 24.10  ? 11  ARG A CZ  1 
ATOM   76   C CZ  B ARG A 1 11  ? -1.516  6.941   -7.041  0.35 23.25  ? 11  ARG A CZ  1 
ATOM   77   N NH1 A ARG A 1 11  ? -3.229  2.600   -4.991  0.65 24.59  ? 11  ARG A NH1 1 
ATOM   78   N NH1 B ARG A 1 11  ? -1.340  8.209   -7.378  0.35 23.19  ? 11  ARG A NH1 1 
ATOM   79   N NH2 A ARG A 1 11  ? -2.197  4.340   -3.927  0.65 22.71  ? 11  ARG A NH2 1 
ATOM   80   N NH2 B ARG A 1 11  ? -2.735  6.416   -7.075  0.35 24.39  ? 11  ARG A NH2 1 
ATOM   81   N N   . PHE A 1 12  ? 2.769   2.786   -10.569 1.00 10.82  ? 12  PHE A N   1 
ATOM   82   C CA  . PHE A 1 12  ? 3.306   2.938   -11.929 1.00 11.08  ? 12  PHE A CA  1 
ATOM   83   C C   . PHE A 1 12  ? 2.169   2.986   -12.922 1.00 11.34  ? 12  PHE A C   1 
ATOM   84   O O   . PHE A 1 12  ? 1.294   2.119   -12.901 1.00 11.17  ? 12  PHE A O   1 
ATOM   85   C CB  . PHE A 1 12  ? 4.209   1.764   -12.304 1.00 11.19  ? 12  PHE A CB  1 
ATOM   86   C CG  . PHE A 1 12  ? 5.304   1.493   -11.314 1.00 10.65  ? 12  PHE A CG  1 
ATOM   87   C CD1 . PHE A 1 12  ? 5.046   0.761   -10.153 1.00 11.12  ? 12  PHE A CD1 1 
ATOM   88   C CD2 . PHE A 1 12  ? 6.592   1.964   -11.550 1.00 10.42  ? 12  PHE A CD2 1 
ATOM   89   C CE1 . PHE A 1 12  ? 6.074   0.527   -9.226  1.00 12.48  ? 12  PHE A CE1 1 
ATOM   90   C CE2 . PHE A 1 12  ? 7.621   1.717   -10.644 1.00 13.17  ? 12  PHE A CE2 1 
ATOM   91   C CZ  . PHE A 1 12  ? 7.361   1.005   -9.483  1.00 12.82  ? 12  PHE A CZ  1 
ATOM   92   N N   . MET A 1 13  ? 2.201   3.981   -13.804 1.00 11.74  ? 13  MET A N   1 
ATOM   93   C CA  . MET A 1 13  ? 1.158   4.129   -14.805 1.00 12.34  ? 13  MET A CA  1 
ATOM   94   C C   . MET A 1 13  ? 1.782   3.988   -16.201 1.00 12.16  ? 13  MET A C   1 
ATOM   95   O O   . MET A 1 13  ? 2.168   4.976   -16.827 1.00 13.01  ? 13  MET A O   1 
ATOM   96   C CB  . MET A 1 13  ? 0.401   5.456   -14.606 1.00 13.84  ? 13  MET A CB  1 
ATOM   97   C CG  . MET A 1 13  ? -0.411  5.540   -13.309 1.00 14.24  ? 13  MET A CG  1 
ATOM   98   S SD  . MET A 1 13  ? 0.612   5.799   -11.814 1.00 16.14  ? 13  MET A SD  1 
ATOM   99   C CE  . MET A 1 13  ? -0.609  6.347   -10.610 1.00 18.52  ? 13  MET A CE  1 
ATOM   100  N N   . PRO A 1 14  ? 1.918   2.740   -16.686 1.00 11.85  ? 14  PRO A N   1 
ATOM   101  C CA  . PRO A 1 14  ? 2.582   2.538   -17.968 1.00 11.61  ? 14  PRO A CA  1 
ATOM   102  C C   . PRO A 1 14  ? 1.772   3.043   -19.136 1.00 11.50  ? 14  PRO A C   1 
ATOM   103  O O   . PRO A 1 14  ? 0.540   3.099   -19.070 1.00 11.47  ? 14  PRO A O   1 
ATOM   104  C CB  . PRO A 1 14  ? 2.711   1.011   -18.070 1.00 11.58  ? 14  PRO A CB  1 
ATOM   105  C CG  . PRO A 1 14  ? 1.613   0.479   -17.234 1.00 11.45  ? 14  PRO A CG  1 
ATOM   106  C CD  . PRO A 1 14  ? 1.489   1.462   -16.082 1.00 11.61  ? 14  PRO A CD  1 
ATOM   107  N N   . ARG A 1 15  ? 2.462   3.410   -20.207 1.00 11.52  ? 15  ARG A N   1 
ATOM   108  C CA  . ARG A 1 15  ? 1.792   3.529   -21.484 1.00 10.94  ? 15  ARG A CA  1 
ATOM   109  C C   . ARG A 1 15  ? 1.286   2.137   -21.838 1.00 11.10  ? 15  ARG A C   1 
ATOM   110  O O   . ARG A 1 15  ? 1.940   1.144   -21.504 1.00 10.51  ? 15  ARG A O   1 
ATOM   111  C CB  . ARG A 1 15  ? 2.747   4.004   -22.571 1.00 11.62  ? 15  ARG A CB  1 
ATOM   112  C CG  . ARG A 1 15  ? 3.383   5.360   -22.337 1.00 12.38  ? 15  ARG A CG  1 
ATOM   113  C CD  . ARG A 1 15  ? 3.981   5.870   -23.648 1.00 12.41  ? 15  ARG A CD  1 
ATOM   114  N NE  . ARG A 1 15  ? 4.712   4.805   -24.338 1.00 12.87  ? 15  ARG A NE  1 
ATOM   115  C CZ  . ARG A 1 15  ? 5.995   4.524   -24.127 1.00 13.23  ? 15  ARG A CZ  1 
ATOM   116  N NH1 . ARG A 1 15  ? 6.698   5.246   -23.267 1.00 13.84  ? 15  ARG A NH1 1 
ATOM   117  N NH2 . ARG A 1 15  ? 6.571   3.520   -24.773 1.00 13.20  ? 15  ARG A NH2 1 
ATOM   118  N N   . PRO A 1 16  ? 0.125   2.058   -22.519 1.00 11.51  ? 16  PRO A N   1 
ATOM   119  C CA  . PRO A 1 16  ? -0.402  0.752   -22.923 1.00 11.84  ? 16  PRO A CA  1 
ATOM   120  C C   . PRO A 1 16  ? 0.630   -0.112  -23.638 1.00 12.15  ? 16  PRO A C   1 
ATOM   121  O O   . PRO A 1 16  ? 0.754   -1.306  -23.323 1.00 12.52  ? 16  PRO A O   1 
ATOM   122  C CB  . PRO A 1 16  ? -1.578  1.115   -23.843 1.00 12.10  ? 16  PRO A CB  1 
ATOM   123  C CG  . PRO A 1 16  ? -2.056  2.447   -23.296 1.00 12.35  ? 16  PRO A CG  1 
ATOM   124  C CD  . PRO A 1 16  ? -0.774  3.160   -22.908 1.00 12.04  ? 16  PRO A CD  1 
ATOM   125  N N   . ASP A 1 17  ? 1.390   0.482   -24.559 1.00 12.02  ? 17  ASP A N   1 
ATOM   126  C CA  . ASP A 1 17  ? 2.376   -0.287  -25.330 1.00 12.36  ? 17  ASP A CA  1 
ATOM   127  C C   . ASP A 1 17  ? 3.554   -0.742  -24.482 1.00 11.51  ? 17  ASP A C   1 
ATOM   128  O O   . ASP A 1 17  ? 4.294   -1.637  -24.881 1.00 11.61  ? 17  ASP A O   1 
ATOM   129  C CB  . ASP A 1 17  ? 2.888   0.503   -26.540 1.00 12.68  ? 17  ASP A CB  1 
ATOM   130  C CG  . ASP A 1 17  ? 3.777   1.676   -26.147 1.00 14.80  ? 17  ASP A CG  1 
ATOM   131  O OD1 . ASP A 1 17  ? 3.242   2.730   -25.740 1.00 16.79  ? 17  ASP A OD1 1 
ATOM   132  O OD2 . ASP A 1 17  ? 5.017   1.547   -26.265 1.00 18.11  ? 17  ASP A OD2 1 
ATOM   133  N N   . ALA A 1 18  ? 3.724   -0.124  -23.318 1.00 10.43  ? 18  ALA A N   1 
ATOM   134  C CA  . ALA A 1 18  ? 4.878   -0.405  -22.468 1.00 10.09  ? 18  ALA A CA  1 
ATOM   135  C C   . ALA A 1 18  ? 4.546   -1.311  -21.292 1.00 10.36  ? 18  ALA A C   1 
ATOM   136  O O   . ALA A 1 18  ? 5.416   -1.593  -20.481 1.00 10.06  ? 18  ALA A O   1 
ATOM   137  C CB  . ALA A 1 18  ? 5.467   0.907   -21.940 1.00 9.70   ? 18  ALA A CB  1 
ATOM   138  N N   . ARG A 1 19  ? 3.294   -1.755  -21.191 1.00 11.41  ? 19  ARG A N   1 
ATOM   139  C CA  . ARG A 1 19  ? 2.878   -2.480  -19.989 1.00 11.82  ? 19  ARG A CA  1 
ATOM   140  C C   . ARG A 1 19  ? 3.672   -3.771  -19.754 1.00 11.40  ? 19  ARG A C   1 
ATOM   141  O O   . ARG A 1 19  ? 4.159   -4.003  -18.642 1.00 11.73  ? 19  ARG A O   1 
ATOM   142  C CB  . ARG A 1 19  ? 1.385   -2.777  -20.023 1.00 12.37  ? 19  ARG A CB  1 
ATOM   143  C CG  . ARG A 1 19  ? 0.844   -3.142  -18.653 1.00 15.45  ? 19  ARG A CG  1 
ATOM   144  C CD  . ARG A 1 19  ? -0.556  -3.697  -18.826 1.00 19.25  ? 19  ARG A CD  1 
ATOM   145  N NE  A ARG A 1 19  ? -1.105  -4.223  -17.581 0.65 21.62  ? 19  ARG A NE  1 
ATOM   146  N NE  B ARG A 1 19  ? -1.428  -3.412  -17.686 0.35 19.02  ? 19  ARG A NE  1 
ATOM   147  C CZ  A ARG A 1 19  ? -1.721  -3.475  -16.673 0.65 22.96  ? 19  ARG A CZ  1 
ATOM   148  C CZ  B ARG A 1 19  ? -1.696  -4.279  -16.713 0.35 19.22  ? 19  ARG A CZ  1 
ATOM   149  N NH1 A ARG A 1 19  ? -1.852  -2.169  -16.869 0.65 23.83  ? 19  ARG A NH1 1 
ATOM   150  N NH1 B ARG A 1 19  ? -1.147  -5.485  -16.722 0.35 18.80  ? 19  ARG A NH1 1 
ATOM   151  N NH2 A ARG A 1 19  ? -2.205  -4.030  -15.567 0.65 24.34  ? 19  ARG A NH2 1 
ATOM   152  N NH2 B ARG A 1 19  ? -2.511  -3.935  -15.722 0.35 19.43  ? 19  ARG A NH2 1 
ATOM   153  N N   . SER A 1 20  ? 3.811   -4.609  -20.788 1.00 11.34  ? 20  SER A N   1 
ATOM   154  C CA  . SER A 1 20  ? 4.599   -5.843  -20.634 1.00 12.11  ? 20  SER A CA  1 
ATOM   155  C C   . SER A 1 20  ? 6.069   -5.552  -20.316 1.00 11.26  ? 20  SER A C   1 
ATOM   156  O O   . SER A 1 20  ? 6.680   -6.256  -19.522 1.00 11.70  ? 20  SER A O   1 
ATOM   157  C CB  . SER A 1 20  ? 4.468   -6.765  -21.853 1.00 12.29  ? 20  SER A CB  1 
ATOM   158  O OG  . SER A 1 20  ? 4.980   -6.161  -23.015 1.00 15.72  ? 20  SER A OG  1 
ATOM   159  N N   . ALA A 1 21  ? 6.615   -4.485  -20.891 1.00 10.59  ? 21  ALA A N   1 
ATOM   160  C CA  . ALA A 1 21  ? 7.978   -4.074  -20.572 1.00 10.43  ? 21  ALA A CA  1 
ATOM   161  C C   . ALA A 1 21  ? 8.121   -3.639  -19.104 1.00 10.11  ? 21  ALA A C   1 
ATOM   162  O O   . ALA A 1 21  ? 9.109   -3.989  -18.428 1.00 10.37  ? 21  ALA A O   1 
ATOM   163  C CB  . ALA A 1 21  ? 8.447   -2.966  -21.542 1.00 10.44  ? 21  ALA A CB  1 
ATOM   164  N N   . LEU A 1 22  ? 7.132   -2.904  -18.604 1.00 9.52   ? 22  LEU A N   1 
ATOM   165  C CA  . LEU A 1 22  ? 7.172   -2.472  -17.212 1.00 10.19  ? 22  LEU A CA  1 
ATOM   166  C C   . LEU A 1 22  ? 7.078   -3.685  -16.300 1.00 10.47  ? 22  LEU A C   1 
ATOM   167  O O   . LEU A 1 22  ? 7.829   -3.791  -15.328 1.00 11.23  ? 22  LEU A O   1 
ATOM   168  C CB  . LEU A 1 22  ? 6.034   -1.503  -16.908 1.00 9.81   ? 22  LEU A CB  1 
ATOM   169  C CG  . LEU A 1 22  ? 5.955   -1.062  -15.436 1.00 10.79  ? 22  LEU A CG  1 
ATOM   170  C CD1 . LEU A 1 22  ? 7.180   -0.290  -14.970 1.00 14.38  ? 22  LEU A CD1 1 
ATOM   171  C CD2 . LEU A 1 22  ? 4.673   -0.273  -15.283 1.00 13.28  ? 22  LEU A CD2 1 
ATOM   172  N N   . ARG A 1 23  ? 6.170   -4.601  -16.621 1.00 11.30  ? 23  ARG A N   1 
ATOM   173  C CA  . ARG A 1 23  ? 6.030   -5.807  -15.804 1.00 11.91  ? 23  ARG A CA  1 
ATOM   174  C C   . ARG A 1 23  ? 7.368   -6.548  -15.695 1.00 12.04  ? 23  ARG A C   1 
ATOM   175  O O   . ARG A 1 23  ? 7.779   -6.946  -14.594 1.00 12.65  ? 23  ARG A O   1 
ATOM   176  C CB  . ARG A 1 23  ? 4.930   -6.719  -16.347 1.00 11.66  ? 23  ARG A CB  1 
ATOM   177  C CG  . ARG A 1 23  ? 4.856   -8.065  -15.633 1.00 12.79  ? 23  ARG A CG  1 
ATOM   178  C CD  . ARG A 1 23  ? 4.429   -7.899  -14.196 1.00 13.49  ? 23  ARG A CD  1 
ATOM   179  N NE  . ARG A 1 23  ? 4.427   -9.182  -13.484 1.00 14.84  ? 23  ARG A NE  1 
ATOM   180  C CZ  . ARG A 1 23  ? 3.460   -10.092 -13.557 1.00 16.92  ? 23  ARG A CZ  1 
ATOM   181  N NH1 . ARG A 1 23  ? 3.577   -11.219 -12.857 1.00 16.77  ? 23  ARG A NH1 1 
ATOM   182  N NH2 . ARG A 1 23  ? 2.376   -9.884  -14.302 1.00 14.26  ? 23  ARG A NH2 1 
ATOM   183  N N   . ALA A 1 24  ? 8.067   -6.694  -16.818 1.00 12.14  ? 24  ALA A N   1 
ATOM   184  C CA  . ALA A 1 24  ? 9.373   -7.370  -16.838 1.00 12.35  ? 24  ALA A CA  1 
ATOM   185  C C   . ALA A 1 24  ? 10.423  -6.648  -15.994 1.00 12.94  ? 24  ALA A C   1 
ATOM   186  O O   . ALA A 1 24  ? 11.212  -7.285  -15.290 1.00 13.29  ? 24  ALA A O   1 
ATOM   187  C CB  . ALA A 1 24  ? 9.852   -7.531  -18.257 1.00 12.79  ? 24  ALA A CB  1 
ATOM   188  N N   . LEU A 1 25  ? 10.418  -5.318  -16.070 1.00 12.32  ? 25  LEU A N   1 
ATOM   189  C CA  . LEU A 1 25  ? 11.333  -4.488  -15.289 1.00 12.42  ? 25  LEU A CA  1 
ATOM   190  C C   . LEU A 1 25  ? 11.088  -4.669  -13.795 1.00 12.15  ? 25  LEU A C   1 
ATOM   191  O O   . LEU A 1 25  ? 12.031  -4.848  -13.009 1.00 12.36  ? 25  LEU A O   1 
ATOM   192  C CB  . LEU A 1 25  ? 11.185  -3.019  -15.686 1.00 12.41  ? 25  LEU A CB  1 
ATOM   193  C CG  . LEU A 1 25  ? 12.252  -2.093  -15.114 1.00 14.72  ? 25  LEU A CG  1 
ATOM   194  C CD1 . LEU A 1 25  ? 13.583  -2.294  -15.832 1.00 17.14  ? 25  LEU A CD1 1 
ATOM   195  C CD2 . LEU A 1 25  ? 11.790  -0.653  -15.260 1.00 15.84  ? 25  LEU A CD2 1 
ATOM   196  N N   . LEU A 1 26  ? 9.818   -4.619  -13.404 1.00 12.23  ? 26  LEU A N   1 
ATOM   197  C CA  . LEU A 1 26  ? 9.477   -4.785  -11.999 1.00 11.76  ? 26  LEU A CA  1 
ATOM   198  C C   . LEU A 1 26  ? 9.693   -6.228  -11.539 1.00 12.15  ? 26  LEU A C   1 
ATOM   199  O O   . LEU A 1 26  ? 10.167  -6.453  -10.429 1.00 11.93  ? 26  LEU A O   1 
ATOM   200  C CB  . LEU A 1 26  ? 8.053   -4.289  -11.731 1.00 12.36  ? 26  LEU A CB  1 
ATOM   201  C CG  . LEU A 1 26  ? 7.791   -2.810  -12.055 1.00 12.31  ? 26  LEU A CG  1 
ATOM   202  C CD1 . LEU A 1 26  ? 6.371   -2.441  -11.665 1.00 13.25  ? 26  LEU A CD1 1 
ATOM   203  C CD2 . LEU A 1 26  ? 8.789   -1.878  -11.377 1.00 14.79  ? 26  LEU A CD2 1 
ATOM   204  N N   . ASP A 1 27  ? 9.399   -7.202  -12.401 1.00 12.27  ? 27  ASP A N   1 
ATOM   205  C CA  . ASP A 1 27  ? 9.628   -8.611  -12.070 1.00 13.08  ? 27  ASP A CA  1 
ATOM   206  C C   . ASP A 1 27  ? 11.065  -8.865  -11.652 1.00 12.90  ? 27  ASP A C   1 
ATOM   207  O O   . ASP A 1 27  ? 11.316  -9.614  -10.703 1.00 13.31  ? 27  ASP A O   1 
ATOM   208  C CB  . ASP A 1 27  ? 9.316   -9.529  -13.260 1.00 13.07  ? 27  ASP A CB  1 
ATOM   209  C CG  . ASP A 1 27  ? 7.823   -9.788  -13.455 1.00 14.26  ? 27  ASP A CG  1 
ATOM   210  O OD1 . ASP A 1 27  ? 7.007   -9.551  -12.542 1.00 18.40  ? 27  ASP A OD1 1 
ATOM   211  O OD2 . ASP A 1 27  ? 7.454   -10.265 -14.564 1.00 17.04  ? 27  ASP A OD2 1 
ATOM   212  N N   . ALA A 1 28  ? 12.004  -8.246  -12.362 1.00 12.93  ? 28  ALA A N   1 
ATOM   213  C CA  . ALA A 1 28  ? 13.431  -8.464  -12.135 1.00 13.49  ? 28  ALA A CA  1 
ATOM   214  C C   . ALA A 1 28  ? 13.909  -7.923  -10.786 1.00 13.70  ? 28  ALA A C   1 
ATOM   215  O O   . ALA A 1 28  ? 14.988  -8.273  -10.321 1.00 14.75  ? 28  ALA A O   1 
ATOM   216  C CB  . ALA A 1 28  ? 14.242  -7.856  -13.264 1.00 13.93  ? 28  ALA A CB  1 
ATOM   217  N N   . MET A 1 29  ? 13.095  -7.070  -10.177 1.00 13.75  ? 29  MET A N   1 
ATOM   218  C CA  . MET A 1 29  ? 13.414  -6.480  -8.873  1.00 13.56  ? 29  MET A CA  1 
ATOM   219  C C   . MET A 1 29  ? 13.058  -7.417  -7.735  1.00 13.58  ? 29  MET A C   1 
ATOM   220  O O   . MET A 1 29  ? 13.586  -7.286  -6.635  1.00 13.00  ? 29  MET A O   1 
ATOM   221  C CB  . MET A 1 29  ? 12.640  -5.180  -8.687  1.00 13.57  ? 29  MET A CB  1 
ATOM   222  C CG  . MET A 1 29  ? 13.169  -4.014  -9.533  1.00 14.10  ? 29  MET A CG  1 
ATOM   223  S SD  . MET A 1 29  ? 14.776  -3.414  -8.968  1.00 10.88  ? 29  MET A SD  1 
ATOM   224  C CE  . MET A 1 29  ? 14.317  -2.599  -7.441  1.00 15.45  ? 29  MET A CE  1 
ATOM   225  N N   . ILE A 1 30  ? 12.131  -8.333  -7.987  1.00 13.93  ? 30  ILE A N   1 
ATOM   226  C CA  . ILE A 1 30  ? 11.499  -9.089  -6.910  1.00 14.20  ? 30  ILE A CA  1 
ATOM   227  C C   . ILE A 1 30  ? 12.451  -10.017 -6.166  1.00 14.06  ? 30  ILE A C   1 
ATOM   228  O O   . ILE A 1 30  ? 12.569  -9.934  -4.949  1.00 13.95  ? 30  ILE A O   1 
ATOM   229  C CB  . ILE A 1 30  ? 10.220  -9.838  -7.385  1.00 13.94  ? 30  ILE A CB  1 
ATOM   230  C CG1 . ILE A 1 30  ? 9.186   -8.809  -7.850  1.00 14.84  ? 30  ILE A CG1 1 
ATOM   231  C CG2 . ILE A 1 30  ? 9.652   -10.687 -6.255  1.00 15.82  ? 30  ILE A CG2 1 
ATOM   232  C CD1 . ILE A 1 30  ? 7.900   -9.421  -8.396  1.00 14.46  ? 30  ILE A CD1 1 
ATOM   233  N N   . THR A 1 31  ? 13.135  -10.902 -6.890  1.00 14.07  ? 31  THR A N   1 
ATOM   234  C CA  . THR A 1 31  ? 14.075  -11.816 -6.224  1.00 14.09  ? 31  THR A CA  1 
ATOM   235  C C   . THR A 1 31  ? 15.207  -11.108 -5.430  1.00 13.59  ? 31  THR A C   1 
ATOM   236  O O   . THR A 1 31  ? 15.356  -11.374 -4.231  1.00 13.84  ? 31  THR A O   1 
ATOM   237  C CB  . THR A 1 31  ? 14.582  -12.899 -7.186  1.00 14.47  ? 31  THR A CB  1 
ATOM   238  O OG1 . THR A 1 31  ? 13.516  -13.832 -7.384  1.00 14.61  ? 31  THR A OG1 1 
ATOM   239  C CG2 . THR A 1 31  ? 15.774  -13.639 -6.608  1.00 14.57  ? 31  THR A CG2 1 
ATOM   240  N N   . PRO A 1 32  ? 15.983  -10.212 -6.084  1.00 13.06  ? 32  PRO A N   1 
ATOM   241  C CA  . PRO A 1 32  ? 17.052  -9.531  -5.335  1.00 12.85  ? 32  PRO A CA  1 
ATOM   242  C C   . PRO A 1 32  ? 16.541  -8.650  -4.196  1.00 11.99  ? 32  PRO A C   1 
ATOM   243  O O   . PRO A 1 32  ? 17.214  -8.555  -3.166  1.00 12.61  ? 32  PRO A O   1 
ATOM   244  C CB  . PRO A 1 32  ? 17.760  -8.679  -6.392  1.00 13.16  ? 32  PRO A CB  1 
ATOM   245  C CG  . PRO A 1 32  ? 16.800  -8.581  -7.546  1.00 12.71  ? 32  PRO A CG  1 
ATOM   246  C CD  . PRO A 1 32  ? 15.955  -9.809  -7.501  1.00 13.51  ? 32  PRO A CD  1 
ATOM   247  N N   . THR A 1 33  ? 15.369  -8.031  -4.352  1.00 11.69  ? 33  THR A N   1 
ATOM   248  C CA  . THR A 1 33  ? 14.848  -7.199  -3.265  1.00 11.22  ? 33  THR A CA  1 
ATOM   249  C C   . THR A 1 33  ? 14.373  -8.049  -2.097  1.00 11.21  ? 33  THR A C   1 
ATOM   250  O O   . THR A 1 33  ? 14.710  -7.759  -0.958  1.00 10.83  ? 33  THR A O   1 
ATOM   251  C CB  . THR A 1 33  ? 13.734  -6.243  -3.708  1.00 11.45  ? 33  THR A CB  1 
ATOM   252  O OG1 . THR A 1 33  ? 14.200  -5.462  -4.825  1.00 13.28  ? 33  THR A OG1 1 
ATOM   253  C CG2 . THR A 1 33  ? 13.383  -5.317  -2.534  1.00 12.23  ? 33  THR A CG2 1 
ATOM   254  N N   . ARG A 1 34  ? 13.615  -9.109  -2.368  1.00 11.00  ? 34  ARG A N   1 
ATOM   255  C CA  . ARG A 1 34  ? 13.183  -9.997  -1.278  1.00 11.52  ? 34  ARG A CA  1 
ATOM   256  C C   . ARG A 1 34  ? 14.381  -10.619 -0.561  1.00 12.35  ? 34  ARG A C   1 
ATOM   257  O O   . ARG A 1 34  ? 14.281  -10.945 0.618   1.00 12.81  ? 34  ARG A O   1 
ATOM   258  C CB  . ARG A 1 34  ? 12.234  -11.096 -1.771  1.00 11.48  ? 34  ARG A CB  1 
ATOM   259  C CG  . ARG A 1 34  ? 10.846  -10.580 -2.104  1.00 12.64  ? 34  ARG A CG  1 
ATOM   260  C CD  . ARG A 1 34  ? 9.949   -11.721 -2.571  1.00 12.84  ? 34  ARG A CD  1 
ATOM   261  N NE  . ARG A 1 34  ? 8.663   -11.217 -3.035  1.00 13.00  ? 34  ARG A NE  1 
ATOM   262  C CZ  . ARG A 1 34  ? 7.812   -11.894 -3.796  1.00 16.05  ? 34  ARG A CZ  1 
ATOM   263  N NH1 . ARG A 1 34  ? 8.087   -13.136 -4.191  1.00 16.20  ? 34  ARG A NH1 1 
ATOM   264  N NH2 . ARG A 1 34  ? 6.670   -11.325 -4.151  1.00 15.65  ? 34  ARG A NH2 1 
ATOM   265  N N   . ALA A 1 35  ? 15.496  -10.775 -1.281  1.00 12.48  ? 35  ALA A N   1 
ATOM   266  C CA  . ALA A 1 35  ? 16.725  -11.367 -0.728  1.00 13.36  ? 35  ALA A CA  1 
ATOM   267  C C   . ALA A 1 35  ? 17.505  -10.427 0.193   1.00 13.77  ? 35  ALA A C   1 
ATOM   268  O O   . ALA A 1 35  ? 18.369  -10.884 0.949   1.00 14.38  ? 35  ALA A O   1 
ATOM   269  C CB  . ALA A 1 35  ? 17.626  -11.894 -1.839  1.00 13.54  ? 35  ALA A CB  1 
ATOM   270  N N   . GLU A 1 36  ? 17.208  -9.131  0.115   1.00 13.77  ? 36  GLU A N   1 
ATOM   271  C CA  . GLU A 1 36  ? 17.807  -8.144  1.023   1.00 14.22  ? 36  GLU A CA  1 
ATOM   272  C C   . GLU A 1 36  ? 17.523  -8.490  2.483   1.00 13.93  ? 36  GLU A C   1 
ATOM   273  O O   . GLU A 1 36  ? 16.368  -8.726  2.863   1.00 13.40  ? 36  GLU A O   1 
ATOM   274  C CB  . GLU A 1 36  ? 17.286  -6.733  0.717   1.00 14.48  ? 36  GLU A CB  1 
ATOM   275  C CG  . GLU A 1 36  ? 17.677  -6.164  -0.653  1.00 14.17  ? 36  GLU A CG  1 
ATOM   276  C CD  . GLU A 1 36  ? 16.922  -4.878  -1.025  1.00 15.88  ? 36  GLU A CD  1 
ATOM   277  O OE1 . GLU A 1 36  ? 16.318  -4.234  -0.134  1.00 16.12  ? 36  GLU A OE1 1 
ATOM   278  O OE2 . GLU A 1 36  ? 16.923  -4.499  -2.222  1.00 15.53  ? 36  GLU A OE2 1 
ATOM   279  N N   . ASP A 1 37  ? 18.581  -8.495  3.298   1.00 14.14  ? 37  ASP A N   1 
ATOM   280  C CA  . ASP A 1 37  ? 18.479  -8.778  4.729   1.00 15.15  ? 37  ASP A CA  1 
ATOM   281  C C   . ASP A 1 37  ? 17.380  -7.939  5.376   1.00 14.23  ? 37  ASP A C   1 
ATOM   282  O O   . ASP A 1 37  ? 16.642  -8.412  6.242   1.00 14.85  ? 37  ASP A O   1 
ATOM   283  C CB  . ASP A 1 37  ? 19.823  -8.477  5.396   1.00 15.78  ? 37  ASP A CB  1 
ATOM   284  C CG  . ASP A 1 37  ? 19.890  -8.965  6.826   1.00 19.23  ? 37  ASP A CG  1 
ATOM   285  O OD1 . ASP A 1 37  ? 20.064  -10.186 7.030   1.00 24.41  ? 37  ASP A OD1 1 
ATOM   286  O OD2 . ASP A 1 37  ? 19.790  -8.128  7.749   1.00 23.55  ? 37  ASP A OD2 1 
ATOM   287  N N   . GLY A 1 38  ? 17.272  -6.693  4.928   1.00 13.79  ? 38  GLY A N   1 
ATOM   288  C CA  . GLY A 1 38  ? 16.368  -5.740  5.527   1.00 13.23  ? 38  GLY A CA  1 
ATOM   289  C C   . GLY A 1 38  ? 14.996  -5.630  4.905   1.00 12.75  ? 38  GLY A C   1 
ATOM   290  O O   . GLY A 1 38  ? 14.202  -4.800  5.334   1.00 13.12  ? 38  GLY A O   1 
ATOM   291  N N   . CYS A 1 39  ? 14.709  -6.445  3.894   1.00 11.92  ? 39  CYS A N   1 
ATOM   292  C CA  . CYS A 1 39  ? 13.405  -6.415  3.252   1.00 11.60  ? 39  CYS A CA  1 
ATOM   293  C C   . CYS A 1 39  ? 12.467  -7.426  3.911   1.00 11.93  ? 39  CYS A C   1 
ATOM   294  O O   . CYS A 1 39  ? 12.724  -8.640  3.863   1.00 12.38  ? 39  CYS A O   1 
ATOM   295  C CB  . CYS A 1 39  ? 13.526  -6.735  1.757   1.00 10.71  ? 39  CYS A CB  1 
ATOM   296  S SG  . CYS A 1 39  ? 11.907  -6.686  0.892   1.00 12.98  ? 39  CYS A SG  1 
ATOM   297  N N   . ARG A 1 40  ? 11.403  -6.923  4.541   1.00 11.95  ? 40  ARG A N   1 
ATOM   298  C CA  . ARG A 1 40  ? 10.376  -7.783  5.120   1.00 12.17  ? 40  ARG A CA  1 
ATOM   299  C C   . ARG A 1 40  ? 9.430   -8.338  4.046   1.00 11.90  ? 40  ARG A C   1 
ATOM   300  O O   . ARG A 1 40  ? 9.102   -9.521  4.055   1.00 12.39  ? 40  ARG A O   1 
ATOM   301  C CB  . ARG A 1 40  ? 9.586   -7.053  6.202   1.00 12.51  ? 40  ARG A CB  1 
ATOM   302  C CG  . ARG A 1 40  ? 8.319   -7.783  6.574   1.00 14.82  ? 40  ARG A CG  1 
ATOM   303  C CD  . ARG A 1 40  ? 7.588   -7.096  7.680   1.00 18.15  ? 40  ARG A CD  1 
ATOM   304  N NE  . ARG A 1 40  ? 6.243   -7.646  7.824   1.00 21.67  ? 40  ARG A NE  1 
ATOM   305  C CZ  . ARG A 1 40  ? 5.416   -7.335  8.816   1.00 23.61  ? 40  ARG A CZ  1 
ATOM   306  N NH1 . ARG A 1 40  ? 5.805   -6.490  9.769   1.00 24.34  ? 40  ARG A NH1 1 
ATOM   307  N NH2 . ARG A 1 40  ? 4.211   -7.885  8.874   1.00 24.61  ? 40  ARG A NH2 1 
ATOM   308  N N   . SER A 1 41  ? 8.976   -7.479  3.144   1.00 11.35  ? 41  SER A N   1 
ATOM   309  C CA  . SER A 1 41  ? 8.168   -7.941  2.008   1.00 11.95  ? 41  SER A CA  1 
ATOM   310  C C   . SER A 1 41  ? 8.288   -7.004  0.810   1.00 11.66  ? 41  SER A C   1 
ATOM   311  O O   . SER A 1 41  ? 8.681   -5.853  0.943   1.00 11.58  ? 41  SER A O   1 
ATOM   312  C CB  . SER A 1 41  ? 6.700   -8.107  2.429   1.00 12.77  ? 41  SER A CB  1 
ATOM   313  O OG  . SER A 1 41  ? 6.138   -6.882  2.829   1.00 15.72  ? 41  SER A OG  1 
ATOM   314  N N   . TYR A 1 42  ? 7.953   -7.527  -0.362  1.00 11.36  ? 42  TYR A N   1 
ATOM   315  C CA  . TYR A 1 42  ? 8.013   -6.765  -1.608  1.00 11.20  ? 42  TYR A CA  1 
ATOM   316  C C   . TYR A 1 42  ? 7.062   -7.474  -2.557  1.00 12.34  ? 42  TYR A C   1 
ATOM   317  O O   . TYR A 1 42  ? 7.392   -8.530  -3.092  1.00 12.69  ? 42  TYR A O   1 
ATOM   318  C CB  . TYR A 1 42  ? 9.451   -6.803  -2.122  1.00 11.64  ? 42  TYR A CB  1 
ATOM   319  C CG  . TYR A 1 42  ? 9.800   -5.879  -3.263  1.00 11.07  ? 42  TYR A CG  1 
ATOM   320  C CD1 . TYR A 1 42  ? 9.851   -6.353  -4.581  1.00 12.17  ? 42  TYR A CD1 1 
ATOM   321  C CD2 . TYR A 1 42  ? 10.143  -4.544  -3.025  1.00 12.21  ? 42  TYR A CD2 1 
ATOM   322  C CE1 . TYR A 1 42  ? 10.220  -5.515  -5.638  1.00 13.11  ? 42  TYR A CE1 1 
ATOM   323  C CE2 . TYR A 1 42  ? 10.515  -3.699  -4.092  1.00 13.45  ? 42  TYR A CE2 1 
ATOM   324  C CZ  . TYR A 1 42  ? 10.546  -4.199  -5.385  1.00 12.94  ? 42  TYR A CZ  1 
ATOM   325  O OH  . TYR A 1 42  ? 10.910  -3.385  -6.424  1.00 14.14  ? 42  TYR A OH  1 
ATOM   326  N N   . ASP A 1 43  ? 5.873   -6.902  -2.726  1.00 11.91  ? 43  ASP A N   1 
ATOM   327  C CA  . ASP A 1 43  ? 4.778   -7.570  -3.441  1.00 12.67  ? 43  ASP A CA  1 
ATOM   328  C C   . ASP A 1 43  ? 4.228   -6.697  -4.569  1.00 11.81  ? 43  ASP A C   1 
ATOM   329  O O   . ASP A 1 43  ? 4.043   -5.502  -4.402  1.00 11.53  ? 43  ASP A O   1 
ATOM   330  C CB  . ASP A 1 43  ? 3.656   -7.946  -2.461  1.00 13.46  ? 43  ASP A CB  1 
ATOM   331  C CG  . ASP A 1 43  ? 4.118   -8.935  -1.407  1.00 14.71  ? 43  ASP A CG  1 
ATOM   332  O OD1 . ASP A 1 43  ? 4.796   -9.913  -1.775  1.00 15.22  ? 43  ASP A OD1 1 
ATOM   333  O OD2 . ASP A 1 43  ? 3.801   -8.731  -0.217  1.00 18.76  ? 43  ASP A OD2 1 
ATOM   334  N N   . LEU A 1 44  ? 3.938   -7.331  -5.701  1.00 11.10  ? 44  LEU A N   1 
ATOM   335  C CA  . LEU A 1 44  ? 3.472   -6.626  -6.890  1.00 11.89  ? 44  LEU A CA  1 
ATOM   336  C C   . LEU A 1 44  ? 1.997   -6.911  -7.151  1.00 11.58  ? 44  LEU A C   1 
ATOM   337  O O   . LEU A 1 44  ? 1.564   -8.062  -7.122  1.00 11.10  ? 44  LEU A O   1 
ATOM   338  C CB  . LEU A 1 44  ? 4.269   -7.076  -8.120  1.00 12.73  ? 44  LEU A CB  1 
ATOM   339  C CG  . LEU A 1 44  ? 3.897   -6.474  -9.475  1.00 13.59  ? 44  LEU A CG  1 
ATOM   340  C CD1 . LEU A 1 44  ? 4.058   -4.955  -9.516  1.00 13.91  ? 44  LEU A CD1 1 
ATOM   341  C CD2 . LEU A 1 44  ? 4.755   -7.128  -10.550 1.00 13.17  ? 44  LEU A CD2 1 
ATOM   342  N N   . TYR A 1 45  ? 1.253   -5.844  -7.430  1.00 11.93  ? 45  TYR A N   1 
ATOM   343  C CA  . TYR A 1 45  ? -0.174  -5.910  -7.729  1.00 12.48  ? 45  TYR A CA  1 
ATOM   344  C C   . TYR A 1 45  ? -0.494  -5.130  -8.988  1.00 13.27  ? 45  TYR A C   1 
ATOM   345  O O   . TYR A 1 45  ? 0.303   -4.302  -9.432  1.00 12.33  ? 45  TYR A O   1 
ATOM   346  C CB  . TYR A 1 45  ? -0.979  -5.265  -6.600  1.00 13.03  ? 45  TYR A CB  1 
ATOM   347  C CG  . TYR A 1 45  ? -0.696  -5.829  -5.239  1.00 13.74  ? 45  TYR A CG  1 
ATOM   348  C CD1 . TYR A 1 45  ? 0.352   -5.336  -4.455  1.00 13.37  ? 45  TYR A CD1 1 
ATOM   349  C CD2 . TYR A 1 45  ? -1.490  -6.842  -4.723  1.00 12.60  ? 45  TYR A CD2 1 
ATOM   350  C CE1 . TYR A 1 45  ? 0.607   -5.867  -3.199  1.00 14.05  ? 45  TYR A CE1 1 
ATOM   351  C CE2 . TYR A 1 45  ? -1.247  -7.375  -3.481  1.00 14.98  ? 45  TYR A CE2 1 
ATOM   352  C CZ  . TYR A 1 45  ? -0.197  -6.882  -2.728  1.00 14.41  ? 45  TYR A CZ  1 
ATOM   353  O OH  . TYR A 1 45  ? 0.044   -7.411  -1.489  1.00 16.66  ? 45  TYR A OH  1 
ATOM   354  N N   . GLU A 1 46  ? -1.672  -5.385  -9.552  1.00 14.16  ? 46  GLU A N   1 
ATOM   355  C CA  . GLU A 1 46  ? -2.249  -4.429  -10.511 1.00 15.97  ? 46  GLU A CA  1 
ATOM   356  C C   . GLU A 1 46  ? -3.527  -3.817  -9.947  1.00 15.91  ? 46  GLU A C   1 
ATOM   357  O O   . GLU A 1 46  ? -4.252  -4.469  -9.206  1.00 15.89  ? 46  GLU A O   1 
ATOM   358  C CB  . GLU A 1 46  ? -2.498  -5.058  -11.890 1.00 16.42  ? 46  GLU A CB  1 
ATOM   359  C CG  . GLU A 1 46  ? -3.521  -6.172  -11.940 1.00 18.89  ? 46  GLU A CG  1 
ATOM   360  C CD  . GLU A 1 46  ? -3.924  -6.575  -13.369 1.00 19.19  ? 46  GLU A CD  1 
ATOM   361  O OE1 . GLU A 1 46  ? -5.082  -6.997  -13.545 1.00 23.69  ? 46  GLU A OE1 1 
ATOM   362  O OE2 . GLU A 1 46  ? -3.096  -6.489  -14.311 1.00 24.20  ? 46  GLU A OE2 1 
ATOM   363  N N   . SER A 1 47  ? -3.807  -2.565  -10.288 1.00 16.41  ? 47  SER A N   1 
ATOM   364  C CA  . SER A 1 47  ? -5.026  -1.934  -9.793  1.00 16.79  ? 47  SER A CA  1 
ATOM   365  C C   . SER A 1 47  ? -6.220  -2.623  -10.441 1.00 17.32  ? 47  SER A C   1 
ATOM   366  O O   . SER A 1 47  ? -6.111  -3.130  -11.558 1.00 16.99  ? 47  SER A O   1 
ATOM   367  C CB  . SER A 1 47  ? -5.034  -0.438  -10.089 1.00 16.97  ? 47  SER A CB  1 
ATOM   368  O OG  . SER A 1 47  ? -5.059  -0.225  -11.478 1.00 18.49  ? 47  SER A OG  1 
ATOM   369  N N   . ALA A 1 48  ? -7.352  -2.613  -9.741  1.00 18.33  ? 48  ALA A N   1 
ATOM   370  C CA  . ALA A 1 48  ? -8.548  -3.330  -10.188 1.00 19.45  ? 48  ALA A CA  1 
ATOM   371  C C   . ALA A 1 48  ? -8.998  -2.856  -11.563 1.00 19.99  ? 48  ALA A C   1 
ATOM   372  O O   . ALA A 1 48  ? -9.562  -3.626  -12.333 1.00 20.47  ? 48  ALA A O   1 
ATOM   373  C CB  . ALA A 1 48  ? -9.664  -3.163  -9.184  1.00 19.51  ? 48  ALA A CB  1 
ATOM   374  N N   . ASP A 1 49  ? -8.733  -1.589  -11.862 1.00 20.78  ? 49  ASP A N   1 
ATOM   375  C CA  . ASP A 1 49  ? -9.104  -0.997  -13.150 1.00 21.98  ? 49  ASP A CA  1 
ATOM   376  C C   . ASP A 1 49  ? -8.023  -1.163  -14.227 1.00 21.93  ? 49  ASP A C   1 
ATOM   377  O O   . ASP A 1 49  ? -8.190  -0.705  -15.357 1.00 22.48  ? 49  ASP A O   1 
ATOM   378  C CB  . ASP A 1 49  ? -9.500  0.476   -12.970 1.00 22.59  ? 49  ASP A CB  1 
ATOM   379  C CG  . ASP A 1 49  ? -8.300  1.416   -12.866 1.00 25.56  ? 49  ASP A CG  1 
ATOM   380  O OD1 . ASP A 1 49  ? -8.516  2.639   -12.995 1.00 30.00  ? 49  ASP A OD1 1 
ATOM   381  O OD2 . ASP A 1 49  ? -7.154  0.959   -12.651 1.00 26.90  ? 49  ASP A OD2 1 
ATOM   382  N N   . GLY A 1 50  ? -6.920  -1.808  -13.855 1.00 21.63  ? 50  GLY A N   1 
ATOM   383  C CA  . GLY A 1 50  ? -5.865  -2.189  -14.798 1.00 21.17  ? 50  GLY A CA  1 
ATOM   384  C C   . GLY A 1 50  ? -4.905  -1.087  -15.214 1.00 21.22  ? 50  GLY A C   1 
ATOM   385  O O   . GLY A 1 50  ? -3.952  -1.348  -15.937 1.00 22.30  ? 50  GLY A O   1 
ATOM   386  N N   . GLY A 1 51  ? -5.149  0.135   -14.752 1.00 20.19  ? 51  GLY A N   1 
ATOM   387  C CA  . GLY A 1 51  ? -4.378  1.295   -15.188 1.00 19.40  ? 51  GLY A CA  1 
ATOM   388  C C   . GLY A 1 51  ? -3.018  1.442   -14.519 1.00 18.93  ? 51  GLY A C   1 
ATOM   389  O O   . GLY A 1 51  ? -2.128  2.095   -15.062 1.00 19.37  ? 51  GLY A O   1 
ATOM   390  N N   . GLU A 1 52  ? -2.866  0.843   -13.341 1.00 17.99  ? 52  GLU A N   1 
ATOM   391  C CA  . GLU A 1 52  ? -1.627  0.948   -12.569 1.00 17.61  ? 52  GLU A CA  1 
ATOM   392  C C   . GLU A 1 52  ? -1.073  -0.403  -12.162 1.00 16.07  ? 52  GLU A C   1 
ATOM   393  O O   . GLU A 1 52  ? -1.824  -1.347  -11.886 1.00 16.38  ? 52  GLU A O   1 
ATOM   394  C CB  . GLU A 1 52  ? -1.852  1.693   -11.247 1.00 17.90  ? 52  GLU A CB  1 
ATOM   395  C CG  . GLU A 1 52  ? -2.374  3.100   -11.290 1.00 20.91  ? 52  GLU A CG  1 
ATOM   396  C CD  . GLU A 1 52  ? -2.776  3.554   -9.887  1.00 20.73  ? 52  GLU A CD  1 
ATOM   397  O OE1 . GLU A 1 52  ? -2.044  3.223   -8.925  1.00 26.28  ? 52  GLU A OE1 1 
ATOM   398  O OE2 . GLU A 1 52  ? -3.831  4.209   -9.734  1.00 25.41  ? 52  GLU A OE2 1 
ATOM   399  N N   . LEU A 1 53  ? 0.251   -0.468  -12.070 1.00 14.41  ? 53  LEU A N   1 
ATOM   400  C CA  . LEU A 1 53  ? 0.903   -1.524  -11.327 1.00 13.20  ? 53  LEU A CA  1 
ATOM   401  C C   . LEU A 1 53  ? 1.359   -0.903  -10.008 1.00 12.84  ? 53  LEU A C   1 
ATOM   402  O O   . LEU A 1 53  ? 1.724   0.273   -9.958  1.00 13.11  ? 53  LEU A O   1 
ATOM   403  C CB  . LEU A 1 53  ? 2.077   -2.123  -12.111 1.00 13.24  ? 53  LEU A CB  1 
ATOM   404  C CG  . LEU A 1 53  ? 1.767   -2.771  -13.471 1.00 14.36  ? 53  LEU A CG  1 
ATOM   405  C CD1 . LEU A 1 53  ? 2.991   -3.526  -13.947 1.00 14.65  ? 53  LEU A CD1 1 
ATOM   406  C CD2 . LEU A 1 53  ? 0.558   -3.708  -13.385 1.00 14.60  ? 53  LEU A CD2 1 
ATOM   407  N N   . VAL A 1 54  ? 1.281   -1.675  -8.933  1.00 11.99  ? 54  VAL A N   1 
ATOM   408  C CA  . VAL A 1 54  ? 1.557   -1.139  -7.598  1.00 11.46  ? 54  VAL A CA  1 
ATOM   409  C C   . VAL A 1 54  ? 2.479   -2.088  -6.857  1.00 12.02  ? 54  VAL A C   1 
ATOM   410  O O   . VAL A 1 54  ? 2.223   -3.299  -6.827  1.00 11.89  ? 54  VAL A O   1 
ATOM   411  C CB  . VAL A 1 54  ? 0.247   -0.954  -6.797  1.00 12.19  ? 54  VAL A CB  1 
ATOM   412  C CG1 . VAL A 1 54  ? 0.542   -0.437  -5.381  1.00 12.67  ? 54  VAL A CG1 1 
ATOM   413  C CG2 . VAL A 1 54  ? -0.726  -0.011  -7.557  1.00 11.87  ? 54  VAL A CG2 1 
ATOM   414  N N   . LEU A 1 55  ? 3.558   -1.539  -6.297  1.00 11.10  ? 55  LEU A N   1 
ATOM   415  C CA  . LEU A 1 55  ? 4.412   -2.299  -5.376  1.00 11.76  ? 55  LEU A CA  1 
ATOM   416  C C   . LEU A 1 55  ? 4.083   -1.880  -3.969  1.00 12.07  ? 55  LEU A C   1 
ATOM   417  O O   . LEU A 1 55  ? 3.967   -0.687  -3.684  1.00 11.86  ? 55  LEU A O   1 
ATOM   418  C CB  . LEU A 1 55  ? 5.909   -2.038  -5.634  1.00 12.16  ? 55  LEU A CB  1 
ATOM   419  C CG  . LEU A 1 55  ? 6.539   -2.785  -6.806  1.00 13.30  ? 55  LEU A CG  1 
ATOM   420  C CD1 . LEU A 1 55  ? 7.869   -2.114  -7.107  1.00 15.38  ? 55  LEU A CD1 1 
ATOM   421  C CD2 . LEU A 1 55  ? 6.750   -4.273  -6.506  1.00 13.35  ? 55  LEU A CD2 1 
ATOM   422  N N   . PHE A 1 56  ? 3.901   -2.866  -3.094  1.00 11.40  ? 56  PHE A N   1 
ATOM   423  C CA  . PHE A 1 56  ? 3.900   -2.588  -1.669  1.00 12.68  ? 56  PHE A CA  1 
ATOM   424  C C   . PHE A 1 56  ? 5.153   -3.218  -1.079  1.00 12.56  ? 56  PHE A C   1 
ATOM   425  O O   . PHE A 1 56  ? 5.381   -4.410  -1.235  1.00 12.75  ? 56  PHE A O   1 
ATOM   426  C CB  . PHE A 1 56  ? 2.639   -3.115  -0.979  1.00 12.72  ? 56  PHE A CB  1 
ATOM   427  C CG  . PHE A 1 56  ? 2.462   -2.566  0.402   1.00 15.54  ? 56  PHE A CG  1 
ATOM   428  C CD1 . PHE A 1 56  ? 2.772   -3.329  1.517   1.00 17.29  ? 56  PHE A CD1 1 
ATOM   429  C CD2 . PHE A 1 56  ? 2.014   -1.273  0.583   1.00 18.78  ? 56  PHE A CD2 1 
ATOM   430  C CE1 . PHE A 1 56  ? 2.623   -2.803  2.808   1.00 18.96  ? 56  PHE A CE1 1 
ATOM   431  C CE2 . PHE A 1 56  ? 1.863   -0.734  1.871   1.00 20.14  ? 56  PHE A CE2 1 
ATOM   432  C CZ  . PHE A 1 56  ? 2.181   -1.509  2.979   1.00 17.57  ? 56  PHE A CZ  1 
ATOM   433  N N   . GLU A 1 57  ? 5.949   -2.400  -0.397  1.00 12.79  ? 57  GLU A N   1 
ATOM   434  C CA  . GLU A 1 57  ? 7.256   -2.807  0.110   1.00 13.35  ? 57  GLU A CA  1 
ATOM   435  C C   . GLU A 1 57  ? 7.332   -2.527  1.600   1.00 12.78  ? 57  GLU A C   1 
ATOM   436  O O   . GLU A 1 57  ? 6.847   -1.501  2.066   1.00 12.82  ? 57  GLU A O   1 
ATOM   437  C CB  . GLU A 1 57  ? 8.356   -1.994  -0.576  1.00 13.29  ? 57  GLU A CB  1 
ATOM   438  C CG  . GLU A 1 57  ? 8.143   -1.797  -2.058  1.00 14.86  ? 57  GLU A CG  1 
ATOM   439  C CD  . GLU A 1 57  ? 9.100   -0.809  -2.693  1.00 16.03  ? 57  GLU A CD  1 
ATOM   440  O OE1 . GLU A 1 57  ? 10.205  -0.542  -2.134  1.00 16.95  ? 57  GLU A OE1 1 
ATOM   441  O OE2 . GLU A 1 57  ? 8.737   -0.308  -3.784  1.00 18.83  ? 57  GLU A OE2 1 
ATOM   442  N N   . ARG A 1 58  ? 7.930   -3.457  2.338   1.00 11.90  ? 58  ARG A N   1 
ATOM   443  C CA  . ARG A 1 58  ? 8.141   -3.278  3.771   1.00 11.78  ? 58  ARG A CA  1 
ATOM   444  C C   . ARG A 1 58  ? 9.593   -3.577  4.101   1.00 11.48  ? 58  ARG A C   1 
ATOM   445  O O   . ARG A 1 58  ? 10.113  -4.614  3.701   1.00 11.30  ? 58  ARG A O   1 
ATOM   446  C CB  . ARG A 1 58  ? 7.261   -4.254  4.557   1.00 11.93  ? 58  ARG A CB  1 
ATOM   447  C CG  . ARG A 1 58  ? 5.772   -3.975  4.566   1.00 14.18  ? 58  ARG A CG  1 
ATOM   448  C CD  . ARG A 1 58  ? 5.133   -5.083  5.416   1.00 17.90  ? 58  ARG A CD  1 
ATOM   449  N NE  . ARG A 1 58  ? 3.683   -4.990  5.549   1.00 23.11  ? 58  ARG A NE  1 
ATOM   450  C CZ  . ARG A 1 58  ? 2.816   -5.688  4.825   1.00 24.51  ? 58  ARG A CZ  1 
ATOM   451  N NH1 . ARG A 1 58  ? 1.517   -5.533  5.029   1.00 26.58  ? 58  ARG A NH1 1 
ATOM   452  N NH2 . ARG A 1 58  ? 3.244   -6.530  3.890   1.00 26.15  ? 58  ARG A NH2 1 
ATOM   453  N N   . TYR A 1 59  ? 10.213  -2.677  4.868   1.00 10.91  ? 59  TYR A N   1 
ATOM   454  C CA  . TYR A 1 59  ? 11.620  -2.765  5.251   1.00 11.78  ? 59  TYR A CA  1 
ATOM   455  C C   . TYR A 1 59  ? 11.730  -2.761  6.761   1.00 11.34  ? 59  TYR A C   1 
ATOM   456  O O   . TYR A 1 59  ? 10.924  -2.146  7.449   1.00 12.01  ? 59  TYR A O   1 
ATOM   457  C CB  . TYR A 1 59  ? 12.436  -1.629  4.616   1.00 11.42  ? 59  TYR A CB  1 
ATOM   458  C CG  . TYR A 1 59  ? 12.386  -1.737  3.114   1.00 11.52  ? 59  TYR A CG  1 
ATOM   459  C CD1 . TYR A 1 59  ? 13.238  -2.601  2.431   1.00 13.68  ? 59  TYR A CD1 1 
ATOM   460  C CD2 . TYR A 1 59  ? 11.446  -1.012  2.380   1.00 13.03  ? 59  TYR A CD2 1 
ATOM   461  C CE1 . TYR A 1 59  ? 13.161  -2.743  1.035   1.00 12.56  ? 59  TYR A CE1 1 
ATOM   462  C CE2 . TYR A 1 59  ? 11.363  -1.151  0.983   1.00 12.12  ? 59  TYR A CE2 1 
ATOM   463  C CZ  . TYR A 1 59  ? 12.222  -2.027  0.330   1.00 13.82  ? 59  TYR A CZ  1 
ATOM   464  O OH  . TYR A 1 59  ? 12.148  -2.167  -1.044  1.00 13.73  ? 59  TYR A OH  1 
ATOM   465  N N   . ARG A 1 60  ? 12.742  -3.453  7.263   1.00 11.42  ? 60  ARG A N   1 
ATOM   466  C CA  . ARG A 1 60  ? 12.921  -3.606  8.697   1.00 12.00  ? 60  ARG A CA  1 
ATOM   467  C C   . ARG A 1 60  ? 13.336  -2.293  9.363   1.00 11.66  ? 60  ARG A C   1 
ATOM   468  O O   . ARG A 1 60  ? 13.174  -2.132  10.568  1.00 12.52  ? 60  ARG A O   1 
ATOM   469  C CB  . ARG A 1 60  ? 13.924  -4.729  8.988   1.00 12.81  ? 60  ARG A CB  1 
ATOM   470  C CG  . ARG A 1 60  ? 13.509  -6.042  8.317   1.00 15.55  ? 60  ARG A CG  1 
ATOM   471  C CD  . ARG A 1 60  ? 14.090  -7.303  8.954   1.00 21.64  ? 60  ARG A CD  1 
ATOM   472  N NE  . ARG A 1 60  ? 13.148  -8.412  8.764   1.00 25.98  ? 60  ARG A NE  1 
ATOM   473  C CZ  . ARG A 1 60  ? 13.074  -9.178  7.676   1.00 27.12  ? 60  ARG A CZ  1 
ATOM   474  N NH1 . ARG A 1 60  ? 13.901  -8.996  6.655   1.00 27.69  ? 60  ARG A NH1 1 
ATOM   475  N NH2 . ARG A 1 60  ? 12.166  -10.141 7.615   1.00 28.18  ? 60  ARG A NH2 1 
ATOM   476  N N   . SER A 1 61  ? 13.859  -1.359  8.571   1.00 11.40  ? 61  SER A N   1 
ATOM   477  C CA  . SER A 1 61  ? 14.314  -0.055  9.084   1.00 11.38  ? 61  SER A CA  1 
ATOM   478  C C   . SER A 1 61  ? 14.400  0.924   7.924   1.00 11.60  ? 61  SER A C   1 
ATOM   479  O O   . SER A 1 61  ? 14.430  0.511   6.766   1.00 11.75  ? 61  SER A O   1 
ATOM   480  C CB  . SER A 1 61  ? 15.699  -0.185  9.741   1.00 11.24  ? 61  SER A CB  1 
ATOM   481  O OG  . SER A 1 61  ? 16.714  -0.437  8.774   1.00 11.59  ? 61  SER A OG  1 
ATOM   482  N N   . ARG A 1 62  ? 14.442  2.222   8.229   1.00 12.06  ? 62  ARG A N   1 
ATOM   483  C CA  . ARG A 1 62  ? 14.695  3.212   7.189   1.00 12.66  ? 62  ARG A CA  1 
ATOM   484  C C   . ARG A 1 62  ? 16.076  3.012   6.565   1.00 12.72  ? 62  ARG A C   1 
ATOM   485  O O   . ARG A 1 62  ? 16.257  3.235   5.359   1.00 12.52  ? 62  ARG A O   1 
ATOM   486  C CB  . ARG A 1 62  ? 14.548  4.640   7.727   1.00 13.25  ? 62  ARG A CB  1 
ATOM   487  C CG  . ARG A 1 62  ? 14.956  5.709   6.736   1.00 16.16  ? 62  ARG A CG  1 
ATOM   488  C CD  . ARG A 1 62  ? 14.081  5.696   5.471   1.00 20.32  ? 62  ARG A CD  1 
ATOM   489  N NE  . ARG A 1 62  ? 14.701  6.489   4.409   1.00 24.54  ? 62  ARG A NE  1 
ATOM   490  C CZ  . ARG A 1 62  ? 14.219  7.647   3.958   1.00 28.77  ? 62  ARG A CZ  1 
ATOM   491  N NH1 . ARG A 1 62  ? 13.090  8.147   4.457   1.00 30.07  ? 62  ARG A NH1 1 
ATOM   492  N NH2 . ARG A 1 62  ? 14.861  8.298   2.996   1.00 28.84  ? 62  ARG A NH2 1 
ATOM   493  N N   . ILE A 1 63  ? 17.045  2.598   7.389   1.00 12.02  ? 63  ILE A N   1 
ATOM   494  C CA  . ILE A 1 63  ? 18.394  2.279   6.925   1.00 12.14  ? 63  ILE A CA  1 
ATOM   495  C C   . ILE A 1 63  ? 18.331  1.218   5.817   1.00 11.54  ? 63  ILE A C   1 
ATOM   496  O O   . ILE A 1 63  ? 19.016  1.333   4.818   1.00 12.34  ? 63  ILE A O   1 
ATOM   497  C CB  . ILE A 1 63  ? 19.286  1.800   8.083   1.00 11.81  ? 63  ILE A CB  1 
ATOM   498  C CG1 . ILE A 1 63  ? 19.551  2.977   9.036   1.00 11.45  ? 63  ILE A CG1 1 
ATOM   499  C CG2 . ILE A 1 63  ? 20.599  1.219   7.588   1.00 13.46  ? 63  ILE A CG2 1 
ATOM   500  C CD1 . ILE A 1 63  ? 19.758  2.544   10.462  1.00 13.30  ? 63  ILE A CD1 1 
ATOM   501  N N   . ALA A 1 64  ? 17.481  0.212   6.013   1.00 11.73  ? 64  ALA A N   1 
ATOM   502  C CA  . ALA A 1 64  ? 17.301  -0.863  5.031   1.00 10.94  ? 64  ALA A CA  1 
ATOM   503  C C   . ALA A 1 64  ? 16.737  -0.346  3.715   1.00 11.57  ? 64  ALA A C   1 
ATOM   504  O O   . ALA A 1 64  ? 17.116  -0.832  2.650   1.00 11.53  ? 64  ALA A O   1 
ATOM   505  C CB  . ALA A 1 64  ? 16.406  -1.975  5.594   1.00 11.46  ? 64  ALA A CB  1 
ATOM   506  N N   . LEU A 1 65  ? 15.823  0.620   3.800   1.00 11.14  ? 65  LEU A N   1 
ATOM   507  C CA  . LEU A 1 65  ? 15.274  1.272   2.598   1.00 11.02  ? 65  LEU A CA  1 
ATOM   508  C C   . LEU A 1 65  ? 16.380  2.042   1.883   1.00 11.76  ? 65  LEU A C   1 
ATOM   509  O O   . LEU A 1 65  ? 16.448  2.043   0.667   1.00 11.47  ? 65  LEU A O   1 
ATOM   510  C CB  . LEU A 1 65  ? 14.112  2.202   2.959   1.00 11.05  ? 65  LEU A CB  1 
ATOM   511  C CG  . LEU A 1 65  ? 13.543  3.047   1.824   1.00 11.18  ? 65  LEU A CG  1 
ATOM   512  C CD1 . LEU A 1 65  ? 13.055  2.116   0.722   1.00 10.50  ? 65  LEU A CD1 1 
ATOM   513  C CD2 . LEU A 1 65  ? 12.422  3.944   2.335   1.00 11.77  ? 65  LEU A CD2 1 
ATOM   514  N N   . ASP A 1 66  ? 17.243  2.712   2.642   1.00 12.48  ? 66  ASP A N   1 
ATOM   515  C CA  . ASP A 1 66  ? 18.352  3.420   2.036   1.00 13.41  ? 66  ASP A CA  1 
ATOM   516  C C   . ASP A 1 66  ? 19.288  2.448   1.334   1.00 13.54  ? 66  ASP A C   1 
ATOM   517  O O   . ASP A 1 66  ? 19.746  2.718   0.225   1.00 14.11  ? 66  ASP A O   1 
ATOM   518  C CB  . ASP A 1 66  ? 19.079  4.256   3.088   1.00 14.19  ? 66  ASP A CB  1 
ATOM   519  C CG  . ASP A 1 66  ? 18.198  5.364   3.640   1.00 16.59  ? 66  ASP A CG  1 
ATOM   520  O OD1 . ASP A 1 66  ? 17.210  5.726   2.965   1.00 21.29  ? 66  ASP A OD1 1 
ATOM   521  O OD2 . ASP A 1 66  ? 18.479  5.876   4.754   1.00 20.68  ? 66  ASP A OD2 1 
ATOM   522  N N   . GLU A 1 67  ? 19.544  1.302   1.961   1.00 13.81  ? 67  GLU A N   1 
ATOM   523  C CA  . GLU A 1 67  ? 20.371  0.259   1.324   1.00 14.37  ? 67  GLU A CA  1 
ATOM   524  C C   . GLU A 1 67  ? 19.737  -0.220  0.014   1.00 14.17  ? 67  GLU A C   1 
ATOM   525  O O   . GLU A 1 67  ? 20.429  -0.415  -0.990  1.00 14.34  ? 67  GLU A O   1 
ATOM   526  C CB  . GLU A 1 67  ? 20.604  -0.910  2.286   1.00 15.10  ? 67  GLU A CB  1 
ATOM   527  C CG  C GLU A 1 67  ? 21.351  -0.560  3.568   0.65 17.64  ? 67  GLU A CG  1 
ATOM   528  C CG  D GLU A 1 67  ? 21.522  -0.536  3.446   0.35 15.56  ? 67  GLU A CG  1 
ATOM   529  C CD  C GLU A 1 67  ? 22.868  -0.492  3.407   0.65 20.26  ? 67  GLU A CD  1 
ATOM   530  C CD  D GLU A 1 67  ? 21.542  -1.555  4.571   0.35 16.06  ? 67  GLU A CD  1 
ATOM   531  O OE1 C GLU A 1 67  ? 23.561  -0.455  4.447   0.65 23.74  ? 67  GLU A OE1 1 
ATOM   532  O OE1 D GLU A 1 67  ? 22.529  -1.552  5.337   0.35 16.64  ? 67  GLU A OE1 1 
ATOM   533  O OE2 C GLU A 1 67  ? 23.376  -0.483  2.261   0.65 23.34  ? 67  GLU A OE2 1 
ATOM   534  O OE2 D GLU A 1 67  ? 20.586  -2.351  4.700   0.35 16.93  ? 67  GLU A OE2 1 
ATOM   535  N N   . HIS A 1 68  ? 18.416  -0.375  0.018   1.00 13.42  ? 68  HIS A N   1 
ATOM   536  C CA  . HIS A 1 68  ? 17.684  -0.822  -1.168  1.00 12.98  ? 68  HIS A CA  1 
ATOM   537  C C   . HIS A 1 68  ? 17.880  0.167   -2.314  1.00 13.26  ? 68  HIS A C   1 
ATOM   538  O O   . HIS A 1 68  ? 18.123  -0.223  -3.454  1.00 12.93  ? 68  HIS A O   1 
ATOM   539  C CB  . HIS A 1 68  ? 16.198  -0.960  -0.820  1.00 12.87  ? 68  HIS A CB  1 
ATOM   540  C CG  . HIS A 1 68  ? 15.315  -1.208  -2.002  1.00 12.52  ? 68  HIS A CG  1 
ATOM   541  N ND1 . HIS A 1 68  ? 15.426  -2.333  -2.791  1.00 13.07  ? 68  HIS A ND1 1 
ATOM   542  C CD2 . HIS A 1 68  ? 14.297  -0.481  -2.521  1.00 12.19  ? 68  HIS A CD2 1 
ATOM   543  C CE1 . HIS A 1 68  ? 14.512  -2.288  -3.747  1.00 12.75  ? 68  HIS A CE1 1 
ATOM   544  N NE2 . HIS A 1 68  ? 13.815  -1.176  -3.605  1.00 12.10  ? 68  HIS A NE2 1 
ATOM   545  N N   . ARG A 1 69  ? 17.748  1.443   -1.983  1.00 13.43  ? 69  ARG A N   1 
ATOM   546  C CA  . ARG A 1 69  ? 17.839  2.518   -2.960  1.00 14.72  ? 69  ARG A CA  1 
ATOM   547  C C   . ARG A 1 69  ? 19.246  2.719   -3.517  1.00 15.04  ? 69  ARG A C   1 
ATOM   548  O O   . ARG A 1 69  ? 19.415  3.452   -4.490  1.00 15.53  ? 69  ARG A O   1 
ATOM   549  C CB  . ARG A 1 69  ? 17.312  3.807   -2.349  1.00 14.87  ? 69  ARG A CB  1 
ATOM   550  C CG  . ARG A 1 69  ? 15.810  3.804   -2.192  1.00 16.10  ? 69  ARG A CG  1 
ATOM   551  C CD  . ARG A 1 69  ? 15.366  5.004   -1.385  1.00 18.61  ? 69  ARG A CD  1 
ATOM   552  N NE  . ARG A 1 69  ? 13.929  5.180   -1.503  1.00 22.27  ? 69  ARG A NE  1 
ATOM   553  C CZ  . ARG A 1 69  ? 13.222  6.117   -0.879  1.00 22.31  ? 69  ARG A CZ  1 
ATOM   554  N NH1 . ARG A 1 69  ? 13.808  6.976   -0.061  1.00 23.49  ? 69  ARG A NH1 1 
ATOM   555  N NH2 . ARG A 1 69  ? 11.913  6.182   -1.083  1.00 23.62  ? 69  ARG A NH2 1 
ATOM   556  N N   . GLY A 1 70  ? 20.246  2.090   -2.893  1.00 15.59  ? 70  GLY A N   1 
ATOM   557  C CA  . GLY A 1 70  ? 21.622  2.126   -3.397  1.00 16.22  ? 70  GLY A CA  1 
ATOM   558  C C   . GLY A 1 70  ? 22.070  0.864   -4.117  1.00 16.49  ? 70  GLY A C   1 
ATOM   559  O O   . GLY A 1 70  ? 23.221  0.773   -4.582  1.00 17.42  ? 70  GLY A O   1 
ATOM   560  N N   . SER A 1 71  ? 21.170  -0.107  -4.202  1.00 16.50  ? 71  SER A N   1 
ATOM   561  C CA  . SER A 1 71  ? 21.483  -1.441  -4.717  1.00 16.15  ? 71  SER A CA  1 
ATOM   562  C C   . SER A 1 71  ? 21.601  -1.473  -6.241  1.00 16.27  ? 71  SER A C   1 
ATOM   563  O O   . SER A 1 71  ? 20.999  -0.639  -6.927  1.00 16.48  ? 71  SER A O   1 
ATOM   564  C CB  . SER A 1 71  ? 20.418  -2.438  -4.272  1.00 16.41  ? 71  SER A CB  1 
ATOM   565  O OG  . SER A 1 71  ? 19.193  -2.192  -4.939  1.00 15.43  ? 71  SER A OG  1 
ATOM   566  N N   . PRO A 1 72  ? 22.380  -2.437  -6.779  1.00 16.82  ? 72  PRO A N   1 
ATOM   567  C CA  . PRO A 1 72  ? 22.550  -2.542  -8.223  1.00 17.03  ? 72  PRO A CA  1 
ATOM   568  C C   . PRO A 1 72  ? 21.234  -2.764  -8.942  1.00 16.97  ? 72  PRO A C   1 
ATOM   569  O O   . PRO A 1 72  ? 21.026  -2.207  -10.024 1.00 17.66  ? 72  PRO A O   1 
ATOM   570  C CB  . PRO A 1 72  ? 23.466  -3.770  -8.383  1.00 17.44  ? 72  PRO A CB  1 
ATOM   571  C CG  . PRO A 1 72  ? 24.175  -3.866  -7.114  1.00 17.81  ? 72  PRO A CG  1 
ATOM   572  C CD  . PRO A 1 72  ? 23.186  -3.451  -6.073  1.00 16.92  ? 72  PRO A CD  1 
ATOM   573  N N   . HIS A 1 73  ? 20.348  -3.565  -8.359  1.00 16.58  ? 73  HIS A N   1 
ATOM   574  C CA  . HIS A 1 73  ? 19.061  -3.805  -8.995  1.00 15.92  ? 73  HIS A CA  1 
ATOM   575  C C   . HIS A 1 73  ? 18.202  -2.539  -9.011  1.00 15.73  ? 73  HIS A C   1 
ATOM   576  O O   . HIS A 1 73  ? 17.569  -2.242  -10.028 1.00 15.13  ? 73  HIS A O   1 
ATOM   577  C CB  . HIS A 1 73  ? 18.323  -5.024  -8.419  1.00 16.15  ? 73  HIS A CB  1 
ATOM   578  C CG  . HIS A 1 73  ? 18.337  -5.106  -6.924  1.00 16.54  ? 73  HIS A CG  1 
ATOM   579  N ND1 . HIS A 1 73  ? 19.472  -5.418  -6.207  1.00 17.00  ? 73  HIS A ND1 1 
ATOM   580  C CD2 . HIS A 1 73  ? 17.342  -4.965  -6.016  1.00 15.82  ? 73  HIS A CD2 1 
ATOM   581  C CE1 . HIS A 1 73  ? 19.182  -5.431  -4.919  1.00 16.65  ? 73  HIS A CE1 1 
ATOM   582  N NE2 . HIS A 1 73  ? 17.897  -5.160  -4.777  1.00 17.33  ? 73  HIS A NE2 1 
ATOM   583  N N   . TYR A 1 74  ? 18.204  -1.780  -7.916  1.00 15.57  ? 74  TYR A N   1 
ATOM   584  C CA  . TYR A 1 74  ? 17.415  -0.550  -7.873  1.00 16.02  ? 74  TYR A CA  1 
ATOM   585  C C   . TYR A 1 74  ? 17.945  0.454   -8.885  1.00 16.59  ? 74  TYR A C   1 
ATOM   586  O O   . TYR A 1 74  ? 17.178  1.082   -9.602  1.00 16.35  ? 74  TYR A O   1 
ATOM   587  C CB  . TYR A 1 74  ? 17.389  0.068   -6.475  1.00 16.38  ? 74  TYR A CB  1 
ATOM   588  C CG  . TYR A 1 74  ? 16.543  1.324   -6.375  1.00 16.75  ? 74  TYR A CG  1 
ATOM   589  C CD1 . TYR A 1 74  ? 15.171  1.247   -6.101  1.00 14.99  ? 74  TYR A CD1 1 
ATOM   590  C CD2 . TYR A 1 74  ? 17.105  2.580   -6.587  1.00 17.50  ? 74  TYR A CD2 1 
ATOM   591  C CE1 . TYR A 1 74  ? 14.390  2.396   -6.003  1.00 16.65  ? 74  TYR A CE1 1 
ATOM   592  C CE2 . TYR A 1 74  ? 16.336  3.732   -6.497  1.00 18.49  ? 74  TYR A CE2 1 
ATOM   593  C CZ  . TYR A 1 74  ? 14.984  3.631   -6.209  1.00 18.11  ? 74  TYR A CZ  1 
ATOM   594  O OH  . TYR A 1 74  ? 14.218  4.769   -6.118  1.00 20.35  ? 74  TYR A OH  1 
ATOM   595  N N   . LEU A 1 75  ? 19.260  0.608   -8.943  1.00 16.99  ? 75  LEU A N   1 
ATOM   596  C CA  . LEU A 1 75  ? 19.832  1.613   -9.835  1.00 17.81  ? 75  LEU A CA  1 
ATOM   597  C C   . LEU A 1 75  ? 19.585  1.288   -11.306 1.00 17.51  ? 75  LEU A C   1 
ATOM   598  O O   . LEU A 1 75  ? 19.377  2.203   -12.113 1.00 18.15  ? 75  LEU A O   1 
ATOM   599  C CB  . LEU A 1 75  ? 21.319  1.826   -9.546  1.00 18.25  ? 75  LEU A CB  1 
ATOM   600  C CG  . LEU A 1 75  ? 21.661  2.429   -8.178  1.00 19.72  ? 75  LEU A CG  1 
ATOM   601  C CD1 . LEU A 1 75  ? 23.165  2.543   -8.043  1.00 22.58  ? 75  LEU A CD1 1 
ATOM   602  C CD2 . LEU A 1 75  ? 20.978  3.781   -7.897  1.00 21.35  ? 75  LEU A CD2 1 
ATOM   603  N N   . ASN A 1 76  ? 19.600  0.003   -11.649 1.00 17.80  ? 76  ASN A N   1 
ATOM   604  C CA  . ASN A 1 76  ? 19.288  -0.445  -13.004 1.00 17.97  ? 76  ASN A CA  1 
ATOM   605  C C   . ASN A 1 76  ? 17.848  -0.095  -13.348 1.00 18.30  ? 76  ASN A C   1 
ATOM   606  O O   . ASN A 1 76  ? 17.563  0.430   -14.425 1.00 19.06  ? 76  ASN A O   1 
ATOM   607  C CB  . ASN A 1 76  ? 19.513  -1.954  -13.153 1.00 18.63  ? 76  ASN A CB  1 
ATOM   608  C CG  . ASN A 1 76  ? 19.128  -2.464  -14.526 1.00 19.47  ? 76  ASN A CG  1 
ATOM   609  O OD1 . ASN A 1 76  ? 19.723  -2.076  -15.525 1.00 21.21  ? 76  ASN A OD1 1 
ATOM   610  N ND2 . ASN A 1 76  ? 18.135  -3.347  -14.582 1.00 20.52  ? 76  ASN A ND2 1 
ATOM   611  N N   . TYR A 1 77  ? 16.949  -0.387  -12.412 1.00 17.62  ? 77  TYR A N   1 
ATOM   612  C CA  . TYR A 1 77  ? 15.533  -0.090  -12.554 1.00 17.08  ? 77  TYR A CA  1 
ATOM   613  C C   . TYR A 1 77  ? 15.293  1.418   -12.700 1.00 17.08  ? 77  TYR A C   1 
ATOM   614  O O   . TYR A 1 77  ? 14.539  1.845   -13.573 1.00 16.10  ? 77  TYR A O   1 
ATOM   615  C CB  . TYR A 1 77  ? 14.770  -0.669  -11.349 1.00 16.63  ? 77  TYR A CB  1 
ATOM   616  C CG  . TYR A 1 77  ? 13.631  0.201   -10.868 1.00 16.08  ? 77  TYR A CG  1 
ATOM   617  C CD1 . TYR A 1 77  ? 12.366  0.092   -11.431 1.00 16.33  ? 77  TYR A CD1 1 
ATOM   618  C CD2 . TYR A 1 77  ? 13.826  1.144   -9.854  1.00 15.10  ? 77  TYR A CD2 1 
ATOM   619  C CE1 . TYR A 1 77  ? 11.323  0.914   -11.002 1.00 16.41  ? 77  TYR A CE1 1 
ATOM   620  C CE2 . TYR A 1 77  ? 12.799  1.972   -9.439  1.00 15.66  ? 77  TYR A CE2 1 
ATOM   621  C CZ  . TYR A 1 77  ? 11.550  1.848   -10.020 1.00 15.97  ? 77  TYR A CZ  1 
ATOM   622  O OH  . TYR A 1 77  ? 10.503  2.637   -9.611  1.00 16.89  ? 77  TYR A OH  1 
ATOM   623  N N   . ARG A 1 78  ? 15.936  2.219   -11.852 1.00 17.21  ? 78  ARG A N   1 
ATOM   624  C CA  . ARG A 1 78  ? 15.705  3.675   -11.848 1.00 17.94  ? 78  ARG A CA  1 
ATOM   625  C C   . ARG A 1 78  ? 16.087  4.329   -13.169 1.00 17.99  ? 78  ARG A C   1 
ATOM   626  O O   . ARG A 1 78  ? 15.456  5.297   -13.604 1.00 18.35  ? 78  ARG A O   1 
ATOM   627  C CB  . ARG A 1 78  ? 16.436  4.361   -10.691 1.00 18.75  ? 78  ARG A CB  1 
ATOM   628  C CG  . ARG A 1 78  ? 15.907  5.766   -10.391 1.00 22.12  ? 78  ARG A CG  1 
ATOM   629  C CD  . ARG A 1 78  ? 14.611  5.702   -9.588  1.00 28.38  ? 78  ARG A CD  1 
ATOM   630  N NE  . ARG A 1 78  ? 14.081  7.014   -9.209  1.00 32.57  ? 78  ARG A NE  1 
ATOM   631  C CZ  . ARG A 1 78  ? 14.328  7.634   -8.051  1.00 34.10  ? 78  ARG A CZ  1 
ATOM   632  N NH1 . ARG A 1 78  ? 15.128  7.088   -7.136  1.00 34.38  ? 78  ARG A NH1 1 
ATOM   633  N NH2 . ARG A 1 78  ? 13.777  8.817   -7.808  1.00 34.19  ? 78  ARG A NH2 1 
ATOM   634  N N   . ALA A 1 79  ? 17.109  3.768   -13.808 1.00 17.63  ? 79  ALA A N   1 
ATOM   635  C CA  . ALA A 1 79  ? 17.618  4.262   -15.080 1.00 17.59  ? 79  ALA A CA  1 
ATOM   636  C C   . ALA A 1 79  ? 16.664  4.050   -16.246 1.00 17.03  ? 79  ALA A C   1 
ATOM   637  O O   . ALA A 1 79  ? 16.818  4.695   -17.290 1.00 16.93  ? 79  ALA A O   1 
ATOM   638  C CB  . ALA A 1 79  ? 18.958  3.597   -15.389 1.00 18.19  ? 79  ALA A CB  1 
ATOM   639  N N   . GLN A 1 80  ? 15.697  3.149   -16.081 1.00 16.37  ? 80  GLN A N   1 
ATOM   640  C CA  . GLN A 1 80  ? 14.879  2.687   -17.203 1.00 16.29  ? 80  GLN A CA  1 
ATOM   641  C C   . GLN A 1 80  ? 13.387  2.914   -17.035 1.00 15.24  ? 80  GLN A C   1 
ATOM   642  O O   . GLN A 1 80  ? 12.653  2.879   -18.018 1.00 15.43  ? 80  GLN A O   1 
ATOM   643  C CB  . GLN A 1 80  ? 15.008  1.182   -17.378 1.00 16.56  ? 80  GLN A CB  1 
ATOM   644  C CG  . GLN A 1 80  ? 16.376  0.641   -17.534 1.00 18.94  ? 80  GLN A CG  1 
ATOM   645  C CD  . GLN A 1 80  ? 16.329  -0.854  -17.729 1.00 21.67  ? 80  GLN A CD  1 
ATOM   646  O OE1 . GLN A 1 80  ? 15.761  -1.361  -18.709 1.00 22.57  ? 80  GLN A OE1 1 
ATOM   647  N NE2 . GLN A 1 80  ? 16.910  -1.579  -16.788 1.00 22.16  ? 80  GLN A NE2 1 
ATOM   648  N N   . VAL A 1 81  ? 12.931  3.049   -15.793 1.00 14.34  ? 81  VAL A N   1 
ATOM   649  C CA  . VAL A 1 81  ? 11.494  3.014   -15.540 1.00 13.75  ? 81  VAL A CA  1 
ATOM   650  C C   . VAL A 1 81  ? 10.697  4.166   -16.161 1.00 13.46  ? 81  VAL A C   1 
ATOM   651  O O   . VAL A 1 81  ? 9.620   3.941   -16.750 1.00 13.39  ? 81  VAL A O   1 
ATOM   652  C CB  . VAL A 1 81  ? 11.165  2.842   -14.035 1.00 13.59  ? 81  VAL A CB  1 
ATOM   653  C CG1 . VAL A 1 81  ? 11.665  4.026   -13.212 1.00 14.53  ? 81  VAL A CG1 1 
ATOM   654  C CG2 . VAL A 1 81  ? 9.666   2.602   -13.848 1.00 14.14  ? 81  VAL A CG2 1 
ATOM   655  N N   . GLY A 1 82  ? 11.218  5.384   -16.048 1.00 13.38  ? 82  GLY A N   1 
ATOM   656  C CA  . GLY A 1 82  ? 10.472  6.579   -16.444 1.00 12.89  ? 82  GLY A CA  1 
ATOM   657  C C   . GLY A 1 82  ? 10.024  6.585   -17.885 1.00 12.93  ? 82  GLY A C   1 
ATOM   658  O O   . GLY A 1 82  ? 8.948   7.100   -18.220 1.00 12.74  ? 82  GLY A O   1 
ATOM   659  N N   . GLU A 1 83  ? 10.861  5.990   -18.723 1.00 11.81  ? 83  GLU A N   1 
ATOM   660  C CA  . GLU A 1 83  ? 10.681  5.939   -20.165 1.00 12.39  ? 83  GLU A CA  1 
ATOM   661  C C   . GLU A 1 83  ? 9.500   5.054   -20.582 1.00 11.46  ? 83  GLU A C   1 
ATOM   662  O O   . GLU A 1 83  ? 9.099   5.070   -21.750 1.00 11.79  ? 83  GLU A O   1 
ATOM   663  C CB  . GLU A 1 83  ? 11.980  5.449   -20.803 1.00 13.00  ? 83  GLU A CB  1 
ATOM   664  C CG  . GLU A 1 83  ? 13.172  6.436   -20.678 1.00 15.66  ? 83  GLU A CG  1 
ATOM   665  C CD  . GLU A 1 83  ? 13.719  6.670   -19.249 1.00 18.68  ? 83  GLU A CD  1 
ATOM   666  O OE1 . GLU A 1 83  ? 13.496  5.849   -18.328 1.00 19.96  ? 83  GLU A OE1 1 
ATOM   667  O OE2 . GLU A 1 83  ? 14.404  7.706   -19.048 1.00 20.64  ? 83  GLU A OE2 1 
ATOM   668  N N   . LEU A 1 84  ? 8.959   4.281   -19.634 1.00 11.06  ? 84  LEU A N   1 
ATOM   669  C CA  . LEU A 1 84  ? 7.834   3.379   -19.910 1.00 10.82  ? 84  LEU A CA  1 
ATOM   670  C C   . LEU A 1 84  ? 6.488   3.949   -19.467 1.00 11.03  ? 84  LEU A C   1 
ATOM   671  O O   . LEU A 1 84  ? 5.440   3.355   -19.731 1.00 10.89  ? 84  LEU A O   1 
ATOM   672  C CB  . LEU A 1 84  ? 8.060   2.031   -19.203 1.00 10.29  ? 84  LEU A CB  1 
ATOM   673  C CG  . LEU A 1 84  ? 9.383   1.330   -19.543 1.00 10.08  ? 84  LEU A CG  1 
ATOM   674  C CD1 . LEU A 1 84  ? 9.523   0.072   -18.737 1.00 11.77  ? 84  LEU A CD1 1 
ATOM   675  C CD2 . LEU A 1 84  ? 9.386   0.987   -21.026 1.00 11.20  ? 84  LEU A CD2 1 
ATOM   676  N N   . LEU A 1 85  ? 6.522   5.097   -18.792 1.00 10.64  ? 85  LEU A N   1 
ATOM   677  C CA  . LEU A 1 85  ? 5.351   5.583   -18.053 1.00 10.95  ? 85  LEU A CA  1 
ATOM   678  C C   . LEU A 1 85  ? 4.748   6.847   -18.633 1.00 10.36  ? 85  LEU A C   1 
ATOM   679  O O   . LEU A 1 85  ? 5.397   7.579   -19.376 1.00 11.06  ? 85  LEU A O   1 
ATOM   680  C CB  . LEU A 1 85  ? 5.729   5.830   -16.593 1.00 11.09  ? 85  LEU A CB  1 
ATOM   681  C CG  . LEU A 1 85  ? 6.507   4.721   -15.885 1.00 11.37  ? 85  LEU A CG  1 
ATOM   682  C CD1 . LEU A 1 85  ? 6.970   5.184   -14.520 1.00 14.48  ? 85  LEU A CD1 1 
ATOM   683  C CD2 . LEU A 1 85  ? 5.673   3.431   -15.790 1.00 11.42  ? 85  LEU A CD2 1 
ATOM   684  N N   . THR A 1 86  ? 3.488   7.076   -18.296 1.00 10.44  ? 86  THR A N   1 
ATOM   685  C CA  . THR A 1 86  ? 2.776   8.288   -18.703 1.00 11.07  ? 86  THR A CA  1 
ATOM   686  C C   . THR A 1 86  ? 3.076   9.437   -17.755 1.00 11.73  ? 86  THR A C   1 
ATOM   687  O O   . THR A 1 86  ? 2.750   10.584  -18.043 1.00 11.60  ? 86  THR A O   1 
ATOM   688  C CB  . THR A 1 86  ? 1.256   8.104   -18.692 1.00 10.68  ? 86  THR A CB  1 
ATOM   689  O OG1 . THR A 1 86  ? 0.825   7.726   -17.374 1.00 12.80  ? 86  THR A OG1 1 
ATOM   690  C CG2 . THR A 1 86  ? 0.816   7.057   -19.708 1.00 11.44  ? 86  THR A CG2 1 
ATOM   691  N N   . ARG A 1 87  ? 3.670   9.106   -16.614 1.00 11.78  ? 87  ARG A N   1 
ATOM   692  C CA  . ARG A 1 87  ? 3.978   10.081  -15.576 1.00 12.68  ? 87  ARG A CA  1 
ATOM   693  C C   . ARG A 1 87  ? 4.993   9.418   -14.649 1.00 12.71  ? 87  ARG A C   1 
ATOM   694  O O   . ARG A 1 87  ? 5.108   8.194   -14.646 1.00 12.60  ? 87  ARG A O   1 
ATOM   695  C CB  . ARG A 1 87  ? 2.705   10.430  -14.804 1.00 13.71  ? 87  ARG A CB  1 
ATOM   696  C CG  . ARG A 1 87  ? 1.982   9.180   -14.306 1.00 16.20  ? 87  ARG A CG  1 
ATOM   697  C CD  . ARG A 1 87  ? 0.637   9.486   -13.715 1.00 21.21  ? 87  ARG A CD  1 
ATOM   698  N NE  . ARG A 1 87  ? 0.772   9.939   -12.349 1.00 25.49  ? 87  ARG A NE  1 
ATOM   699  C CZ  . ARG A 1 87  ? -0.237  10.353  -11.591 1.00 27.16  ? 87  ARG A CZ  1 
ATOM   700  N NH1 . ARG A 1 87  ? -1.477  10.376  -12.074 1.00 27.73  ? 87  ARG A NH1 1 
ATOM   701  N NH2 . ARG A 1 87  ? 0.001   10.748  -10.351 1.00 26.37  ? 87  ARG A NH2 1 
ATOM   702  N N   . PRO A 1 88  ? 5.739   10.214  -13.858 1.00 12.91  ? 88  PRO A N   1 
ATOM   703  C CA  . PRO A 1 88  ? 6.727   9.585   -12.975 1.00 12.98  ? 88  PRO A CA  1 
ATOM   704  C C   . PRO A 1 88  ? 6.086   8.625   -11.972 1.00 12.46  ? 88  PRO A C   1 
ATOM   705  O O   . PRO A 1 88  ? 4.894   8.762   -11.636 1.00 12.66  ? 88  PRO A O   1 
ATOM   706  C CB  . PRO A 1 88  ? 7.334   10.772  -12.214 1.00 13.56  ? 88  PRO A CB  1 
ATOM   707  C CG  . PRO A 1 88  ? 6.347   11.910  -12.395 1.00 14.75  ? 88  PRO A CG  1 
ATOM   708  C CD  . PRO A 1 88  ? 5.700   11.681  -13.725 1.00 12.89  ? 88  PRO A CD  1 
ATOM   709  N N   . VAL A 1 89  ? 6.890   7.691   -11.477 1.00 12.14  ? 89  VAL A N   1 
ATOM   710  C CA  . VAL A 1 89  ? 6.453   6.765   -10.422 1.00 13.09  ? 89  VAL A CA  1 
ATOM   711  C C   . VAL A 1 89  ? 5.975   7.601   -9.241  1.00 13.21  ? 89  VAL A C   1 
ATOM   712  O O   . VAL A 1 89  ? 6.625   8.580   -8.851  1.00 13.94  ? 89  VAL A O   1 
ATOM   713  C CB  . VAL A 1 89  ? 7.591   5.813   -9.952  1.00 13.62  ? 89  VAL A CB  1 
ATOM   714  C CG1 . VAL A 1 89  ? 7.075   4.799   -8.923  1.00 13.45  ? 89  VAL A CG1 1 
ATOM   715  C CG2 . VAL A 1 89  ? 8.193   5.055   -11.131 1.00 14.52  ? 89  VAL A CG2 1 
ATOM   716  N N   . ALA A 1 90  ? 4.826   7.220   -8.697  1.00 12.82  ? 90  ALA A N   1 
ATOM   717  C CA  . ALA A 1 90  ? 4.264   7.884   -7.536  1.00 13.70  ? 90  ALA A CA  1 
ATOM   718  C C   . ALA A 1 90  ? 4.642   7.081   -6.302  1.00 13.81  ? 90  ALA A C   1 
ATOM   719  O O   . ALA A 1 90  ? 4.159   5.961   -6.108  1.00 14.57  ? 90  ALA A O   1 
ATOM   720  C CB  . ALA A 1 90  ? 2.763   8.002   -7.674  1.00 14.05  ? 90  ALA A CB  1 
ATOM   721  N N   . VAL A 1 91  ? 5.516   7.658   -5.481  1.00 14.00  ? 91  VAL A N   1 
ATOM   722  C CA  . VAL A 1 91  ? 6.118   6.942   -4.356  1.00 14.36  ? 91  VAL A CA  1 
ATOM   723  C C   . VAL A 1 91  ? 5.721   7.587   -3.045  1.00 14.76  ? 91  VAL A C   1 
ATOM   724  O O   . VAL A 1 91  ? 5.892   8.789   -2.866  1.00 15.28  ? 91  VAL A O   1 
ATOM   725  C CB  . VAL A 1 91  ? 7.672   6.916   -4.457  1.00 14.90  ? 91  VAL A CB  1 
ATOM   726  C CG1 . VAL A 1 91  ? 8.303   6.296   -3.214  1.00 16.26  ? 91  VAL A CG1 1 
ATOM   727  C CG2 . VAL A 1 91  ? 8.120   6.173   -5.704  1.00 15.74  ? 91  VAL A CG2 1 
ATOM   728  N N   . THR A 1 92  ? 5.197   6.773   -2.134  1.00 14.36  ? 92  THR A N   1 
ATOM   729  C CA  . THR A 1 92  ? 4.892   7.233   -0.784  1.00 15.39  ? 92  THR A CA  1 
ATOM   730  C C   . THR A 1 92  ? 5.626   6.404   0.238   1.00 14.55  ? 92  THR A C   1 
ATOM   731  O O   . THR A 1 92  ? 5.517   5.181   0.254   1.00 14.38  ? 92  THR A O   1 
ATOM   732  C CB  . THR A 1 92  ? 3.379   7.172   -0.513  1.00 15.32  ? 92  THR A CB  1 
ATOM   733  O OG1 . THR A 1 92  ? 2.695   7.917   -1.527  1.00 18.93  ? 92  THR A OG1 1 
ATOM   734  C CG2 . THR A 1 92  ? 3.048   7.764   0.856   1.00 17.75  ? 92  THR A CG2 1 
ATOM   735  N N   . VAL A 1 93  ? 6.383   7.079   1.101   1.00 13.91  ? 93  VAL A N   1 
ATOM   736  C CA  . VAL A 1 93  ? 7.025   6.381   2.213   1.00 14.53  ? 93  VAL A CA  1 
ATOM   737  C C   . VAL A 1 93  ? 6.102   6.440   3.419   1.00 14.85  ? 93  VAL A C   1 
ATOM   738  O O   . VAL A 1 93  ? 5.530   7.496   3.708   1.00 15.01  ? 93  VAL A O   1 
ATOM   739  C CB  . VAL A 1 93  ? 8.421   6.965   2.517   1.00 15.03  ? 93  VAL A CB  1 
ATOM   740  C CG1 . VAL A 1 93  ? 9.048   6.309   3.761   1.00 15.84  ? 93  VAL A CG1 1 
ATOM   741  C CG2 . VAL A 1 93  ? 9.324   6.810   1.289   1.00 15.68  ? 93  VAL A CG2 1 
ATOM   742  N N   . LEU A 1 94  ? 5.961   5.304   4.103   1.00 14.77  ? 94  LEU A N   1 
ATOM   743  C CA  . LEU A 1 94  ? 4.982   5.136   5.173   1.00 15.66  ? 94  LEU A CA  1 
ATOM   744  C C   . LEU A 1 94  ? 5.603   4.724   6.502   1.00 16.06  ? 94  LEU A C   1 
ATOM   745  O O   . LEU A 1 94  ? 6.483   3.860   6.546   1.00 17.08  ? 94  LEU A O   1 
ATOM   746  C CB  . LEU A 1 94  ? 3.935   4.098   4.773   1.00 15.73  ? 94  LEU A CB  1 
ATOM   747  C CG  . LEU A 1 94  ? 3.148   4.319   3.474   1.00 15.92  ? 94  LEU A CG  1 
ATOM   748  C CD1 . LEU A 1 94  ? 2.368   3.049   3.142   1.00 16.00  ? 94  LEU A CD1 1 
ATOM   749  C CD2 . LEU A 1 94  ? 2.205   5.503   3.613   1.00 16.53  ? 94  LEU A CD2 1 
ATOM   750  N N   . ALA A 1 95  ? 5.119   5.343   7.574   1.00 16.34  ? 95  ALA A N   1 
ATOM   751  C CA  . ALA A 1 95  ? 5.499   4.965   8.937   1.00 16.61  ? 95  ALA A CA  1 
ATOM   752  C C   . ALA A 1 95  ? 4.354   4.187   9.576   1.00 17.61  ? 95  ALA A C   1 
ATOM   753  O O   . ALA A 1 95  ? 3.234   4.692   9.637   1.00 17.27  ? 95  ALA A O   1 
ATOM   754  C CB  . ALA A 1 95  ? 5.826   6.210   9.761   1.00 17.13  ? 95  ALA A CB  1 
ATOM   755  N N   . PRO A 1 96  ? 4.619   2.946   10.032  1.00 18.18  ? 96  PRO A N   1 
ATOM   756  C CA  . PRO A 1 96  ? 3.566   2.144   10.652  1.00 18.48  ? 96  PRO A CA  1 
ATOM   757  C C   . PRO A 1 96  ? 2.982   2.829   11.871  1.00 18.82  ? 96  PRO A C   1 
ATOM   758  O O   . PRO A 1 96  ? 3.716   3.440   12.648  1.00 19.24  ? 96  PRO A O   1 
ATOM   759  C CB  . PRO A 1 96  ? 4.281   0.854   11.062  1.00 18.91  ? 96  PRO A CB  1 
ATOM   760  C CG  . PRO A 1 96  ? 5.498   0.786   10.227  1.00 19.49  ? 96  PRO A CG  1 
ATOM   761  C CD  . PRO A 1 96  ? 5.899   2.217   9.960   1.00 18.58  ? 96  PRO A CD  1 
ATOM   762  N N   . LEU A 1 97  ? 1.660   2.772   11.991  1.00 19.20  ? 97  LEU A N   1 
ATOM   763  C CA  . LEU A 1 97  ? 0.968   3.187   13.202  1.00 19.53  ? 97  LEU A CA  1 
ATOM   764  C C   . LEU A 1 97  ? 0.443   1.931   13.907  1.00 20.08  ? 97  LEU A C   1 
ATOM   765  O O   . LEU A 1 97  ? 0.563   1.791   15.131  1.00 20.64  ? 97  LEU A O   1 
ATOM   766  C CB  . LEU A 1 97  ? -0.171  4.163   12.879  1.00 19.74  ? 97  LEU A CB  1 
ATOM   767  C CG  . LEU A 1 97  ? 0.163   5.533   12.277  1.00 19.99  ? 97  LEU A CG  1 
ATOM   768  C CD1 . LEU A 1 97  ? -1.105  6.357   12.147  1.00 20.82  ? 97  LEU A CD1 1 
ATOM   769  C CD2 . LEU A 1 97  ? 1.200   6.304   13.093  1.00 21.80  ? 97  LEU A CD2 1 
ATOM   770  N N   . ASP A 1 98  ? -0.122  1.014   13.130  1.00 20.40  ? 98  ASP A N   1 
ATOM   771  C CA  . ASP A 1 98  ? -0.501  -0.309  13.617  1.00 20.88  ? 98  ASP A CA  1 
ATOM   772  C C   . ASP A 1 98  ? -0.366  -1.324  12.492  1.00 21.19  ? 98  ASP A C   1 
ATOM   773  O O   . ASP A 1 98  ? -1.284  -1.513  11.682  1.00 20.45  ? 98  ASP A O   1 
ATOM   774  C CB  . ASP A 1 98  ? -1.924  -0.327  14.194  1.00 21.51  ? 98  ASP A CB  1 
ATOM   775  C CG  . ASP A 1 98  ? -2.270  -1.658  14.875  1.00 23.04  ? 98  ASP A CG  1 
ATOM   776  O OD1 . ASP A 1 98  ? -1.666  -2.700  14.530  1.00 26.46  ? 98  ASP A OD1 1 
ATOM   777  O OD2 . ASP A 1 98  ? -3.147  -1.669  15.765  1.00 25.87  ? 98  ASP A OD2 1 
ATOM   778  N N   . GLU A 1 99  ? 0.793   -1.970  12.452  1.00 21.52  ? 99  GLU A N   1 
ATOM   779  C CA  . GLU A 1 99  ? 1.098   -2.968  11.444  1.00 23.04  ? 99  GLU A CA  1 
ATOM   780  C C   . GLU A 1 99  ? 1.349   -4.296  12.151  1.00 23.23  ? 99  GLU A C   1 
ATOM   781  O O   . GLU A 1 99  ? 2.314   -4.422  12.905  1.00 23.77  ? 99  GLU A O   1 
ATOM   782  C CB  . GLU A 1 99  ? 2.324   -2.526  10.643  1.00 22.93  ? 99  GLU A CB  1 
ATOM   783  C CG  . GLU A 1 99  ? 2.753   -3.457  9.523   1.00 24.23  ? 99  GLU A CG  1 
ATOM   784  C CD  . GLU A 1 99  ? 3.966   -2.931  8.785   1.00 24.56  ? 99  GLU A CD  1 
ATOM   785  O OE1 . GLU A 1 99  ? 4.903   -2.437  9.455   1.00 27.03  ? 99  GLU A OE1 1 
ATOM   786  O OE2 . GLU A 1 99  ? 3.982   -2.999  7.537   1.00 27.47  ? 99  GLU A OE2 1 
ATOM   787  N N   . ALA A 1 100 ? 0.474   -5.274  11.914  1.00 23.67  ? 100 ALA A N   1 
ATOM   788  C CA  . ALA A 1 100 ? 0.589   -6.596  12.544  1.00 24.68  ? 100 ALA A CA  1 
ATOM   789  C C   . ALA A 1 100 ? 1.775   -7.388  11.999  1.00 25.24  ? 100 ALA A C   1 
ATOM   790  O O   . ALA A 1 100 ? 2.196   -7.193  10.852  1.00 25.50  ? 100 ALA A O   1 
ATOM   791  C CB  . ALA A 1 100 ? -0.697  -7.391  12.367  1.00 24.25  ? 100 ALA A CB  1 
ATOM   792  N N   . SER A 1 101 ? 2.305   -8.282  12.826  1.00 26.12  ? 101 SER A N   1 
ATOM   793  C CA  . SER A 1 101 ? 3.393   -9.155  12.418  1.00 26.89  ? 101 SER A CA  1 
ATOM   794  C C   . SER A 1 101 ? 2.861   -10.325 11.592  1.00 26.87  ? 101 SER A C   1 
ATOM   795  O O   . SER A 1 101 ? 3.546   -10.823 10.691  1.00 27.47  ? 101 SER A O   1 
ATOM   796  C CB  . SER A 1 101 ? 4.158   -9.667  13.639  1.00 27.15  ? 101 SER A CB  1 
ATOM   797  O OG  . SER A 1 101 ? 3.289   -10.322 14.551  1.00 29.36  ? 101 SER A OG  1 
ATOM   798  N N   . SER B 1 4   ? -7.465  -15.600 -6.674  1.00 28.44  ? 4   SER B N   1 
ATOM   799  C CA  . SER B 1 4   ? -8.692  -15.263 -5.896  1.00 28.09  ? 4   SER B CA  1 
ATOM   800  C C   . SER B 1 4   ? -8.576  -14.031 -4.973  1.00 27.58  ? 4   SER B C   1 
ATOM   801  O O   . SER B 1 4   ? -9.518  -13.240 -4.913  1.00 27.78  ? 4   SER B O   1 
ATOM   802  C CB  . SER B 1 4   ? -9.189  -16.488 -5.113  1.00 28.37  ? 4   SER B CB  1 
ATOM   803  O OG  . SER B 1 4   ? -8.308  -16.806 -4.046  1.00 29.46  ? 4   SER B OG  1 
ATOM   804  N N   . PRO B 1 5   ? -7.428  -13.851 -4.265  1.00 26.84  ? 5   PRO B N   1 
ATOM   805  C CA  . PRO B 1 5   ? -7.353  -12.820 -3.222  1.00 26.14  ? 5   PRO B CA  1 
ATOM   806  C C   . PRO B 1 5   ? -7.279  -11.390 -3.741  1.00 25.29  ? 5   PRO B C   1 
ATOM   807  O O   . PRO B 1 5   ? -7.028  -11.165 -4.923  1.00 25.36  ? 5   PRO B O   1 
ATOM   808  C CB  . PRO B 1 5   ? -6.061  -13.165 -2.459  1.00 26.06  ? 5   PRO B CB  1 
ATOM   809  C CG  . PRO B 1 5   ? -5.620  -14.494 -2.987  1.00 26.77  ? 5   PRO B CG  1 
ATOM   810  C CD  . PRO B 1 5   ? -6.143  -14.559 -4.380  1.00 27.23  ? 5   PRO B CD  1 
ATOM   811  N N   . VAL B 1 6   ? -7.503  -10.441 -2.834  1.00 24.21  ? 6   VAL B N   1 
ATOM   812  C CA  . VAL B 1 6   ? -7.612  -9.029  -3.174  1.00 22.92  ? 6   VAL B CA  1 
ATOM   813  C C   . VAL B 1 6   ? -6.952  -8.181  -2.087  1.00 21.72  ? 6   VAL B C   1 
ATOM   814  O O   . VAL B 1 6   ? -6.854  -8.597  -0.929  1.00 21.38  ? 6   VAL B O   1 
ATOM   815  C CB  . VAL B 1 6   ? -9.108  -8.625  -3.387  1.00 23.30  ? 6   VAL B CB  1 
ATOM   816  C CG1 . VAL B 1 6   ? -9.863  -8.557  -2.067  1.00 23.32  ? 6   VAL B CG1 1 
ATOM   817  C CG2 . VAL B 1 6   ? -9.227  -7.312  -4.122  1.00 24.01  ? 6   VAL B CG2 1 
ATOM   818  N N   . ALA B 1 7   ? -6.469  -7.004  -2.472  1.00 19.94  ? 7   ALA B N   1 
ATOM   819  C CA  . ALA B 1 7   ? -5.946  -6.057  -1.511  1.00 18.73  ? 7   ALA B CA  1 
ATOM   820  C C   . ALA B 1 7   ? -6.568  -4.690  -1.763  1.00 17.64  ? 7   ALA B C   1 
ATOM   821  O O   . ALA B 1 7   ? -7.151  -4.447  -2.821  1.00 17.69  ? 7   ALA B O   1 
ATOM   822  C CB  . ALA B 1 7   ? -4.412  -5.999  -1.577  1.00 18.99  ? 7   ALA B CB  1 
ATOM   823  N N   . VAL B 1 8   ? -6.464  -3.810  -0.771  1.00 16.59  ? 8   VAL B N   1 
ATOM   824  C CA  . VAL B 1 8   ? -6.968  -2.445  -0.879  1.00 15.51  ? 8   VAL B CA  1 
ATOM   825  C C   . VAL B 1 8   ? -5.958  -1.496  -0.254  1.00 15.23  ? 8   VAL B C   1 
ATOM   826  O O   . VAL B 1 8   ? -5.424  -1.771  0.811   1.00 14.92  ? 8   VAL B O   1 
ATOM   827  C CB  . VAL B 1 8   ? -8.334  -2.266  -0.144  1.00 16.13  ? 8   VAL B CB  1 
ATOM   828  C CG1 . VAL B 1 8   ? -8.936  -0.889  -0.445  1.00 16.60  ? 8   VAL B CG1 1 
ATOM   829  C CG2 . VAL B 1 8   ? -9.323  -3.359  -0.546  1.00 16.51  ? 8   VAL B CG2 1 
ATOM   830  N N   . ILE B 1 9   ? -5.689  -0.389  -0.947  1.00 14.64  ? 9   ILE B N   1 
ATOM   831  C CA  . ILE B 1 9   ? -5.021  0.763   -0.349  1.00 15.89  ? 9   ILE B CA  1 
ATOM   832  C C   . ILE B 1 9   ? -6.106  1.823   -0.168  1.00 15.15  ? 9   ILE B C   1 
ATOM   833  O O   . ILE B 1 9   ? -6.802  2.165   -1.115  1.00 15.16  ? 9   ILE B O   1 
ATOM   834  C CB  . ILE B 1 9   ? -3.901  1.315   -1.267  1.00 16.19  ? 9   ILE B CB  1 
ATOM   835  C CG1 . ILE B 1 9   ? -2.772  0.292   -1.400  1.00 17.70  ? 9   ILE B CG1 1 
ATOM   836  C CG2 . ILE B 1 9   ? -3.363  2.652   -0.745  1.00 18.17  ? 9   ILE B CG2 1 
ATOM   837  C CD1 . ILE B 1 9   ? -1.801  0.608   -2.544  1.00 16.91  ? 9   ILE B CD1 1 
ATOM   838  N N   . ALA B 1 10  ? -6.264  2.313   1.052   1.00 15.21  ? 10  ALA B N   1 
ATOM   839  C CA  . ALA B 1 10  ? -7.189  3.418   1.314   1.00 14.85  ? 10  ALA B CA  1 
ATOM   840  C C   . ALA B 1 10  ? -6.405  4.572   1.907   1.00 14.90  ? 10  ALA B C   1 
ATOM   841  O O   . ALA B 1 10  ? -5.719  4.398   2.905   1.00 14.83  ? 10  ALA B O   1 
ATOM   842  C CB  . ALA B 1 10  ? -8.282  2.969   2.270   1.00 15.07  ? 10  ALA B CB  1 
ATOM   843  N N   . ARG B 1 11  ? -6.493  5.743   1.279   1.00 14.63  ? 11  ARG B N   1 
ATOM   844  C CA  . ARG B 1 11  ? -5.747  6.914   1.732   1.00 15.31  ? 11  ARG B CA  1 
ATOM   845  C C   . ARG B 1 11  ? -6.685  8.000   2.218   1.00 14.99  ? 11  ARG B C   1 
ATOM   846  O O   . ARG B 1 11  ? -7.664  8.323   1.544   1.00 15.52  ? 11  ARG B O   1 
ATOM   847  C CB  . ARG B 1 11  ? -4.867  7.434   0.601   1.00 15.52  ? 11  ARG B CB  1 
ATOM   848  C CG  . ARG B 1 11  ? -3.892  6.370   0.125   1.00 18.39  ? 11  ARG B CG  1 
ATOM   849  C CD  . ARG B 1 11  ? -2.877  6.923   -0.852  1.00 22.79  ? 11  ARG B CD  1 
ATOM   850  N NE  . ARG B 1 11  ? -3.486  7.198   -2.146  1.00 27.96  ? 11  ARG B NE  1 
ATOM   851  C CZ  . ARG B 1 11  ? -3.596  8.407   -2.682  1.00 30.42  ? 11  ARG B CZ  1 
ATOM   852  N NH1 . ARG B 1 11  ? -3.120  9.468   -2.042  1.00 31.02  ? 11  ARG B NH1 1 
ATOM   853  N NH2 . ARG B 1 11  ? -4.170  8.551   -3.870  1.00 31.57  ? 11  ARG B NH2 1 
ATOM   854  N N   . PHE B 1 12  ? -6.353  8.555   3.378   1.00 14.99  ? 12  PHE B N   1 
ATOM   855  C CA  . PHE B 1 12  ? -7.194  9.505   4.093   1.00 15.41  ? 12  PHE B CA  1 
ATOM   856  C C   . PHE B 1 12  ? -6.449  10.810  4.306   1.00 16.01  ? 12  PHE B C   1 
ATOM   857  O O   . PHE B 1 12  ? -5.372  10.808  4.880   1.00 16.13  ? 12  PHE B O   1 
ATOM   858  C CB  . PHE B 1 12  ? -7.566  8.936   5.465   1.00 15.73  ? 12  PHE B CB  1 
ATOM   859  C CG  . PHE B 1 12  ? -8.259  7.614   5.411   1.00 16.28  ? 12  PHE B CG  1 
ATOM   860  C CD1 . PHE B 1 12  ? -7.521  6.426   5.385   1.00 16.15  ? 12  PHE B CD1 1 
ATOM   861  C CD2 . PHE B 1 12  ? -9.652  7.546   5.395   1.00 15.15  ? 12  PHE B CD2 1 
ATOM   862  C CE1 . PHE B 1 12  ? -8.163  5.196   5.335   1.00 15.61  ? 12  PHE B CE1 1 
ATOM   863  C CE2 . PHE B 1 12  ? -10.305 6.319   5.349   1.00 17.08  ? 12  PHE B CE2 1 
ATOM   864  C CZ  . PHE B 1 12  ? -9.565  5.141   5.318   1.00 16.54  ? 12  PHE B CZ  1 
ATOM   865  N N   . MET B 1 13  ? -7.031  11.914  3.845   1.00 16.48  ? 13  MET B N   1 
ATOM   866  C CA  . MET B 1 13  ? -6.464  13.241  4.039   1.00 17.34  ? 13  MET B CA  1 
ATOM   867  C C   . MET B 1 13  ? -7.345  14.027  5.010   1.00 17.45  ? 13  MET B C   1 
ATOM   868  O O   . MET B 1 13  ? -8.301  14.666  4.585   1.00 17.01  ? 13  MET B O   1 
ATOM   869  C CB  . MET B 1 13  ? -6.356  13.960  2.693   1.00 18.12  ? 13  MET B CB  1 
ATOM   870  C CG  . MET B 1 13  ? -5.439  13.259  1.703   1.00 18.81  ? 13  MET B CG  1 
ATOM   871  S SD  . MET B 1 13  ? -6.030  11.671  0.995   1.00 20.28  ? 13  MET B SD  1 
ATOM   872  C CE  . MET B 1 13  ? -5.135  11.636  -0.562  1.00 21.66  ? 13  MET B CE  1 
ATOM   873  N N   . PRO B 1 14  ? -7.049  13.951  6.318   1.00 17.92  ? 14  PRO B N   1 
ATOM   874  C CA  . PRO B 1 14  ? -7.912  14.633  7.280   1.00 17.88  ? 14  PRO B CA  1 
ATOM   875  C C   . PRO B 1 14  ? -7.796  16.157  7.236   1.00 17.79  ? 14  PRO B C   1 
ATOM   876  O O   . PRO B 1 14  ? -6.738  16.700  6.895   1.00 16.76  ? 14  PRO B O   1 
ATOM   877  C CB  . PRO B 1 14  ? -7.413  14.101  8.635   1.00 18.19  ? 14  PRO B CB  1 
ATOM   878  C CG  . PRO B 1 14  ? -5.993  13.732  8.394   1.00 19.11  ? 14  PRO B CG  1 
ATOM   879  C CD  . PRO B 1 14  ? -5.943  13.231  6.977   1.00 18.27  ? 14  PRO B CD  1 
ATOM   880  N N   . ARG B 1 15  ? -8.892  16.830  7.571   1.00 17.56  ? 15  ARG B N   1 
ATOM   881  C CA  . ARG B 1 15  ? -8.862  18.232  7.952   1.00 18.44  ? 15  ARG B CA  1 
ATOM   882  C C   . ARG B 1 15  ? -7.936  18.322  9.167   1.00 18.12  ? 15  ARG B C   1 
ATOM   883  O O   . ARG B 1 15  ? -7.972  17.443  10.036  1.00 17.09  ? 15  ARG B O   1 
ATOM   884  C CB  . ARG B 1 15  ? -10.267 18.699  8.346   1.00 18.65  ? 15  ARG B CB  1 
ATOM   885  C CG  A ARG B 1 15  ? -11.233 18.889  7.200   0.65 19.00  ? 15  ARG B CG  1 
ATOM   886  C CG  B ARG B 1 15  ? -10.544 20.172  8.108   0.35 18.67  ? 15  ARG B CG  1 
ATOM   887  C CD  A ARG B 1 15  ? -12.555 19.509  7.688   0.65 19.99  ? 15  ARG B CD  1 
ATOM   888  C CD  B ARG B 1 15  ? -12.042 20.486  8.158   0.35 18.54  ? 15  ARG B CD  1 
ATOM   889  N NE  A ARG B 1 15  ? -13.393 18.571  8.442   0.65 23.57  ? 15  ARG B NE  1 
ATOM   890  N NE  B ARG B 1 15  ? -12.752 19.967  6.988   0.35 18.75  ? 15  ARG B NE  1 
ATOM   891  C CZ  A ARG B 1 15  ? -13.714 18.698  9.730   0.65 23.94  ? 15  ARG B CZ  1 
ATOM   892  C CZ  B ARG B 1 15  ? -13.707 19.038  7.022   0.35 18.48  ? 15  ARG B CZ  1 
ATOM   893  N NH1 A ARG B 1 15  ? -13.294 19.738  10.437  0.65 25.41  ? 15  ARG B NH1 1 
ATOM   894  N NH1 B ARG B 1 15  ? -14.277 18.643  5.893   0.35 18.34  ? 15  ARG B NH1 1 
ATOM   895  N NH2 A ARG B 1 15  ? -14.476 17.790  10.314  0.65 23.70  ? 15  ARG B NH2 1 
ATOM   896  N NH2 B ARG B 1 15  ? -14.112 18.513  8.174   0.35 17.36  ? 15  ARG B NH2 1 
ATOM   897  N N   . PRO B 1 16  ? -7.100  19.374  9.240   1.00 18.48  ? 16  PRO B N   1 
ATOM   898  C CA  . PRO B 1 16  ? -6.213  19.509  10.405  1.00 18.64  ? 16  PRO B CA  1 
ATOM   899  C C   . PRO B 1 16  ? -6.918  19.358  11.765  1.00 18.99  ? 16  PRO B C   1 
ATOM   900  O O   . PRO B 1 16  ? -6.443  18.616  12.634  1.00 19.10  ? 16  PRO B O   1 
ATOM   901  C CB  . PRO B 1 16  ? -5.619  20.915  10.231  1.00 18.93  ? 16  PRO B CB  1 
ATOM   902  C CG  . PRO B 1 16  ? -5.641  21.133  8.744   1.00 19.32  ? 16  PRO B CG  1 
ATOM   903  C CD  . PRO B 1 16  ? -6.899  20.452  8.256   1.00 18.68  ? 16  PRO B CD  1 
ATOM   904  N N   . ASP B 1 17  ? -8.057  20.015  11.947  1.00 18.84  ? 17  ASP B N   1 
ATOM   905  C CA  . ASP B 1 17  ? -8.760  19.897  13.222  1.00 19.13  ? 17  ASP B CA  1 
ATOM   906  C C   . ASP B 1 17  ? -9.410  18.525  13.459  1.00 18.60  ? 17  ASP B C   1 
ATOM   907  O O   . ASP B 1 17  ? -9.818  18.224  14.589  1.00 19.04  ? 17  ASP B O   1 
ATOM   908  C CB  . ASP B 1 17  ? -9.780  21.024  13.396  1.00 20.00  ? 17  ASP B CB  1 
ATOM   909  C CG  . ASP B 1 17  ? -11.060 20.773  12.639  1.00 22.14  ? 17  ASP B CG  1 
ATOM   910  O OD1 . ASP B 1 17  ? -10.992 20.511  11.423  1.00 25.19  ? 17  ASP B OD1 1 
ATOM   911  O OD2 . ASP B 1 17  ? -12.142 20.841  13.267  1.00 27.32  ? 17  ASP B OD2 1 
ATOM   912  N N   . ALA B 1 18  ? -9.481  17.706  12.407  1.00 17.77  ? 18  ALA B N   1 
ATOM   913  C CA  . ALA B 1 18  ? -10.143 16.390  12.459  1.00 17.30  ? 18  ALA B CA  1 
ATOM   914  C C   . ALA B 1 18  ? -9.166  15.202  12.477  1.00 17.44  ? 18  ALA B C   1 
ATOM   915  O O   . ALA B 1 18  ? -9.592  14.036  12.472  1.00 17.02  ? 18  ALA B O   1 
ATOM   916  C CB  . ALA B 1 18  ? -11.151 16.248  11.293  1.00 17.15  ? 18  ALA B CB  1 
ATOM   917  N N   . ARG B 1 19  ? -7.865  15.485  12.541  1.00 16.98  ? 19  ARG B N   1 
ATOM   918  C CA  . ARG B 1 19  ? -6.852  14.427  12.518  1.00 17.08  ? 19  ARG B CA  1 
ATOM   919  C C   . ARG B 1 19  ? -7.007  13.443  13.665  1.00 16.70  ? 19  ARG B C   1 
ATOM   920  O O   . ARG B 1 19  ? -6.973  12.235  13.449  1.00 15.93  ? 19  ARG B O   1 
ATOM   921  C CB  . ARG B 1 19  ? -5.442  15.005  12.542  1.00 17.69  ? 19  ARG B CB  1 
ATOM   922  C CG  . ARG B 1 19  ? -5.137  15.940  11.402  1.00 19.74  ? 19  ARG B CG  1 
ATOM   923  C CD  . ARG B 1 19  ? -3.847  16.680  11.689  1.00 24.40  ? 19  ARG B CD  1 
ATOM   924  N NE  . ARG B 1 19  ? -2.685  16.138  10.997  1.00 27.88  ? 19  ARG B NE  1 
ATOM   925  C CZ  . ARG B 1 19  ? -2.042  15.019  11.319  1.00 29.57  ? 19  ARG B CZ  1 
ATOM   926  N NH1 . ARG B 1 19  ? -2.443  14.268  12.334  1.00 31.41  ? 19  ARG B NH1 1 
ATOM   927  N NH2 . ARG B 1 19  ? -0.987  14.646  10.605  1.00 30.73  ? 19  ARG B NH2 1 
ATOM   928  N N   . SER B 1 20  ? -7.173  13.967  14.881  1.00 16.68  ? 20  SER B N   1 
ATOM   929  C CA  . SER B 1 20  ? -7.379  13.123  16.059  1.00 17.31  ? 20  SER B CA  1 
ATOM   930  C C   . SER B 1 20  ? -8.612  12.251  15.920  1.00 16.70  ? 20  SER B C   1 
ATOM   931  O O   . SER B 1 20  ? -8.562  11.053  16.205  1.00 17.00  ? 20  SER B O   1 
ATOM   932  C CB  . SER B 1 20  ? -7.465  13.966  17.330  1.00 17.96  ? 20  SER B CB  1 
ATOM   933  O OG  . SER B 1 20  ? -6.203  14.541  17.604  1.00 21.50  ? 20  SER B OG  1 
ATOM   934  N N   . ALA B 1 21  ? -9.713  12.846  15.457  1.00 16.06  ? 21  ALA B N   1 
ATOM   935  C CA  . ALA B 1 21  ? -10.960 12.110  15.274  1.00 15.69  ? 21  ALA B CA  1 
ATOM   936  C C   . ALA B 1 21  ? -10.801 11.039  14.205  1.00 14.82  ? 21  ALA B C   1 
ATOM   937  O O   . ALA B 1 21  ? -11.292 9.917   14.355  1.00 14.75  ? 21  ALA B O   1 
ATOM   938  C CB  . ALA B 1 21  ? -12.103 13.067  14.927  1.00 15.49  ? 21  ALA B CB  1 
ATOM   939  N N   . LEU B 1 22  ? -10.097 11.372  13.130  1.00 14.66  ? 22  LEU B N   1 
ATOM   940  C CA  . LEU B 1 22  ? -9.834  10.378  12.087  1.00 14.55  ? 22  LEU B CA  1 
ATOM   941  C C   . LEU B 1 22  ? -9.030  9.200   12.624  1.00 15.05  ? 22  LEU B C   1 
ATOM   942  O O   . LEU B 1 22  ? -9.375  8.042   12.379  1.00 14.22  ? 22  LEU B O   1 
ATOM   943  C CB  . LEU B 1 22  ? -9.113  10.991  10.873  1.00 14.38  ? 22  LEU B CB  1 
ATOM   944  C CG  . LEU B 1 22  ? -8.827  9.947   9.772   1.00 14.90  ? 22  LEU B CG  1 
ATOM   945  C CD1 . LEU B 1 22  ? -10.134 9.428   9.117   1.00 16.37  ? 22  LEU B CD1 1 
ATOM   946  C CD2 . LEU B 1 22  ? -7.869  10.483  8.737   1.00 15.44  ? 22  LEU B CD2 1 
ATOM   947  N N   . ARG B 1 23  ? -7.953  9.499   13.350  1.00 15.75  ? 23  ARG B N   1 
ATOM   948  C CA  . ARG B 1 23  ? -7.114  8.444   13.924  1.00 16.37  ? 23  ARG B CA  1 
ATOM   949  C C   . ARG B 1 23  ? -7.954  7.511   14.793  1.00 15.73  ? 23  ARG B C   1 
ATOM   950  O O   . ARG B 1 23  ? -7.825  6.287   14.692  1.00 16.76  ? 23  ARG B O   1 
ATOM   951  C CB  . ARG B 1 23  ? -5.958  9.045   14.736  1.00 16.79  ? 23  ARG B CB  1 
ATOM   952  C CG  . ARG B 1 23  ? -5.059  8.018   15.433  1.00 18.91  ? 23  ARG B CG  1 
ATOM   953  C CD  . ARG B 1 23  ? -4.343  7.082   14.456  1.00 19.65  ? 23  ARG B CD  1 
ATOM   954  N NE  . ARG B 1 23  ? -3.701  5.965   15.156  1.00 21.32  ? 23  ARG B NE  1 
ATOM   955  C CZ  . ARG B 1 23  ? -2.494  6.024   15.722  1.00 21.44  ? 23  ARG B CZ  1 
ATOM   956  N NH1 . ARG B 1 23  ? -1.784  7.144   15.681  1.00 22.30  ? 23  ARG B NH1 1 
ATOM   957  N NH2 . ARG B 1 23  ? -2.005  4.959   16.341  1.00 22.68  ? 23  ARG B NH2 1 
ATOM   958  N N   . ALA B 1 24  ? -8.823  8.094   15.618  1.00 15.27  ? 24  ALA B N   1 
ATOM   959  C CA  . ALA B 1 24  ? -9.715  7.326   16.502  1.00 15.07  ? 24  ALA B CA  1 
ATOM   960  C C   . ALA B 1 24  ? -10.675 6.428   15.710  1.00 14.87  ? 24  ALA B C   1 
ATOM   961  O O   . ALA B 1 24  ? -10.870 5.246   16.050  1.00 14.67  ? 24  ALA B O   1 
ATOM   962  C CB  . ALA B 1 24  ? -10.487 8.267   17.420  1.00 14.98  ? 24  ALA B CB  1 
ATOM   963  N N   . LEU B 1 25  ? -11.243 6.981   14.639  1.00 14.14  ? 25  LEU B N   1 
ATOM   964  C CA  . LEU B 1 25  ? -12.178 6.245   13.790  1.00 14.35  ? 25  LEU B CA  1 
ATOM   965  C C   . LEU B 1 25  ? -11.503 5.036   13.149  1.00 14.14  ? 25  LEU B C   1 
ATOM   966  O O   . LEU B 1 25  ? -12.060 3.933   13.116  1.00 14.42  ? 25  LEU B O   1 
ATOM   967  C CB  . LEU B 1 25  ? -12.744 7.174   12.709  1.00 14.29  ? 25  LEU B CB  1 
ATOM   968  C CG  . LEU B 1 25  ? -14.013 6.689   12.016  1.00 14.69  ? 25  LEU B CG  1 
ATOM   969  C CD1 . LEU B 1 25  ? -15.198 6.789   12.963  1.00 16.15  ? 25  LEU B CD1 1 
ATOM   970  C CD2 . LEU B 1 25  ? -14.273 7.506   10.768  1.00 16.53  ? 25  LEU B CD2 1 
ATOM   971  N N   . LEU B 1 26  ? -10.283 5.242   12.658  1.00 14.55  ? 26  LEU B N   1 
ATOM   972  C CA  . LEU B 1 26  ? -9.562  4.173   11.993  1.00 14.84  ? 26  LEU B CA  1 
ATOM   973  C C   . LEU B 1 26  ? -9.050  3.161   13.001  1.00 15.66  ? 26  LEU B C   1 
ATOM   974  O O   . LEU B 1 26  ? -9.103  1.950   12.744  1.00 15.76  ? 26  LEU B O   1 
ATOM   975  C CB  . LEU B 1 26  ? -8.422  4.737   11.140  1.00 14.80  ? 26  LEU B CB  1 
ATOM   976  C CG  . LEU B 1 26  ? -8.883  5.663   10.011  1.00 15.13  ? 26  LEU B CG  1 
ATOM   977  C CD1 . LEU B 1 26  ? -7.692  6.028   9.169   1.00 16.44  ? 26  LEU B CD1 1 
ATOM   978  C CD2 . LEU B 1 26  ? -9.989  5.046   9.144   1.00 15.89  ? 26  LEU B CD2 1 
ATOM   979  N N   . ASP B 1 27  ? -8.588  3.652   14.155  1.00 16.33  ? 27  ASP B N   1 
ATOM   980  C CA  . ASP B 1 27  ? -8.131  2.772   15.246  1.00 17.36  ? 27  ASP B CA  1 
ATOM   981  C C   . ASP B 1 27  ? -9.197  1.733   15.593  1.00 16.90  ? 27  ASP B C   1 
ATOM   982  O O   . ASP B 1 27  ? -8.878  0.568   15.818  1.00 17.27  ? 27  ASP B O   1 
ATOM   983  C CB  . ASP B 1 27  ? -7.817  3.562   16.519  1.00 18.25  ? 27  ASP B CB  1 
ATOM   984  C CG  . ASP B 1 27  ? -6.415  4.168   16.531  1.00 20.59  ? 27  ASP B CG  1 
ATOM   985  O OD1 . ASP B 1 27  ? -5.599  3.886   15.625  1.00 24.13  ? 27  ASP B OD1 1 
ATOM   986  O OD2 . ASP B 1 27  ? -6.138  4.947   17.476  1.00 24.69  ? 27  ASP B OD2 1 
ATOM   987  N N   . ALA B 1 28  ? -10.454 2.168   15.664  1.00 16.19  ? 28  ALA B N   1 
ATOM   988  C CA  . ALA B 1 28  ? -11.555 1.282   16.069  1.00 16.00  ? 28  ALA B CA  1 
ATOM   989  C C   . ALA B 1 28  ? -11.896 0.204   15.027  1.00 15.66  ? 28  ALA B C   1 
ATOM   990  O O   . ALA B 1 28  ? -12.585 -0.769  15.337  1.00 15.45  ? 28  ALA B O   1 
ATOM   991  C CB  . ALA B 1 28  ? -12.784 2.105   16.417  1.00 15.67  ? 28  ALA B CB  1 
ATOM   992  N N   . MET B 1 29  ? -11.398 0.368   13.801  1.00 15.11  ? 29  MET B N   1 
ATOM   993  C CA  . MET B 1 29  ? -11.645 -0.600  12.740  1.00 15.37  ? 29  MET B CA  1 
ATOM   994  C C   . MET B 1 29  ? -10.720 -1.807  12.818  1.00 15.20  ? 29  MET B C   1 
ATOM   995  O O   . MET B 1 29  ? -11.045 -2.879  12.308  1.00 15.00  ? 29  MET B O   1 
ATOM   996  C CB  . MET B 1 29  ? -11.478 0.073   11.370  1.00 15.48  ? 29  MET B CB  1 
ATOM   997  C CG  . MET B 1 29  ? -12.640 0.983   11.000  1.00 15.76  ? 29  MET B CG  1 
ATOM   998  S SD  . MET B 1 29  ? -14.163 0.050   10.673  1.00 8.61   ? 29  MET B SD  1 
ATOM   999  C CE  . MET B 1 29  ? -13.686 -0.795  9.164   1.00 15.43  ? 29  MET B CE  1 
ATOM   1000 N N   . ILE B 1 30  ? -9.556  -1.617  13.436  1.00 15.42  ? 30  ILE B N   1 
ATOM   1001 C CA  . ILE B 1 30  ? -8.475  -2.593  13.321  1.00 16.01  ? 30  ILE B CA  1 
ATOM   1002 C C   . ILE B 1 30  ? -8.845  -3.965  13.906  1.00 15.14  ? 30  ILE B C   1 
ATOM   1003 O O   . ILE B 1 30  ? -8.788  -4.979  13.201  1.00 15.47  ? 30  ILE B O   1 
ATOM   1004 C CB  . ILE B 1 30  ? -7.140  -2.041  13.881  1.00 15.84  ? 30  ILE B CB  1 
ATOM   1005 C CG1 . ILE B 1 30  ? -6.712  -0.811  13.056  1.00 16.44  ? 30  ILE B CG1 1 
ATOM   1006 C CG2 . ILE B 1 30  ? -6.075  -3.143  13.864  1.00 16.45  ? 30  ILE B CG2 1 
ATOM   1007 C CD1 . ILE B 1 30  ? -5.492  -0.049  13.568  1.00 17.24  ? 30  ILE B CD1 1 
ATOM   1008 N N   . THR B 1 31  ? -9.253  -3.993  15.171  1.00 15.72  ? 31  THR B N   1 
ATOM   1009 C CA  . THR B 1 31  ? -9.618  -5.250  15.848  1.00 15.46  ? 31  THR B CA  1 
ATOM   1010 C C   . THR B 1 31  ? -10.711 -6.065  15.142  1.00 14.45  ? 31  THR B C   1 
ATOM   1011 O O   . THR B 1 31  ? -10.468 -7.223  14.784  1.00 14.29  ? 31  THR B O   1 
ATOM   1012 C CB  . THR B 1 31  ? -9.959  -5.007  17.332  1.00 15.59  ? 31  THR B CB  1 
ATOM   1013 O OG1 . THR B 1 31  ? -8.786  -4.527  18.001  1.00 17.67  ? 31  THR B OG1 1 
ATOM   1014 C CG2 . THR B 1 31  ? -10.440 -6.287  18.019  1.00 16.25  ? 31  THR B CG2 1 
ATOM   1015 N N   . PRO B 1 32  ? -11.901 -5.459  14.912  1.00 13.77  ? 32  PRO B N   1 
ATOM   1016 C CA  . PRO B 1 32  ? -12.951 -6.252  14.280  1.00 13.82  ? 32  PRO B CA  1 
ATOM   1017 C C   . PRO B 1 32  ? -12.610 -6.652  12.855  1.00 13.48  ? 32  PRO B C   1 
ATOM   1018 O O   . PRO B 1 32  ? -13.013 -7.726  12.410  1.00 13.20  ? 32  PRO B O   1 
ATOM   1019 C CB  . PRO B 1 32  ? -14.177 -5.323  14.313  1.00 13.82  ? 32  PRO B CB  1 
ATOM   1020 C CG  . PRO B 1 32  ? -13.625 -3.947  14.471  1.00 13.63  ? 32  PRO B CG  1 
ATOM   1021 C CD  . PRO B 1 32  ? -12.349 -4.094  15.241  1.00 14.05  ? 32  PRO B CD  1 
ATOM   1022 N N   . THR B 1 33  ? -11.878 -5.804  12.134  1.00 13.53  ? 33  THR B N   1 
ATOM   1023 C CA  . THR B 1 33  ? -11.562 -6.151  10.758  1.00 13.46  ? 33  THR B CA  1 
ATOM   1024 C C   . THR B 1 33  ? -10.591 -7.320  10.715  1.00 13.53  ? 33  THR B C   1 
ATOM   1025 O O   . THR B 1 33  ? -10.768 -8.237  9.923   1.00 13.59  ? 33  THR B O   1 
ATOM   1026 C CB  . THR B 1 33  ? -10.988 -4.981  9.960   1.00 13.91  ? 33  THR B CB  1 
ATOM   1027 O OG1 . THR B 1 33  ? -11.892 -3.869  10.037  1.00 13.19  ? 33  THR B OG1 1 
ATOM   1028 C CG2 . THR B 1 33  ? -10.794 -5.403  8.500   1.00 13.91  ? 33  THR B CG2 1 
ATOM   1029 N N   . ARG B 1 34  ? -9.573  -7.284  11.568  1.00 13.39  ? 34  ARG B N   1 
ATOM   1030 C CA  . ARG B 1 34  ? -8.587  -8.367  11.584  1.00 15.07  ? 34  ARG B CA  1 
ATOM   1031 C C   . ARG B 1 34  ? -9.234  -9.684  11.996  1.00 15.77  ? 34  ARG B C   1 
ATOM   1032 O O   . ARG B 1 34  ? -8.731  -10.754 11.667  1.00 16.28  ? 34  ARG B O   1 
ATOM   1033 C CB  . ARG B 1 34  ? -7.416  -8.036  12.507  1.00 14.85  ? 34  ARG B CB  1 
ATOM   1034 C CG  . ARG B 1 34  ? -6.440  -7.048  11.889  1.00 15.25  ? 34  ARG B CG  1 
ATOM   1035 C CD  . ARG B 1 34  ? -5.295  -6.762  12.837  1.00 16.66  ? 34  ARG B CD  1 
ATOM   1036 N NE  . ARG B 1 34  ? -4.448  -5.705  12.303  1.00 17.79  ? 34  ARG B NE  1 
ATOM   1037 C CZ  . ARG B 1 34  ? -3.563  -5.005  13.011  1.00 18.38  ? 34  ARG B CZ  1 
ATOM   1038 N NH1 . ARG B 1 34  ? -3.379  -5.249  14.300  1.00 19.79  ? 34  ARG B NH1 1 
ATOM   1039 N NH2 . ARG B 1 34  ? -2.856  -4.054  12.413  1.00 18.94  ? 34  ARG B NH2 1 
ATOM   1040 N N   . ALA B 1 35  ? -10.362 -9.583  12.692  1.00 16.79  ? 35  ALA B N   1 
ATOM   1041 C CA  . ALA B 1 35  ? -11.110 -10.742 13.193  1.00 17.77  ? 35  ALA B CA  1 
ATOM   1042 C C   . ALA B 1 35  ? -12.056 -11.371 12.150  1.00 18.63  ? 35  ALA B C   1 
ATOM   1043 O O   . ALA B 1 35  ? -12.617 -12.456 12.384  1.00 19.03  ? 35  ALA B O   1 
ATOM   1044 C CB  . ALA B 1 35  ? -11.879 -10.354 14.456  1.00 17.64  ? 35  ALA B CB  1 
ATOM   1045 N N   . GLU B 1 36  ? -12.231 -10.696 11.011  1.00 19.57  ? 36  GLU B N   1 
ATOM   1046 C CA  . GLU B 1 36  ? -13.055 -11.212 9.910   1.00 20.76  ? 36  GLU B CA  1 
ATOM   1047 C C   . GLU B 1 36  ? -12.436 -12.472 9.301   1.00 20.98  ? 36  GLU B C   1 
ATOM   1048 O O   . GLU B 1 36  ? -11.237 -12.503 9.015   1.00 21.22  ? 36  GLU B O   1 
ATOM   1049 C CB  . GLU B 1 36  ? -13.233 -10.158 8.816   1.00 20.43  ? 36  GLU B CB  1 
ATOM   1050 C CG  . GLU B 1 36  ? -13.901 -8.852  9.262   1.00 20.59  ? 36  GLU B CG  1 
ATOM   1051 C CD  . GLU B 1 36  ? -13.764 -7.747  8.226   1.00 21.95  ? 36  GLU B CD  1 
ATOM   1052 O OE1 . GLU B 1 36  ? -13.315 -8.046  7.093   1.00 24.30  ? 36  GLU B OE1 1 
ATOM   1053 O OE2 . GLU B 1 36  ? -14.085 -6.578  8.548   1.00 20.85  ? 36  GLU B OE2 1 
ATOM   1054 N N   . ASP B 1 37  ? -13.262 -13.501 9.106   1.00 21.74  ? 37  ASP B N   1 
ATOM   1055 C CA  . ASP B 1 37  ? -12.818 -14.769 8.519   1.00 22.00  ? 37  ASP B CA  1 
ATOM   1056 C C   . ASP B 1 37  ? -11.998 -14.575 7.246   1.00 21.80  ? 37  ASP B C   1 
ATOM   1057 O O   . ASP B 1 37  ? -11.008 -15.276 7.022   1.00 22.21  ? 37  ASP B O   1 
ATOM   1058 C CB  . ASP B 1 37  ? -14.018 -15.662 8.199   1.00 22.41  ? 37  ASP B CB  1 
ATOM   1059 C CG  . ASP B 1 37  ? -14.709 -16.201 9.442   1.00 23.45  ? 37  ASP B CG  1 
ATOM   1060 O OD1 . ASP B 1 37  ? -15.624 -17.035 9.277   1.00 25.33  ? 37  ASP B OD1 1 
ATOM   1061 O OD2 . ASP B 1 37  ? -14.358 -15.798 10.573  1.00 24.24  ? 37  ASP B OD2 1 
ATOM   1062 N N   . GLY B 1 38  ? -12.420 -13.620 6.422   1.00 21.40  ? 38  GLY B N   1 
ATOM   1063 C CA  . GLY B 1 38  ? -11.802 -13.388 5.121   1.00 20.56  ? 38  GLY B CA  1 
ATOM   1064 C C   . GLY B 1 38  ? -10.734 -12.314 5.048   1.00 20.22  ? 38  GLY B C   1 
ATOM   1065 O O   . GLY B 1 38  ? -10.243 -12.024 3.961   1.00 19.74  ? 38  GLY B O   1 
ATOM   1066 N N   . CYS B 1 39  ? -10.372 -11.726 6.188   1.00 19.62  ? 39  CYS B N   1 
ATOM   1067 C CA  . CYS B 1 39  ? -9.335  -10.693 6.222   1.00 19.45  ? 39  CYS B CA  1 
ATOM   1068 C C   . CYS B 1 39  ? -7.974  -11.319 6.484   1.00 19.81  ? 39  CYS B C   1 
ATOM   1069 O O   . CYS B 1 39  ? -7.763  -11.950 7.528   1.00 19.92  ? 39  CYS B O   1 
ATOM   1070 C CB  . CYS B 1 39  ? -9.626  -9.626  7.283   1.00 19.08  ? 39  CYS B CB  1 
ATOM   1071 S SG  . CYS B 1 39  ? -8.339  -8.315  7.379   1.00 18.63  ? 39  CYS B SG  1 
ATOM   1072 N N   . ARG B 1 40  ? -7.056  -11.150 5.532   1.00 19.46  ? 40  ARG B N   1 
ATOM   1073 C CA  . ARG B 1 40  ? -5.717  -11.700 5.681   1.00 20.15  ? 40  ARG B CA  1 
ATOM   1074 C C   . ARG B 1 40  ? -4.814  -10.744 6.474   1.00 19.42  ? 40  ARG B C   1 
ATOM   1075 O O   . ARG B 1 40  ? -3.996  -11.196 7.273   1.00 20.03  ? 40  ARG B O   1 
ATOM   1076 C CB  . ARG B 1 40  ? -5.125  -12.079 4.316   1.00 19.90  ? 40  ARG B CB  1 
ATOM   1077 C CG  . ARG B 1 40  ? -5.960  -13.141 3.570   1.00 21.62  ? 40  ARG B CG  1 
ATOM   1078 C CD  . ARG B 1 40  ? -5.485  -13.347 2.142   1.00 22.60  ? 40  ARG B CD  1 
ATOM   1079 N NE  . ARG B 1 40  ? -4.326  -14.236 2.085   1.00 27.31  ? 40  ARG B NE  1 
ATOM   1080 C CZ  . ARG B 1 40  ? -3.475  -14.301 1.063   1.00 28.93  ? 40  ARG B CZ  1 
ATOM   1081 N NH1 . ARG B 1 40  ? -2.448  -15.142 1.112   1.00 29.92  ? 40  ARG B NH1 1 
ATOM   1082 N NH2 . ARG B 1 40  ? -3.635  -13.516 0.000   1.00 29.67  ? 40  ARG B NH2 1 
ATOM   1083 N N   . SER B 1 41  ? -4.967  -9.434  6.250   1.00 18.80  ? 41  SER B N   1 
ATOM   1084 C CA  . SER B 1 41  ? -4.246  -8.405  7.012   1.00 17.98  ? 41  SER B CA  1 
ATOM   1085 C C   . SER B 1 41  ? -4.903  -7.030  6.859   1.00 17.33  ? 41  SER B C   1 
ATOM   1086 O O   . SER B 1 41  ? -5.706  -6.820  5.953   1.00 16.67  ? 41  SER B O   1 
ATOM   1087 C CB  . SER B 1 41  ? -2.773  -8.334  6.590   1.00 18.71  ? 41  SER B CB  1 
ATOM   1088 O OG  . SER B 1 41  ? -2.642  -7.932  5.240   1.00 19.42  ? 41  SER B OG  1 
ATOM   1089 N N   . TYR B 1 42  ? -4.579  -6.123  7.777   1.00 16.49  ? 42  TYR B N   1 
ATOM   1090 C CA  . TYR B 1 42  ? -5.195  -4.790  7.849   1.00 17.05  ? 42  TYR B CA  1 
ATOM   1091 C C   . TYR B 1 42  ? -4.279  -3.891  8.661   1.00 16.99  ? 42  TYR B C   1 
ATOM   1092 O O   . TYR B 1 42  ? -4.281  -3.923  9.898   1.00 17.71  ? 42  TYR B O   1 
ATOM   1093 C CB  . TYR B 1 42  ? -6.559  -4.907  8.520   1.00 16.58  ? 42  TYR B CB  1 
ATOM   1094 C CG  . TYR B 1 42  ? -7.481  -3.710  8.446   1.00 16.32  ? 42  TYR B CG  1 
ATOM   1095 C CD1 . TYR B 1 42  ? -8.294  -3.501  7.332   1.00 16.50  ? 42  TYR B CD1 1 
ATOM   1096 C CD2 . TYR B 1 42  ? -7.598  -2.831  9.528   1.00 16.45  ? 42  TYR B CD2 1 
ATOM   1097 C CE1 . TYR B 1 42  ? -9.178  -2.430  7.285   1.00 16.21  ? 42  TYR B CE1 1 
ATOM   1098 C CE2 . TYR B 1 42  ? -8.490  -1.752  9.496   1.00 16.34  ? 42  TYR B CE2 1 
ATOM   1099 C CZ  . TYR B 1 42  ? -9.262  -1.554  8.362   1.00 15.66  ? 42  TYR B CZ  1 
ATOM   1100 O OH  . TYR B 1 42  ? -10.160 -0.516  8.298   1.00 16.71  ? 42  TYR B OH  1 
ATOM   1101 N N   . ASP B 1 43  ? -3.485  -3.082  7.969   1.00 16.70  ? 43  ASP B N   1 
ATOM   1102 C CA  . ASP B 1 43  ? -2.420  -2.335  8.629   1.00 16.61  ? 43  ASP B CA  1 
ATOM   1103 C C   . ASP B 1 43  ? -2.555  -0.837  8.399   1.00 16.37  ? 43  ASP B C   1 
ATOM   1104 O O   . ASP B 1 43  ? -2.952  -0.413  7.311   1.00 16.50  ? 43  ASP B O   1 
ATOM   1105 C CB  . ASP B 1 43  ? -1.070  -2.830  8.107   1.00 17.42  ? 43  ASP B CB  1 
ATOM   1106 C CG  . ASP B 1 43  ? -0.823  -4.293  8.438   1.00 18.51  ? 43  ASP B CG  1 
ATOM   1107 O OD1 . ASP B 1 43  ? -1.084  -4.674  9.600   1.00 20.61  ? 43  ASP B OD1 1 
ATOM   1108 O OD2 . ASP B 1 43  ? -0.404  -5.064  7.537   1.00 19.77  ? 43  ASP B OD2 1 
ATOM   1109 N N   . LEU B 1 44  ? -2.226  -0.051  9.423   1.00 15.48  ? 44  LEU B N   1 
ATOM   1110 C CA  . LEU B 1 44  ? -2.413  1.404   9.385   1.00 15.76  ? 44  LEU B CA  1 
ATOM   1111 C C   . LEU B 1 44  ? -1.081  2.156   9.427   1.00 15.50  ? 44  LEU B C   1 
ATOM   1112 O O   . LEU B 1 44  ? -0.220  1.857   10.261  1.00 15.75  ? 44  LEU B O   1 
ATOM   1113 C CB  . LEU B 1 44  ? -3.320  1.864   10.538  1.00 16.24  ? 44  LEU B CB  1 
ATOM   1114 C CG  . LEU B 1 44  ? -3.569  3.365   10.735  1.00 15.99  ? 44  LEU B CG  1 
ATOM   1115 C CD1 . LEU B 1 44  ? -4.383  3.967   9.580   1.00 16.72  ? 44  LEU B CD1 1 
ATOM   1116 C CD2 . LEU B 1 44  ? -4.279  3.605   12.085  1.00 16.54  ? 44  LEU B CD2 1 
ATOM   1117 N N   . TYR B 1 45  ? -0.933  3.144   8.533   1.00 15.31  ? 45  TYR B N   1 
ATOM   1118 C CA  . TYR B 1 45  ? 0.297   3.928   8.405   1.00 15.38  ? 45  TYR B CA  1 
ATOM   1119 C C   . TYR B 1 45  ? 0.040   5.430   8.323   1.00 15.55  ? 45  TYR B C   1 
ATOM   1120 O O   . TYR B 1 45  ? -1.067  5.857   8.025   1.00 14.95  ? 45  TYR B O   1 
ATOM   1121 C CB  . TYR B 1 45  ? 1.060   3.545   7.127   1.00 15.94  ? 45  TYR B CB  1 
ATOM   1122 C CG  . TYR B 1 45  ? 1.293   2.072   6.944   1.00 15.29  ? 45  TYR B CG  1 
ATOM   1123 C CD1 . TYR B 1 45  ? 0.311   1.276   6.385   1.00 15.50  ? 45  TYR B CD1 1 
ATOM   1124 C CD2 . TYR B 1 45  ? 2.515   1.482   7.289   1.00 16.65  ? 45  TYR B CD2 1 
ATOM   1125 C CE1 . TYR B 1 45  ? 0.504   -0.079  6.197   1.00 17.05  ? 45  TYR B CE1 1 
ATOM   1126 C CE2 . TYR B 1 45  ? 2.724   0.107   7.100   1.00 16.77  ? 45  TYR B CE2 1 
ATOM   1127 C CZ  . TYR B 1 45  ? 1.701   -0.659  6.555   1.00 17.29  ? 45  TYR B CZ  1 
ATOM   1128 O OH  . TYR B 1 45  ? 1.846   -2.017  6.342   1.00 18.85  ? 45  TYR B OH  1 
ATOM   1129 N N   . GLU B 1 46  ? 1.084   6.210   8.568   1.00 15.72  ? 46  GLU B N   1 
ATOM   1130 C CA  . GLU B 1 46  ? 1.079   7.649   8.292   1.00 16.72  ? 46  GLU B CA  1 
ATOM   1131 C C   . GLU B 1 46  ? 2.118   7.958   7.203   1.00 16.16  ? 46  GLU B C   1 
ATOM   1132 O O   . GLU B 1 46  ? 3.243   7.452   7.255   1.00 15.88  ? 46  GLU B O   1 
ATOM   1133 C CB  . GLU B 1 46  ? 1.370   8.444   9.574   1.00 16.78  ? 46  GLU B CB  1 
ATOM   1134 C CG  . GLU B 1 46  ? 1.227   9.967   9.439   1.00 18.96  ? 46  GLU B CG  1 
ATOM   1135 C CD  . GLU B 1 46  ? 1.513   10.753  10.736  1.00 20.25  ? 46  GLU B CD  1 
ATOM   1136 O OE1 . GLU B 1 46  ? 1.972   10.168  11.753  1.00 24.73  ? 46  GLU B OE1 1 
ATOM   1137 O OE2 . GLU B 1 46  ? 1.280   11.986  10.731  1.00 26.51  ? 46  GLU B OE2 1 
ATOM   1138 N N   . SER B 1 47  ? 1.758   8.767   6.209   1.00 15.76  ? 47  SER B N   1 
ATOM   1139 C CA  . SER B 1 47  ? 2.749   9.175   5.209   1.00 15.98  ? 47  SER B CA  1 
ATOM   1140 C C   . SER B 1 47  ? 3.869   9.978   5.863   1.00 16.33  ? 47  SER B C   1 
ATOM   1141 O O   . SER B 1 47  ? 3.657   10.655  6.890   1.00 16.06  ? 47  SER B O   1 
ATOM   1142 C CB  . SER B 1 47  ? 2.123   9.971   4.062   1.00 16.40  ? 47  SER B CB  1 
ATOM   1143 O OG  . SER B 1 47  ? 1.640   11.220  4.505   1.00 18.12  ? 47  SER B OG  1 
ATOM   1144 N N   . ALA B 1 48  ? 5.054   9.901   5.262   1.00 16.59  ? 48  ALA B N   1 
ATOM   1145 C CA  . ALA B 1 48  ? 6.230   10.633  5.741   1.00 17.60  ? 48  ALA B CA  1 
ATOM   1146 C C   . ALA B 1 48  ? 6.007   12.146  5.842   1.00 18.19  ? 48  ALA B C   1 
ATOM   1147 O O   . ALA B 1 48  ? 6.572   12.805  6.733   1.00 18.18  ? 48  ALA B O   1 
ATOM   1148 C CB  . ALA B 1 48  ? 7.443   10.324  4.876   1.00 17.76  ? 48  ALA B CB  1 
ATOM   1149 N N   . ASP B 1 49  ? 5.184   12.696  4.950   1.00 18.88  ? 49  ASP B N   1 
ATOM   1150 C CA  . ASP B 1 49  ? 4.913   14.136  4.969   1.00 19.77  ? 49  ASP B CA  1 
ATOM   1151 C C   . ASP B 1 49  ? 3.771   14.469  5.925   1.00 20.13  ? 49  ASP B C   1 
ATOM   1152 O O   . ASP B 1 49  ? 3.386   15.637  6.050   1.00 21.09  ? 49  ASP B O   1 
ATOM   1153 C CB  . ASP B 1 49  ? 4.647   14.679  3.562   1.00 20.26  ? 49  ASP B CB  1 
ATOM   1154 C CG  . ASP B 1 49  ? 3.326   14.198  2.976   1.00 21.41  ? 49  ASP B CG  1 
ATOM   1155 O OD1 . ASP B 1 49  ? 2.535   13.535  3.680   1.00 23.40  ? 49  ASP B OD1 1 
ATOM   1156 O OD2 . ASP B 1 49  ? 3.071   14.494  1.794   1.00 23.89  ? 49  ASP B OD2 1 
ATOM   1157 N N   . GLY B 1 50  ? 3.230   13.431  6.571   1.00 20.04  ? 50  GLY B N   1 
ATOM   1158 C CA  . GLY B 1 50  ? 2.207   13.579  7.616   1.00 20.41  ? 50  GLY B CA  1 
ATOM   1159 C C   . GLY B 1 50  ? 0.823   13.992  7.148   1.00 20.16  ? 50  GLY B C   1 
ATOM   1160 O O   . GLY B 1 50  ? -0.069  14.240  7.965   1.00 20.62  ? 50  GLY B O   1 
ATOM   1161 N N   . GLY B 1 51  ? 0.638   14.078  5.836   1.00 20.04  ? 51  GLY B N   1 
ATOM   1162 C CA  . GLY B 1 51  ? -0.610  14.587  5.272   1.00 20.33  ? 51  GLY B CA  1 
ATOM   1163 C C   . GLY B 1 51  ? -1.688  13.534  5.123   1.00 20.37  ? 51  GLY B C   1 
ATOM   1164 O O   . GLY B 1 51  ? -2.868  13.853  4.967   1.00 20.92  ? 51  GLY B O   1 
ATOM   1165 N N   . GLU B 1 52  ? -1.301  12.269  5.152   1.00 19.77  ? 52  GLU B N   1 
ATOM   1166 C CA  . GLU B 1 52  ? -2.285  11.222  4.963   1.00 19.92  ? 52  GLU B CA  1 
ATOM   1167 C C   . GLU B 1 52  ? -2.076  10.032  5.883   1.00 18.50  ? 52  GLU B C   1 
ATOM   1168 O O   . GLU B 1 52  ? -0.942  9.673   6.221   1.00 18.15  ? 52  GLU B O   1 
ATOM   1169 C CB  . GLU B 1 52  ? -2.387  10.798  3.483   1.00 20.42  ? 52  GLU B CB  1 
ATOM   1170 C CG  . GLU B 1 52  ? -1.174  10.125  2.874   1.00 22.94  ? 52  GLU B CG  1 
ATOM   1171 C CD  . GLU B 1 52  ? -1.261  10.025  1.345   1.00 23.60  ? 52  GLU B CD  1 
ATOM   1172 O OE1 . GLU B 1 52  ? -0.260  10.328  0.659   1.00 29.21  ? 52  GLU B OE1 1 
ATOM   1173 O OE2 . GLU B 1 52  ? -2.330  9.662   0.819   1.00 28.45  ? 52  GLU B OE2 1 
ATOM   1174 N N   . LEU B 1 53  ? -3.190  9.463   6.323   1.00 17.14  ? 53  LEU B N   1 
ATOM   1175 C CA  . LEU B 1 53  ? -3.157  8.146   6.927   1.00 16.60  ? 53  LEU B CA  1 
ATOM   1176 C C   . LEU B 1 53  ? -3.482  7.158   5.814   1.00 15.99  ? 53  LEU B C   1 
ATOM   1177 O O   . LEU B 1 53  ? -4.277  7.455   4.914   1.00 16.16  ? 53  LEU B O   1 
ATOM   1178 C CB  . LEU B 1 53  ? -4.156  8.046   8.080   1.00 16.70  ? 53  LEU B CB  1 
ATOM   1179 C CG  . LEU B 1 53  ? -3.943  8.969   9.279   1.00 18.04  ? 53  LEU B CG  1 
ATOM   1180 C CD1 . LEU B 1 53  ? -4.915  8.577   10.397  1.00 19.72  ? 53  LEU B CD1 1 
ATOM   1181 C CD2 . LEU B 1 53  ? -2.507  8.891   9.772   1.00 19.67  ? 53  LEU B CD2 1 
ATOM   1182 N N   . VAL B 1 54  ? -2.841  5.994   5.847   1.00 15.36  ? 54  VAL B N   1 
ATOM   1183 C CA  . VAL B 1 54  ? -3.025  4.988   4.809   1.00 15.06  ? 54  VAL B CA  1 
ATOM   1184 C C   . VAL B 1 54  ? -3.325  3.642   5.460   1.00 15.00  ? 54  VAL B C   1 
ATOM   1185 O O   . VAL B 1 54  ? -2.651  3.257   6.417   1.00 15.28  ? 54  VAL B O   1 
ATOM   1186 C CB  . VAL B 1 54  ? -1.770  4.856   3.923   1.00 15.59  ? 54  VAL B CB  1 
ATOM   1187 C CG1 . VAL B 1 54  ? -1.954  3.744   2.915   1.00 15.26  ? 54  VAL B CG1 1 
ATOM   1188 C CG2 . VAL B 1 54  ? -1.482  6.182   3.201   1.00 14.77  ? 54  VAL B CG2 1 
ATOM   1189 N N   . LEU B 1 55  ? -4.356  2.960   4.957   1.00 14.82  ? 55  LEU B N   1 
ATOM   1190 C CA  . LEU B 1 55  ? -4.629  1.569   5.332   1.00 15.22  ? 55  LEU B CA  1 
ATOM   1191 C C   . LEU B 1 55  ? -4.260  0.676   4.168   1.00 15.62  ? 55  LEU B C   1 
ATOM   1192 O O   . LEU B 1 55  ? -4.610  0.953   3.015   1.00 15.62  ? 55  LEU B O   1 
ATOM   1193 C CB  . LEU B 1 55  ? -6.105  1.348   5.664   1.00 15.23  ? 55  LEU B CB  1 
ATOM   1194 C CG  . LEU B 1 55  ? -6.653  1.791   7.020   1.00 16.25  ? 55  LEU B CG  1 
ATOM   1195 C CD1 . LEU B 1 55  ? -8.176  1.861   6.880   1.00 16.32  ? 55  LEU B CD1 1 
ATOM   1196 C CD2 . LEU B 1 55  ? -6.244  0.875   8.180   1.00 16.91  ? 55  LEU B CD2 1 
ATOM   1197 N N   . PHE B 1 56  ? -3.537  -0.392  4.475   1.00 15.98  ? 56  PHE B N   1 
ATOM   1198 C CA  . PHE B 1 56  ? -3.314  -1.452  3.520   1.00 16.14  ? 56  PHE B CA  1 
ATOM   1199 C C   . PHE B 1 56  ? -4.018  -2.699  4.030   1.00 16.82  ? 56  PHE B C   1 
ATOM   1200 O O   . PHE B 1 56  ? -3.748  -3.151  5.144   1.00 17.30  ? 56  PHE B O   1 
ATOM   1201 C CB  . PHE B 1 56  ? -1.819  -1.723  3.336   1.00 16.41  ? 56  PHE B CB  1 
ATOM   1202 C CG  . PHE B 1 56  ? -1.528  -2.709  2.248   1.00 17.08  ? 56  PHE B CG  1 
ATOM   1203 C CD1 . PHE B 1 56  ? -0.801  -3.864  2.516   1.00 18.41  ? 56  PHE B CD1 1 
ATOM   1204 C CD2 . PHE B 1 56  ? -2.006  -2.503  0.955   1.00 19.99  ? 56  PHE B CD2 1 
ATOM   1205 C CE1 . PHE B 1 56  ? -0.529  -4.794  1.506   1.00 20.16  ? 56  PHE B CE1 1 
ATOM   1206 C CE2 . PHE B 1 56  ? -1.737  -3.433  -0.063  1.00 22.15  ? 56  PHE B CE2 1 
ATOM   1207 C CZ  . PHE B 1 56  ? -1.001  -4.581  0.228   1.00 19.33  ? 56  PHE B CZ  1 
ATOM   1208 N N   . GLU B 1 57  ? -4.925  -3.232  3.212   1.00 17.05  ? 57  GLU B N   1 
ATOM   1209 C CA  . GLU B 1 57  ? -5.803  -4.326  3.599   1.00 17.63  ? 57  GLU B CA  1 
ATOM   1210 C C   . GLU B 1 57  ? -5.685  -5.482  2.611   1.00 17.39  ? 57  GLU B C   1 
ATOM   1211 O O   . GLU B 1 57  ? -5.497  -5.260  1.420   1.00 17.14  ? 57  GLU B O   1 
ATOM   1212 C CB  . GLU B 1 57  ? -7.249  -3.832  3.621   1.00 17.66  ? 57  GLU B CB  1 
ATOM   1213 C CG  . GLU B 1 57  ? -7.414  -2.387  4.067   1.00 18.63  ? 57  GLU B CG  1 
ATOM   1214 C CD  . GLU B 1 57  ? -8.791  -1.823  3.781   1.00 19.28  ? 57  GLU B CD  1 
ATOM   1215 O OE1 . GLU B 1 57  ? -8.899  -0.581  3.691   1.00 21.03  ? 57  GLU B OE1 1 
ATOM   1216 O OE2 . GLU B 1 57  ? -9.764  -2.603  3.647   1.00 20.09  ? 57  GLU B OE2 1 
ATOM   1217 N N   . ARG B 1 58  ? -5.806  -6.714  3.098   1.00 17.78  ? 58  ARG B N   1 
ATOM   1218 C CA  . ARG B 1 58  ? -5.740  -7.882  2.231   1.00 18.26  ? 58  ARG B CA  1 
ATOM   1219 C C   . ARG B 1 58  ? -6.842  -8.863  2.606   1.00 18.30  ? 58  ARG B C   1 
ATOM   1220 O O   . ARG B 1 58  ? -7.041  -9.128  3.785   1.00 18.35  ? 58  ARG B O   1 
ATOM   1221 C CB  . ARG B 1 58  ? -4.369  -8.540  2.353   1.00 18.82  ? 58  ARG B CB  1 
ATOM   1222 C CG  . ARG B 1 58  ? -3.274  -7.739  1.648   1.00 19.74  ? 58  ARG B CG  1 
ATOM   1223 C CD  . ARG B 1 58  ? -1.886  -8.235  1.996   1.00 22.22  ? 58  ARG B CD  1 
ATOM   1224 N NE  . ARG B 1 58  ? -1.682  -9.616  1.577   1.00 23.94  ? 58  ARG B NE  1 
ATOM   1225 C CZ  . ARG B 1 58  ? -1.652  -10.654 2.410   1.00 24.43  ? 58  ARG B CZ  1 
ATOM   1226 N NH1 . ARG B 1 58  ? -1.813  -10.469 3.719   1.00 24.28  ? 58  ARG B NH1 1 
ATOM   1227 N NH2 . ARG B 1 58  ? -1.454  -11.881 1.935   1.00 24.18  ? 58  ARG B NH2 1 
ATOM   1228 N N   . TYR B 1 59  ? -7.547  -9.375  1.596   1.00 18.82  ? 59  TYR B N   1 
ATOM   1229 C CA  . TYR B 1 59  ? -8.697  -10.283 1.789   1.00 19.49  ? 59  TYR B CA  1 
ATOM   1230 C C   . TYR B 1 59  ? -8.549  -11.555 0.946   1.00 19.98  ? 59  TYR B C   1 
ATOM   1231 O O   . TYR B 1 59  ? -7.874  -11.543 -0.082  1.00 20.15  ? 59  TYR B O   1 
ATOM   1232 C CB  . TYR B 1 59  ? -10.015 -9.552  1.473   1.00 19.36  ? 59  TYR B CB  1 
ATOM   1233 C CG  . TYR B 1 59  ? -10.203 -8.321  2.332   1.00 19.83  ? 59  TYR B CG  1 
ATOM   1234 C CD1 . TYR B 1 59  ? -10.764 -8.410  3.606   1.00 19.37  ? 59  TYR B CD1 1 
ATOM   1235 C CD2 . TYR B 1 59  ? -9.780  -7.070  1.886   1.00 19.52  ? 59  TYR B CD2 1 
ATOM   1236 C CE1 . TYR B 1 59  ? -10.905 -7.269  4.419   1.00 18.85  ? 59  TYR B CE1 1 
ATOM   1237 C CE2 . TYR B 1 59  ? -9.920  -5.937  2.678   1.00 19.75  ? 59  TYR B CE2 1 
ATOM   1238 C CZ  . TYR B 1 59  ? -10.472 -6.042  3.943   1.00 19.56  ? 59  TYR B CZ  1 
ATOM   1239 O OH  . TYR B 1 59  ? -10.600 -4.907  4.720   1.00 20.31  ? 59  TYR B OH  1 
ATOM   1240 N N   . ARG B 1 60  ? -9.177  -12.650 1.380   1.00 20.09  ? 60  ARG B N   1 
ATOM   1241 C CA  . ARG B 1 60  ? -9.046  -13.936 0.687   1.00 20.58  ? 60  ARG B CA  1 
ATOM   1242 C C   . ARG B 1 60  ? -9.735  -14.004 -0.680  1.00 20.64  ? 60  ARG B C   1 
ATOM   1243 O O   . ARG B 1 60  ? -9.358  -14.818 -1.539  1.00 20.48  ? 60  ARG B O   1 
ATOM   1244 C CB  . ARG B 1 60  ? -9.545  -15.078 1.574   1.00 20.91  ? 60  ARG B CB  1 
ATOM   1245 C CG  . ARG B 1 60  ? -11.038 -15.057 1.865   1.00 23.25  ? 60  ARG B CG  1 
ATOM   1246 C CD  . ARG B 1 60  ? -11.520 -16.440 2.254   1.00 25.17  ? 60  ARG B CD  1 
ATOM   1247 N NE  . ARG B 1 60  ? -12.853 -16.417 2.850   1.00 27.88  ? 60  ARG B NE  1 
ATOM   1248 C CZ  . ARG B 1 60  ? -13.154 -16.916 4.048   1.00 30.50  ? 60  ARG B CZ  1 
ATOM   1249 N NH1 . ARG B 1 60  ? -14.399 -16.852 4.498   1.00 31.28  ? 60  ARG B NH1 1 
ATOM   1250 N NH2 . ARG B 1 60  ? -12.215 -17.492 4.794   1.00 31.49  ? 60  ARG B NH2 1 
ATOM   1251 N N   . SER B 1 61  ? -10.749 -13.165 -0.871  1.00 20.36  ? 61  SER B N   1 
ATOM   1252 C CA  . SER B 1 61  ? -11.584 -13.193 -2.066  1.00 21.05  ? 61  SER B CA  1 
ATOM   1253 C C   . SER B 1 61  ? -12.296 -11.869 -2.210  1.00 21.06  ? 61  SER B C   1 
ATOM   1254 O O   . SER B 1 61  ? -12.342 -11.088 -1.266  1.00 21.65  ? 61  SER B O   1 
ATOM   1255 C CB  . SER B 1 61  ? -12.635 -14.299 -1.946  1.00 20.95  ? 61  SER B CB  1 
ATOM   1256 O OG  . SER B 1 61  ? -13.533 -14.017 -0.880  1.00 21.42  ? 61  SER B OG  1 
ATOM   1257 N N   . ARG B 1 62  ? -12.870 -11.627 -3.385  1.00 21.93  ? 62  ARG B N   1 
ATOM   1258 C CA  . ARG B 1 62  ? -13.761 -10.488 -3.568  1.00 22.59  ? 62  ARG B CA  1 
ATOM   1259 C C   . ARG B 1 62  ? -14.965 -10.565 -2.611  1.00 22.42  ? 62  ARG B C   1 
ATOM   1260 O O   . ARG B 1 62  ? -15.368 -9.552  -2.042  1.00 22.18  ? 62  ARG B O   1 
ATOM   1261 C CB  . ARG B 1 62  ? -14.214 -10.364 -5.027  1.00 23.23  ? 62  ARG B CB  1 
ATOM   1262 C CG  . ARG B 1 62  ? -14.860 -9.013  -5.361  1.00 26.07  ? 62  ARG B CG  1 
ATOM   1263 C CD  . ARG B 1 62  ? -14.080 -7.843  -4.768  1.00 30.72  ? 62  ARG B CD  1 
ATOM   1264 N NE  . ARG B 1 62  ? -14.839 -6.592  -4.789  1.00 33.40  ? 62  ARG B NE  1 
ATOM   1265 C CZ  . ARG B 1 62  ? -14.652 -5.612  -5.670  1.00 34.95  ? 62  ARG B CZ  1 
ATOM   1266 N NH1 . ARG B 1 62  ? -13.724 -5.730  -6.612  1.00 35.49  ? 62  ARG B NH1 1 
ATOM   1267 N NH2 . ARG B 1 62  ? -15.392 -4.509  -5.610  1.00 35.76  ? 62  ARG B NH2 1 
ATOM   1268 N N   . ILE B 1 63  ? -15.508 -11.770 -2.425  1.00 22.07  ? 63  ILE B N   1 
ATOM   1269 C CA  . ILE B 1 63  ? -16.608 -12.004 -1.469  1.00 21.79  ? 63  ILE B CA  1 
ATOM   1270 C C   . ILE B 1 63  ? -16.254 -11.516 -0.054  1.00 21.33  ? 63  ILE B C   1 
ATOM   1271 O O   . ILE B 1 63  ? -17.056 -10.845 0.601   1.00 21.06  ? 63  ILE B O   1 
ATOM   1272 C CB  . ILE B 1 63  ? -17.031 -13.496 -1.426  1.00 21.92  ? 63  ILE B CB  1 
ATOM   1273 C CG1 . ILE B 1 63  ? -17.382 -13.991 -2.837  1.00 22.46  ? 63  ILE B CG1 1 
ATOM   1274 C CG2 . ILE B 1 63  ? -18.194 -13.692 -0.445  1.00 22.76  ? 63  ILE B CG2 1 
ATOM   1275 C CD1 . ILE B 1 63  ? -17.693 -15.470 -2.921  1.00 22.36  ? 63  ILE B CD1 1 
ATOM   1276 N N   . ALA B 1 64  ? -15.042 -11.831 0.397   1.00 20.55  ? 64  ALA B N   1 
ATOM   1277 C CA  . ALA B 1 64  ? -14.562 -11.383 1.697   1.00 20.12  ? 64  ALA B CA  1 
ATOM   1278 C C   . ALA B 1 64  ? -14.509 -9.849  1.793   1.00 20.28  ? 64  ALA B C   1 
ATOM   1279 O O   . ALA B 1 64  ? -14.834 -9.265  2.833   1.00 19.81  ? 64  ALA B O   1 
ATOM   1280 C CB  . ALA B 1 64  ? -13.208 -11.987 1.985   1.00 20.26  ? 64  ALA B CB  1 
ATOM   1281 N N   . LEU B 1 65  ? -14.108 -9.195  0.705   1.00 20.04  ? 65  LEU B N   1 
ATOM   1282 C CA  . LEU B 1 65  ? -14.055 -7.742  0.702   1.00 20.29  ? 65  LEU B CA  1 
ATOM   1283 C C   . LEU B 1 65  ? -15.469 -7.148  0.768   1.00 20.13  ? 65  LEU B C   1 
ATOM   1284 O O   . LEU B 1 65  ? -15.712 -6.214  1.528   1.00 19.66  ? 65  LEU B O   1 
ATOM   1285 C CB  . LEU B 1 65  ? -13.249 -7.210  -0.493  1.00 20.00  ? 65  LEU B CB  1 
ATOM   1286 C CG  . LEU B 1 65  ? -13.240 -5.706  -0.777  1.00 20.86  ? 65  LEU B CG  1 
ATOM   1287 C CD1 . LEU B 1 65  ? -12.724 -4.886  0.411   1.00 21.19  ? 65  LEU B CD1 1 
ATOM   1288 C CD2 . LEU B 1 65  ? -12.409 -5.439  -2.016  1.00 20.95  ? 65  LEU B CD2 1 
ATOM   1289 N N   . ASP B 1 66  ? -16.393 -7.717  -0.011  1.00 20.47  ? 66  ASP B N   1 
ATOM   1290 C CA  . ASP B 1 66  ? -17.812 -7.343  0.038   1.00 20.77  ? 66  ASP B CA  1 
ATOM   1291 C C   . ASP B 1 66  ? -18.380 -7.449  1.447   1.00 20.41  ? 66  ASP B C   1 
ATOM   1292 O O   . ASP B 1 66  ? -19.102 -6.558  1.902   1.00 19.89  ? 66  ASP B O   1 
ATOM   1293 C CB  . ASP B 1 66  ? -18.637 -8.241  -0.882  1.00 21.59  ? 66  ASP B CB  1 
ATOM   1294 C CG  . ASP B 1 66  ? -18.371 -7.987  -2.341  1.00 23.73  ? 66  ASP B CG  1 
ATOM   1295 O OD1 . ASP B 1 66  ? -18.875 -8.783  -3.162  1.00 28.94  ? 66  ASP B OD1 1 
ATOM   1296 O OD2 . ASP B 1 66  ? -17.677 -7.001  -2.669  1.00 26.71  ? 66  ASP B OD2 1 
ATOM   1297 N N   . GLU B 1 67  ? -18.045 -8.545  2.126   1.00 19.96  ? 67  GLU B N   1 
ATOM   1298 C CA  . GLU B 1 67  ? -18.509 -8.799  3.485   1.00 19.79  ? 67  GLU B CA  1 
ATOM   1299 C C   . GLU B 1 67  ? -18.001 -7.751  4.464   1.00 18.86  ? 67  GLU B C   1 
ATOM   1300 O O   . GLU B 1 67  ? -18.767 -7.262  5.306   1.00 19.03  ? 67  GLU B O   1 
ATOM   1301 C CB  . GLU B 1 67  ? -18.102 -10.199 3.943   1.00 19.88  ? 67  GLU B CB  1 
ATOM   1302 C CG  . GLU B 1 67  ? -18.849 -11.317 3.238   1.00 21.28  ? 67  GLU B CG  1 
ATOM   1303 C CD  . GLU B 1 67  ? -18.446 -12.697 3.728   1.00 21.60  ? 67  GLU B CD  1 
ATOM   1304 O OE1 . GLU B 1 67  ? -17.305 -12.855 4.218   1.00 24.40  ? 67  GLU B OE1 1 
ATOM   1305 O OE2 . GLU B 1 67  ? -19.275 -13.627 3.616   1.00 24.24  ? 67  GLU B OE2 1 
ATOM   1306 N N   . HIS B 1 68  ? -16.727 -7.385  4.330   1.00 17.64  ? 68  HIS B N   1 
ATOM   1307 C CA  . HIS B 1 68  ? -16.129 -6.333  5.154   1.00 16.21  ? 68  HIS B CA  1 
ATOM   1308 C C   . HIS B 1 68  ? -16.914 -5.038  4.982   1.00 15.65  ? 68  HIS B C   1 
ATOM   1309 O O   . HIS B 1 68  ? -17.232 -4.363  5.962   1.00 14.55  ? 68  HIS B O   1 
ATOM   1310 C CB  . HIS B 1 68  ? -14.659 -6.128  4.778   1.00 15.91  ? 68  HIS B CB  1 
ATOM   1311 C CG  . HIS B 1 68  ? -14.029 -4.909  5.386   1.00 15.57  ? 68  HIS B CG  1 
ATOM   1312 N ND1 . HIS B 1 68  ? -13.700 -4.821  6.723   1.00 16.45  ? 68  HIS B ND1 1 
ATOM   1313 C CD2 . HIS B 1 68  ? -13.638 -3.740  4.825   1.00 13.74  ? 68  HIS B CD2 1 
ATOM   1314 C CE1 . HIS B 1 68  ? -13.152 -3.643  6.964   1.00 15.73  ? 68  HIS B CE1 1 
ATOM   1315 N NE2 . HIS B 1 68  ? -13.095 -2.967  5.829   1.00 14.45  ? 68  HIS B NE2 1 
ATOM   1316 N N   . ARG B 1 69  ? -17.226 -4.707  3.731   1.00 15.08  ? 69  ARG B N   1 
ATOM   1317 C CA  . ARG B 1 69  ? -17.927 -3.469  3.400   1.00 15.18  ? 69  ARG B CA  1 
ATOM   1318 C C   . ARG B 1 69  ? -19.383 -3.416  3.873   1.00 14.21  ? 69  ARG B C   1 
ATOM   1319 O O   . ARG B 1 69  ? -20.012 -2.348  3.839   1.00 14.69  ? 69  ARG B O   1 
ATOM   1320 C CB  . ARG B 1 69  ? -17.810 -3.184  1.895   1.00 15.45  ? 69  ARG B CB  1 
ATOM   1321 C CG  . ARG B 1 69  ? -16.402 -2.787  1.480   1.00 18.62  ? 69  ARG B CG  1 
ATOM   1322 C CD  . ARG B 1 69  ? -16.267 -2.680  -0.032  1.00 23.38  ? 69  ARG B CD  1 
ATOM   1323 N NE  . ARG B 1 69  ? -15.062 -1.931  -0.404  1.00 26.19  ? 69  ARG B NE  1 
ATOM   1324 C CZ  . ARG B 1 69  ? -14.591 -1.808  -1.645  1.00 27.54  ? 69  ARG B CZ  1 
ATOM   1325 N NH1 . ARG B 1 69  ? -15.204 -2.398  -2.666  1.00 29.39  ? 69  ARG B NH1 1 
ATOM   1326 N NH2 . ARG B 1 69  ? -13.492 -1.095  -1.862  1.00 28.32  ? 69  ARG B NH2 1 
ATOM   1327 N N   . GLY B 1 70  ? -19.905 -4.552  4.327   1.00 13.76  ? 70  GLY B N   1 
ATOM   1328 C CA  . GLY B 1 70  ? -21.267 -4.625  4.860   1.00 12.71  ? 70  GLY B CA  1 
ATOM   1329 C C   . GLY B 1 70  ? -21.317 -4.793  6.368   1.00 12.33  ? 70  GLY B C   1 
ATOM   1330 O O   . GLY B 1 70  ? -22.407 -4.810  6.962   1.00 11.60  ? 70  GLY B O   1 
ATOM   1331 N N   . SER B 1 71  ? -20.142 -4.943  6.980   1.00 11.52  ? 71  SER B N   1 
ATOM   1332 C CA  . SER B 1 71  ? -19.997 -5.269  8.405   1.00 11.31  ? 71  SER B CA  1 
ATOM   1333 C C   . SER B 1 71  ? -20.448 -4.126  9.302   1.00 10.61  ? 71  SER B C   1 
ATOM   1334 O O   . SER B 1 71  ? -20.385 -2.977  8.899   1.00 10.17  ? 71  SER B O   1 
ATOM   1335 C CB  . SER B 1 71  ? -18.534 -5.606  8.734   1.00 11.14  ? 71  SER B CB  1 
ATOM   1336 O OG  . SER B 1 71  ? -17.694 -4.467  8.597   1.00 11.58  ? 71  SER B OG  1 
ATOM   1337 N N   . PRO B 1 72  ? -20.887 -4.447  10.535  1.00 10.27  ? 72  PRO B N   1 
ATOM   1338 C CA  . PRO B 1 72  ? -21.310 -3.405  11.484  1.00 10.55  ? 72  PRO B CA  1 
ATOM   1339 C C   . PRO B 1 72  ? -20.222 -2.364  11.736  1.00 10.32  ? 72  PRO B C   1 
ATOM   1340 O O   . PRO B 1 72  ? -20.511 -1.171  11.793  1.00 10.49  ? 72  PRO B O   1 
ATOM   1341 C CB  . PRO B 1 72  ? -21.595 -4.197  12.761  1.00 9.85   ? 72  PRO B CB  1 
ATOM   1342 C CG  . PRO B 1 72  ? -21.948 -5.595  12.258  1.00 11.00  ? 72  PRO B CG  1 
ATOM   1343 C CD  . PRO B 1 72  ? -21.010 -5.797  11.117  1.00 10.68  ? 72  PRO B CD  1 
ATOM   1344 N N   . HIS B 1 73  ? -18.973 -2.793  11.864  1.00 10.77  ? 73  HIS B N   1 
ATOM   1345 C CA  . HIS B 1 73  ? -17.899 -1.830  12.116  1.00 10.41  ? 73  HIS B CA  1 
ATOM   1346 C C   . HIS B 1 73  ? -17.639 -0.929  10.915  1.00 10.26  ? 73  HIS B C   1 
ATOM   1347 O O   . HIS B 1 73  ? -17.490 0.275   11.068  1.00 9.33   ? 73  HIS B O   1 
ATOM   1348 C CB  . HIS B 1 73  ? -16.623 -2.521  12.624  1.00 11.28  ? 73  HIS B CB  1 
ATOM   1349 C CG  . HIS B 1 73  ? -16.192 -3.712  11.823  1.00 12.36  ? 73  HIS B CG  1 
ATOM   1350 N ND1 . HIS B 1 73  ? -16.813 -4.937  11.916  1.00 13.06  ? 73  HIS B ND1 1 
ATOM   1351 C CD2 . HIS B 1 73  ? -15.143 -3.885  10.982  1.00 12.99  ? 73  HIS B CD2 1 
ATOM   1352 C CE1 . HIS B 1 73  ? -16.194 -5.803  11.131  1.00 13.78  ? 73  HIS B CE1 1 
ATOM   1353 N NE2 . HIS B 1 73  ? -15.179 -5.188  10.552  1.00 13.35  ? 73  HIS B NE2 1 
ATOM   1354 N N   . TYR B 1 74  ? -17.619 -1.508  9.712   1.00 10.37  ? 74  TYR B N   1 
ATOM   1355 C CA  . TYR B 1 74  ? -17.442 -0.726  8.506   1.00 11.03  ? 74  TYR B CA  1 
ATOM   1356 C C   . TYR B 1 74  ? -18.554 0.292   8.315   1.00 10.67  ? 74  TYR B C   1 
ATOM   1357 O O   . TYR B 1 74  ? -18.290 1.452   7.999   1.00 9.90   ? 74  TYR B O   1 
ATOM   1358 C CB  . TYR B 1 74  ? -17.375 -1.632  7.282   1.00 11.89  ? 74  TYR B CB  1 
ATOM   1359 C CG  . TYR B 1 74  ? -17.115 -0.858  6.007   1.00 13.93  ? 74  TYR B CG  1 
ATOM   1360 C CD1 . TYR B 1 74  ? -15.816 -0.561  5.605   1.00 14.96  ? 74  TYR B CD1 1 
ATOM   1361 C CD2 . TYR B 1 74  ? -18.175 -0.403  5.224   1.00 14.12  ? 74  TYR B CD2 1 
ATOM   1362 C CE1 . TYR B 1 74  ? -15.570 0.163   4.439   1.00 15.21  ? 74  TYR B CE1 1 
ATOM   1363 C CE2 . TYR B 1 74  ? -17.943 0.324   4.054   1.00 15.78  ? 74  TYR B CE2 1 
ATOM   1364 C CZ  . TYR B 1 74  ? -16.641 0.599   3.669   1.00 15.57  ? 74  TYR B CZ  1 
ATOM   1365 O OH  . TYR B 1 74  ? -16.413 1.317   2.514   1.00 18.09  ? 74  TYR B OH  1 
ATOM   1366 N N   . LEU B 1 75  ? -19.799 -0.134  8.501   1.00 10.19  ? 75  LEU B N   1 
ATOM   1367 C CA  . LEU B 1 75  ? -20.914 0.770   8.267   1.00 10.62  ? 75  LEU B CA  1 
ATOM   1368 C C   . LEU B 1 75  ? -20.798 1.979   9.175   1.00 10.36  ? 75  LEU B C   1 
ATOM   1369 O O   . LEU B 1 75  ? -21.056 3.094   8.746   1.00 11.09  ? 75  LEU B O   1 
ATOM   1370 C CB  . LEU B 1 75  ? -22.259 0.073   8.483   1.00 10.78  ? 75  LEU B CB  1 
ATOM   1371 C CG  . LEU B 1 75  ? -22.646 -1.037  7.502   1.00 11.57  ? 75  LEU B CG  1 
ATOM   1372 C CD1 . LEU B 1 75  ? -24.054 -1.503  7.826   1.00 13.72  ? 75  LEU B CD1 1 
ATOM   1373 C CD2 . LEU B 1 75  ? -22.519 -0.605  6.036   1.00 13.61  ? 75  LEU B CD2 1 
ATOM   1374 N N   . ASN B 1 76  ? -20.396 1.755   10.427  1.00 10.71  ? 76  ASN B N   1 
ATOM   1375 C CA  . ASN B 1 76  ? -20.284 2.857   11.373  1.00 11.30  ? 76  ASN B CA  1 
ATOM   1376 C C   . ASN B 1 76  ? -19.203 3.835   10.938  1.00 11.94  ? 76  ASN B C   1 
ATOM   1377 O O   . ASN B 1 76  ? -19.402 5.053   11.002  1.00 12.54  ? 76  ASN B O   1 
ATOM   1378 C CB  . ASN B 1 76  ? -19.969 2.330   12.773  1.00 11.83  ? 76  ASN B CB  1 
ATOM   1379 C CG  . ASN B 1 76  ? -19.767 3.443   13.771  1.00 13.41  ? 76  ASN B CG  1 
ATOM   1380 O OD1 . ASN B 1 76  ? -20.712 4.139   14.135  1.00 14.04  ? 76  ASN B OD1 1 
ATOM   1381 N ND2 . ASN B 1 76  ? -18.527 3.623   14.213  1.00 15.65  ? 76  ASN B ND2 1 
ATOM   1382 N N   . TYR B 1 77  ? -18.068 3.285   10.519  1.00 12.10  ? 77  TYR B N   1 
ATOM   1383 C CA  . TYR B 1 77  ? -16.958 4.068   9.989   1.00 12.60  ? 77  TYR B CA  1 
ATOM   1384 C C   . TYR B 1 77  ? -17.411 4.867   8.765   1.00 12.76  ? 77  TYR B C   1 
ATOM   1385 O O   . TYR B 1 77  ? -17.149 6.067   8.651   1.00 12.62  ? 77  TYR B O   1 
ATOM   1386 C CB  . TYR B 1 77  ? -15.783 3.133   9.628   1.00 13.68  ? 77  TYR B CB  1 
ATOM   1387 C CG  . TYR B 1 77  ? -15.036 3.549   8.377   1.00 14.40  ? 77  TYR B CG  1 
ATOM   1388 C CD1 . TYR B 1 77  ? -14.020 4.502   8.426   1.00 15.15  ? 77  TYR B CD1 1 
ATOM   1389 C CD2 . TYR B 1 77  ? -15.373 3.006   7.127   1.00 14.92  ? 77  TYR B CD2 1 
ATOM   1390 C CE1 . TYR B 1 77  ? -13.357 4.902   7.268   1.00 16.75  ? 77  TYR B CE1 1 
ATOM   1391 C CE2 . TYR B 1 77  ? -14.730 3.400   5.974   1.00 15.06  ? 77  TYR B CE2 1 
ATOM   1392 C CZ  . TYR B 1 77  ? -13.724 4.347   6.042   1.00 15.90  ? 77  TYR B CZ  1 
ATOM   1393 O OH  . TYR B 1 77  ? -13.071 4.736   4.887   1.00 17.86  ? 77  TYR B OH  1 
ATOM   1394 N N   . ARG B 1 78  ? -18.093 4.203   7.840   1.00 13.03  ? 78  ARG B N   1 
ATOM   1395 C CA  . ARG B 1 78  ? -18.440 4.858   6.582   1.00 13.97  ? 78  ARG B CA  1 
ATOM   1396 C C   . ARG B 1 78  ? -19.440 5.997   6.805   1.00 13.68  ? 78  ARG B C   1 
ATOM   1397 O O   . ARG B 1 78  ? -19.431 6.995   6.072   1.00 14.11  ? 78  ARG B O   1 
ATOM   1398 C CB  . ARG B 1 78  ? -18.974 3.824   5.598   1.00 14.07  ? 78  ARG B CB  1 
ATOM   1399 C CG  . ARG B 1 78  ? -19.452 4.412   4.327   1.00 17.71  ? 78  ARG B CG  1 
ATOM   1400 C CD  . ARG B 1 78  ? -18.377 4.526   3.276   1.00 21.03  ? 78  ARG B CD  1 
ATOM   1401 N NE  . ARG B 1 78  ? -19.065 4.679   2.001   1.00 23.96  ? 78  ARG B NE  1 
ATOM   1402 C CZ  . ARG B 1 78  ? -19.219 3.719   1.090   1.00 24.22  ? 78  ARG B CZ  1 
ATOM   1403 N NH1 . ARG B 1 78  ? -18.693 2.512   1.267   1.00 24.01  ? 78  ARG B NH1 1 
ATOM   1404 N NH2 . ARG B 1 78  ? -19.899 3.980   -0.019  1.00 25.04  ? 78  ARG B NH2 1 
ATOM   1405 N N   . ALA B 1 79  ? -20.297 5.843   7.817   1.00 13.00  ? 79  ALA B N   1 
ATOM   1406 C CA  . ALA B 1 79  ? -21.237 6.889   8.214   1.00 13.06  ? 79  ALA B CA  1 
ATOM   1407 C C   . ALA B 1 79  ? -20.566 8.179   8.702   1.00 13.04  ? 79  ALA B C   1 
ATOM   1408 O O   . ALA B 1 79  ? -21.186 9.253   8.681   1.00 13.51  ? 79  ALA B O   1 
ATOM   1409 C CB  . ALA B 1 79  ? -22.199 6.355   9.272   1.00 13.20  ? 79  ALA B CB  1 
ATOM   1410 N N   . GLN B 1 80  ? -19.316 8.074   9.151   1.00 12.27  ? 80  GLN B N   1 
ATOM   1411 C CA  . GLN B 1 80  ? -18.676 9.184   9.860   1.00 12.43  ? 80  GLN B CA  1 
ATOM   1412 C C   . GLN B 1 80  ? -17.438 9.749   9.184   1.00 12.68  ? 80  GLN B C   1 
ATOM   1413 O O   . GLN B 1 80  ? -17.033 10.887  9.470   1.00 12.78  ? 80  GLN B O   1 
ATOM   1414 C CB  . GLN B 1 80  ? -18.261 8.756   11.267  1.00 12.37  ? 80  GLN B CB  1 
ATOM   1415 C CG  A GLN B 1 80  ? -19.353 8.364   12.217  0.65 13.62  ? 80  GLN B CG  1 
ATOM   1416 C CG  B GLN B 1 80  ? -19.428 8.274   12.157  0.35 10.67  ? 80  GLN B CG  1 
ATOM   1417 C CD  A GLN B 1 80  ? -18.772 7.977   13.564  0.65 15.87  ? 80  GLN B CD  1 
ATOM   1418 C CD  B GLN B 1 80  ? -20.685 9.149   12.084  0.35 8.62   ? 80  GLN B CD  1 
ATOM   1419 O OE1 A GLN B 1 80  ? -18.261 8.822   14.306  0.65 17.12  ? 80  GLN B OE1 1 
ATOM   1420 O OE1 B GLN B 1 80  ? -21.805 8.638   12.085  0.35 7.53   ? 80  GLN B OE1 1 
ATOM   1421 N NE2 A GLN B 1 80  ? -18.834 6.688   13.884  0.65 17.07  ? 80  GLN B NE2 1 
ATOM   1422 N NE2 B GLN B 1 80  ? -20.502 10.469  12.017  0.35 8.94   ? 80  GLN B NE2 1 
ATOM   1423 N N   . VAL B 1 81  ? -16.804 8.947   8.333   1.00 12.47  ? 81  VAL B N   1 
ATOM   1424 C CA  . VAL B 1 81  ? -15.466 9.311   7.850   1.00 12.75  ? 81  VAL B CA  1 
ATOM   1425 C C   . VAL B 1 81  ? -15.446 10.565  6.980   1.00 13.64  ? 81  VAL B C   1 
ATOM   1426 O O   . VAL B 1 81  ? -14.525 11.377  7.100   1.00 13.81  ? 81  VAL B O   1 
ATOM   1427 C CB  . VAL B 1 81  ? -14.767 8.128   7.148   1.00 12.98  ? 81  VAL B CB  1 
ATOM   1428 C CG1 . VAL B 1 81  ? -15.438 7.814   5.842   1.00 12.61  ? 81  VAL B CG1 1 
ATOM   1429 C CG2 . VAL B 1 81  ? -13.275 8.411   6.968   1.00 14.68  ? 81  VAL B CG2 1 
ATOM   1430 N N   . GLY B 1 82  ? -16.466 10.723  6.135   1.00 14.26  ? 82  GLY B N   1 
ATOM   1431 C CA  . GLY B 1 82  ? -16.479 11.794  5.123   1.00 15.20  ? 82  GLY B CA  1 
ATOM   1432 C C   . GLY B 1 82  ? -16.339 13.178  5.717   1.00 16.04  ? 82  GLY B C   1 
ATOM   1433 O O   . GLY B 1 82  ? -15.684 14.068  5.137   1.00 17.16  ? 82  GLY B O   1 
ATOM   1434 N N   . GLU B 1 83  ? -16.940 13.335  6.889   1.00 15.87  ? 83  GLU B N   1 
ATOM   1435 C CA  . GLU B 1 83  ? -17.031 14.603  7.598   1.00 15.97  ? 83  GLU B CA  1 
ATOM   1436 C C   . GLU B 1 83  ? -15.699 15.039  8.209   1.00 15.97  ? 83  GLU B C   1 
ATOM   1437 O O   . GLU B 1 83  ? -15.587 16.155  8.715   1.00 16.71  ? 83  GLU B O   1 
ATOM   1438 C CB  . GLU B 1 83  ? -18.105 14.486  8.677   1.00 16.62  ? 83  GLU B CB  1 
ATOM   1439 C CG  . GLU B 1 83  ? -19.544 14.462  8.130   1.00 18.43  ? 83  GLU B CG  1 
ATOM   1440 C CD  . GLU B 1 83  ? -19.922 13.179  7.384   1.00 21.30  ? 83  GLU B CD  1 
ATOM   1441 O OE1 . GLU B 1 83  ? -19.377 12.090  7.691   1.00 23.04  ? 83  GLU B OE1 1 
ATOM   1442 O OE2 . GLU B 1 83  ? -20.773 13.262  6.469   1.00 22.17  ? 83  GLU B OE2 1 
ATOM   1443 N N   . LEU B 1 84  ? -14.703 14.159  8.156   1.00 15.62  ? 84  LEU B N   1 
ATOM   1444 C CA  . LEU B 1 84  ? -13.407 14.415  8.781   1.00 15.56  ? 84  LEU B CA  1 
ATOM   1445 C C   . LEU B 1 84  ? -12.336 14.741  7.747   1.00 15.99  ? 84  LEU B C   1 
ATOM   1446 O O   . LEU B 1 84  ? -11.207 15.065  8.096   1.00 16.42  ? 84  LEU B O   1 
ATOM   1447 C CB  . LEU B 1 84  ? -12.963 13.204  9.618   1.00 16.00  ? 84  LEU B CB  1 
ATOM   1448 C CG  . LEU B 1 84  ? -13.937 12.747  10.709  1.00 15.88  ? 84  LEU B CG  1 
ATOM   1449 C CD1 . LEU B 1 84  ? -13.464 11.427  11.333  1.00 17.08  ? 84  LEU B CD1 1 
ATOM   1450 C CD2 . LEU B 1 84  ? -14.149 13.824  11.786  1.00 19.60  ? 84  LEU B CD2 1 
ATOM   1451 N N   . LEU B 1 85  ? -12.683 14.643  6.473   1.00 16.20  ? 85  LEU B N   1 
ATOM   1452 C CA  . LEU B 1 85  ? -11.658 14.683  5.433   1.00 16.16  ? 85  LEU B CA  1 
ATOM   1453 C C   . LEU B 1 85  ? -11.718 15.927  4.572   1.00 16.52  ? 85  LEU B C   1 
ATOM   1454 O O   . LEU B 1 85  ? -12.769 16.562  4.461   1.00 16.77  ? 85  LEU B O   1 
ATOM   1455 C CB  . LEU B 1 85  ? -11.767 13.443  4.548   1.00 16.26  ? 85  LEU B CB  1 
ATOM   1456 C CG  . LEU B 1 85  ? -11.755 12.074  5.243   1.00 15.74  ? 85  LEU B CG  1 
ATOM   1457 C CD1 . LEU B 1 85  ? -11.935 11.017  4.186   1.00 17.58  ? 85  LEU B CD1 1 
ATOM   1458 C CD2 . LEU B 1 85  ? -10.464 11.861  6.037   1.00 18.00  ? 85  LEU B CD2 1 
ATOM   1459 N N   . THR B 1 86  ? -10.581 16.255  3.958   1.00 16.56  ? 86  THR B N   1 
ATOM   1460 C CA  . THR B 1 86  ? -10.509 17.371  3.001   1.00 17.60  ? 86  THR B CA  1 
ATOM   1461 C C   . THR B 1 86  ? -11.009 16.957  1.624   1.00 17.67  ? 86  THR B C   1 
ATOM   1462 O O   . THR B 1 86  ? -11.420 17.792  0.820   1.00 17.75  ? 86  THR B O   1 
ATOM   1463 C CB  . THR B 1 86  ? -9.076  17.907  2.857   1.00 17.10  ? 86  THR B CB  1 
ATOM   1464 O OG1 . THR B 1 86  ? -8.224  16.887  2.315   1.00 17.60  ? 86  THR B OG1 1 
ATOM   1465 C CG2 . THR B 1 86  ? -8.545  18.384  4.183   1.00 18.11  ? 86  THR B CG2 1 
ATOM   1466 N N   . ARG B 1 87  ? -10.984 15.653  1.368   1.00 18.15  ? 87  ARG B N   1 
ATOM   1467 C CA  . ARG B 1 87  ? -11.394 15.060  0.098   1.00 18.59  ? 87  ARG B CA  1 
ATOM   1468 C C   . ARG B 1 87  ? -11.793 13.617  0.388   1.00 18.68  ? 87  ARG B C   1 
ATOM   1469 O O   . ARG B 1 87  ? -11.390 13.086  1.425   1.00 18.81  ? 87  ARG B O   1 
ATOM   1470 C CB  . ARG B 1 87  ? -10.244 15.100  -0.911  1.00 19.27  ? 87  ARG B CB  1 
ATOM   1471 C CG  . ARG B 1 87  ? -8.913  14.569  -0.385  1.00 21.45  ? 87  ARG B CG  1 
ATOM   1472 C CD  . ARG B 1 87  ? -8.130  13.904  -1.490  1.00 23.86  ? 87  ARG B CD  1 
ATOM   1473 N NE  . ARG B 1 87  ? -8.851  12.733  -1.995  1.00 26.48  ? 87  ARG B NE  1 
ATOM   1474 C CZ  . ARG B 1 87  ? -8.620  12.147  -3.163  1.00 26.88  ? 87  ARG B CZ  1 
ATOM   1475 N NH1 . ARG B 1 87  ? -7.675  12.613  -3.979  1.00 27.89  ? 87  ARG B NH1 1 
ATOM   1476 N NH2 . ARG B 1 87  ? -9.336  11.090  -3.518  1.00 27.63  ? 87  ARG B NH2 1 
ATOM   1477 N N   . PRO B 1 88  ? -12.557 12.972  -0.517  1.00 18.46  ? 88  PRO B N   1 
ATOM   1478 C CA  . PRO B 1 88  ? -13.018 11.612  -0.203  1.00 18.37  ? 88  PRO B CA  1 
ATOM   1479 C C   . PRO B 1 88  ? -11.869 10.616  -0.089  1.00 17.58  ? 88  PRO B C   1 
ATOM   1480 O O   . PRO B 1 88  ? -10.791 10.839  -0.655  1.00 17.81  ? 88  PRO B O   1 
ATOM   1481 C CB  . PRO B 1 88  ? -13.891 11.247  -1.410  1.00 18.47  ? 88  PRO B CB  1 
ATOM   1482 C CG  . PRO B 1 88  ? -14.211 12.544  -2.061  1.00 19.72  ? 88  PRO B CG  1 
ATOM   1483 C CD  . PRO B 1 88  ? -13.034 13.409  -1.843  1.00 19.05  ? 88  PRO B CD  1 
ATOM   1484 N N   . VAL B 1 89  ? -12.104 9.525   0.639   1.00 17.21  ? 89  VAL B N   1 
ATOM   1485 C CA  . VAL B 1 89  ? -11.113 8.455   0.743   1.00 17.42  ? 89  VAL B CA  1 
ATOM   1486 C C   . VAL B 1 89  ? -10.668 8.039   -0.653  1.00 17.74  ? 89  VAL B C   1 
ATOM   1487 O O   . VAL B 1 89  ? -11.498 7.779   -1.530  1.00 17.61  ? 89  VAL B O   1 
ATOM   1488 C CB  . VAL B 1 89  ? -11.660 7.225   1.505   1.00 17.41  ? 89  VAL B CB  1 
ATOM   1489 C CG1 . VAL B 1 89  ? -10.552 6.223   1.782   1.00 17.30  ? 89  VAL B CG1 1 
ATOM   1490 C CG2 . VAL B 1 89  ? -12.295 7.645   2.821   1.00 17.54  ? 89  VAL B CG2 1 
ATOM   1491 N N   . ALA B 1 90  ? -9.351  8.009   -0.858  1.00 18.15  ? 90  ALA B N   1 
ATOM   1492 C CA  . ALA B 1 90  ? -8.787  7.504   -2.101  1.00 18.71  ? 90  ALA B CA  1 
ATOM   1493 C C   . ALA B 1 90  ? -8.571  6.008   -1.952  1.00 19.13  ? 90  ALA B C   1 
ATOM   1494 O O   . ALA B 1 90  ? -7.670  5.560   -1.228  1.00 18.58  ? 90  ALA B O   1 
ATOM   1495 C CB  . ALA B 1 90  ? -7.491  8.204   -2.432  1.00 19.19  ? 90  ALA B CB  1 
ATOM   1496 N N   . VAL B 1 91  ? -9.415  5.244   -2.636  1.00 19.53  ? 91  VAL B N   1 
ATOM   1497 C CA  . VAL B 1 91  ? -9.405  3.797   -2.504  1.00 20.24  ? 91  VAL B CA  1 
ATOM   1498 C C   . VAL B 1 91  ? -8.919  3.167   -3.804  1.00 20.60  ? 91  VAL B C   1 
ATOM   1499 O O   . VAL B 1 91  ? -9.392  3.503   -4.888  1.00 21.14  ? 91  VAL B O   1 
ATOM   1500 C CB  . VAL B 1 91  ? -10.807 3.242   -2.154  1.00 20.61  ? 91  VAL B CB  1 
ATOM   1501 C CG1 . VAL B 1 91  ? -10.728 1.755   -1.863  1.00 21.04  ? 91  VAL B CG1 1 
ATOM   1502 C CG2 . VAL B 1 91  ? -11.395 3.963   -0.962  1.00 21.05  ? 91  VAL B CG2 1 
ATOM   1503 N N   . THR B 1 92  ? -7.946  2.273   -3.689  1.00 20.18  ? 92  THR B N   1 
ATOM   1504 C CA  . THR B 1 92  ? -7.513  1.486   -4.826  1.00 20.64  ? 92  THR B CA  1 
ATOM   1505 C C   . THR B 1 92  ? -7.599  0.023   -4.451  1.00 19.71  ? 92  THR B C   1 
ATOM   1506 O O   . THR B 1 92  ? -6.936  -0.419  -3.518  1.00 19.64  ? 92  THR B O   1 
ATOM   1507 C CB  . THR B 1 92  ? -6.073  1.816   -5.253  1.00 20.73  ? 92  THR B CB  1 
ATOM   1508 O OG1 . THR B 1 92  ? -5.935  3.232   -5.444  1.00 23.90  ? 92  THR B OG1 1 
ATOM   1509 C CG2 . THR B 1 92  ? -5.733  1.097   -6.555  1.00 21.92  ? 92  THR B CG2 1 
ATOM   1510 N N   . VAL B 1 93  ? -8.411  -0.717  -5.199  1.00 19.18  ? 93  VAL B N   1 
ATOM   1511 C CA  . VAL B 1 93  ? -8.511  -2.161  -5.055  1.00 18.91  ? 93  VAL B CA  1 
ATOM   1512 C C   . VAL B 1 93  ? -7.448  -2.785  -5.950  1.00 18.24  ? 93  VAL B C   1 
ATOM   1513 O O   . VAL B 1 93  ? -7.222  -2.335  -7.070  1.00 18.15  ? 93  VAL B O   1 
ATOM   1514 C CB  . VAL B 1 93  ? -9.935  -2.666  -5.414  1.00 19.21  ? 93  VAL B CB  1 
ATOM   1515 C CG1 . VAL B 1 93  ? -9.994  -4.176  -5.476  1.00 20.55  ? 93  VAL B CG1 1 
ATOM   1516 C CG2 . VAL B 1 93  ? -10.954 -2.132  -4.386  1.00 20.27  ? 93  VAL B CG2 1 
ATOM   1517 N N   . LEU B 1 94  ? -6.783  -3.807  -5.427  1.00 17.56  ? 94  LEU B N   1 
ATOM   1518 C CA  . LEU B 1 94  ? -5.639  -4.419  -6.094  1.00 17.10  ? 94  LEU B CA  1 
ATOM   1519 C C   . LEU B 1 94  ? -5.839  -5.903  -6.330  1.00 16.53  ? 94  LEU B C   1 
ATOM   1520 O O   . LEU B 1 94  ? -6.485  -6.590  -5.542  1.00 16.33  ? 94  LEU B O   1 
ATOM   1521 C CB  . LEU B 1 94  ? -4.383  -4.233  -5.246  1.00 16.86  ? 94  LEU B CB  1 
ATOM   1522 C CG  . LEU B 1 94  ? -3.983  -2.803  -4.886  1.00 17.19  ? 94  LEU B CG  1 
ATOM   1523 C CD1 . LEU B 1 94  ? -2.987  -2.794  -3.727  1.00 18.25  ? 94  LEU B CD1 1 
ATOM   1524 C CD2 . LEU B 1 94  ? -3.419  -2.089  -6.107  1.00 18.26  ? 94  LEU B CD2 1 
ATOM   1525 N N   . ALA B 1 95  ? -5.261  -6.389  -7.417  1.00 15.58  ? 95  ALA B N   1 
ATOM   1526 C CA  . ALA B 1 95  ? -5.210  -7.807  -7.683  1.00 15.32  ? 95  ALA B CA  1 
ATOM   1527 C C   . ALA B 1 95  ? -3.743  -8.219  -7.654  1.00 15.21  ? 95  ALA B C   1 
ATOM   1528 O O   . ALA B 1 95  ? -2.922  -7.599  -8.329  1.00 14.73  ? 95  ALA B O   1 
ATOM   1529 C CB  . ALA B 1 95  ? -5.830  -8.102  -9.037  1.00 15.26  ? 95  ALA B CB  1 
ATOM   1530 N N   . PRO B 1 96  ? -3.393  -9.240  -6.850  1.00 15.39  ? 96  PRO B N   1 
ATOM   1531 C CA  . PRO B 1 96  ? -1.984  -9.631  -6.770  1.00 15.32  ? 96  PRO B CA  1 
ATOM   1532 C C   . PRO B 1 96  ? -1.442  -10.201 -8.074  1.00 15.14  ? 96  PRO B C   1 
ATOM   1533 O O   . PRO B 1 96  ? -2.134  -10.969 -8.771  1.00 15.12  ? 96  PRO B O   1 
ATOM   1534 C CB  . PRO B 1 96  ? -1.975  -10.707 -5.678  1.00 15.46  ? 96  PRO B CB  1 
ATOM   1535 C CG  . PRO B 1 96  ? -3.351  -11.255 -5.684  1.00 16.80  ? 96  PRO B CG  1 
ATOM   1536 C CD  . PRO B 1 96  ? -4.241  -10.087 -5.988  1.00 16.06  ? 96  PRO B CD  1 
ATOM   1537 N N   . LEU B 1 97  ? -0.216  -9.804  -8.410  1.00 15.00  ? 97  LEU B N   1 
ATOM   1538 C CA  . LEU B 1 97  ? 0.501   -10.390 -9.528  1.00 15.08  ? 97  LEU B CA  1 
ATOM   1539 C C   . LEU B 1 97  ? 1.616   -11.280 -9.015  1.00 15.72  ? 97  LEU B C   1 
ATOM   1540 O O   . LEU B 1 97  ? 1.859   -12.363 -9.552  1.00 15.75  ? 97  LEU B O   1 
ATOM   1541 C CB  . LEU B 1 97  ? 1.068   -9.300  -10.443 1.00 15.38  ? 97  LEU B CB  1 
ATOM   1542 C CG  . LEU B 1 97  ? 0.067   -8.462  -11.237 1.00 15.88  ? 97  LEU B CG  1 
ATOM   1543 C CD1 . LEU B 1 97  ? 0.808   -7.386  -11.982 1.00 16.95  ? 97  LEU B CD1 1 
ATOM   1544 C CD2 . LEU B 1 97  ? -0.775  -9.315  -12.200 1.00 16.60  ? 97  LEU B CD2 1 
ATOM   1545 N N   . ASP B 1 98  ? 2.286   -10.825 -7.960  1.00 16.16  ? 98  ASP B N   1 
ATOM   1546 C CA  . ASP B 1 98  ? 3.377   -11.566 -7.352  1.00 17.12  ? 98  ASP B CA  1 
ATOM   1547 C C   . ASP B 1 98  ? 3.448   -11.142 -5.885  1.00 17.59  ? 98  ASP B C   1 
ATOM   1548 O O   . ASP B 1 98  ? 4.116   -10.170 -5.524  1.00 16.45  ? 98  ASP B O   1 
ATOM   1549 C CB  . ASP B 1 98  ? 4.684   -11.283 -8.106  1.00 17.60  ? 98  ASP B CB  1 
ATOM   1550 C CG  . ASP B 1 98  ? 5.793   -12.275 -7.773  1.00 19.33  ? 98  ASP B CG  1 
ATOM   1551 O OD1 . ASP B 1 98  ? 6.622   -12.555 -8.671  1.00 22.49  ? 98  ASP B OD1 1 
ATOM   1552 O OD2 . ASP B 1 98  ? 5.839   -12.778 -6.631  1.00 21.62  ? 98  ASP B OD2 1 
ATOM   1553 N N   . GLU B 1 99  ? 2.710   -11.868 -5.051  1.00 18.55  ? 99  GLU B N   1 
ATOM   1554 C CA  . GLU B 1 99  ? 2.671   -11.595 -3.628  1.00 20.62  ? 99  GLU B CA  1 
ATOM   1555 C C   . GLU B 1 99  ? 3.154   -12.857 -2.932  1.00 21.87  ? 99  GLU B C   1 
ATOM   1556 O O   . GLU B 1 99  ? 2.479   -13.884 -2.978  1.00 22.37  ? 99  GLU B O   1 
ATOM   1557 C CB  . GLU B 1 99  ? 1.252   -11.238 -3.178  1.00 20.52  ? 99  GLU B CB  1 
ATOM   1558 C CG  . GLU B 1 99  ? 1.174   -10.757 -1.738  1.00 22.49  ? 99  GLU B CG  1 
ATOM   1559 C CD  . GLU B 1 99  ? -0.206  -10.869 -1.155  1.00 24.74  ? 99  GLU B CD  1 
ATOM   1560 O OE1 . GLU B 1 99  ? -0.948  -9.868  -1.208  1.00 24.48  ? 99  GLU B OE1 1 
ATOM   1561 O OE2 . GLU B 1 99  ? -0.553  -11.970 -0.653  1.00 27.25  ? 99  GLU B OE2 1 
ATOM   1562 N N   . ALA B 1 100 ? 4.325   -12.772 -2.303  1.00 23.17  ? 100 ALA B N   1 
ATOM   1563 C CA  . ALA B 1 100 ? 4.962   -13.919 -1.646  1.00 25.12  ? 100 ALA B CA  1 
ATOM   1564 C C   . ALA B 1 100 ? 4.109   -14.497 -0.515  1.00 26.49  ? 100 ALA B C   1 
ATOM   1565 O O   . ALA B 1 100 ? 4.114   -15.713 -0.287  1.00 26.71  ? 100 ALA B O   1 
ATOM   1566 C CB  . ALA B 1 100 ? 6.351   -13.545 -1.142  1.00 24.75  ? 100 ALA B CB  1 
ATOM   1567 N N   . SER B 1 101 ? 3.392   -13.623 0.191   1.00 27.99  ? 101 SER B N   1 
ATOM   1568 C CA  . SER B 1 101 ? 2.299   -14.039 1.093   1.00 29.28  ? 101 SER B CA  1 
ATOM   1569 C C   . SER B 1 101 ? 1.555   -12.843 1.673   1.00 29.91  ? 101 SER B C   1 
ATOM   1570 O O   . SER B 1 101 ? 2.020   -11.703 1.603   1.00 30.96  ? 101 SER B O   1 
ATOM   1571 C CB  . SER B 1 101 ? 2.773   -14.983 2.218   1.00 29.64  ? 101 SER B CB  1 
ATOM   1572 O OG  . SER B 1 101 ? 3.455   -14.296 3.261   1.00 29.48  ? 101 SER B OG  1 
HETATM 1573 C C   . ACT C 2 .   ? 11.137  -0.078  -6.031  1.00 20.44  ? 301 ACT A C   1 
HETATM 1574 O O   . ACT C 2 .   ? 11.769  -0.964  -5.420  1.00 19.69  ? 301 ACT A O   1 
HETATM 1575 O OXT . ACT C 2 .   ? 10.702  0.887   -5.353  1.00 21.20  ? 301 ACT A OXT 1 
HETATM 1576 C CH3 . ACT C 2 .   ? 10.909  -0.184  -7.506  1.00 20.19  ? 301 ACT A CH3 1 
HETATM 1577 C C   . ACT D 2 .   ? 11.142  4.376   -6.714  1.00 33.91  ? 303 ACT A C   1 
HETATM 1578 O O   . ACT D 2 .   ? 10.471  3.311   -6.626  1.00 33.75  ? 303 ACT A O   1 
HETATM 1579 O OXT . ACT D 2 .   ? 11.670  4.809   -5.657  1.00 33.39  ? 303 ACT A OXT 1 
HETATM 1580 C CH3 . ACT D 2 .   ? 11.302  5.100   -8.015  1.00 33.82  ? 303 ACT A CH3 1 
HETATM 1581 C C   . ACT E 2 .   ? -11.663 0.449   5.528   1.00 25.53  ? 302 ACT B C   1 
HETATM 1582 O O   . ACT E 2 .   ? -11.695 0.411   4.277   1.00 26.06  ? 302 ACT B O   1 
HETATM 1583 O OXT . ACT E 2 .   ? -11.678 -0.658  6.111   1.00 25.07  ? 302 ACT B OXT 1 
HETATM 1584 C CH3 . ACT E 2 .   ? -11.617 1.740   6.285   1.00 25.31  ? 302 ACT B CH3 1 
HETATM 1585 O O   . HOH F 3 .   ? 12.996  -11.460 -9.657  1.00 15.35  ? 304 HOH A O   1 
HETATM 1586 O O   . HOH F 3 .   ? 3.819   6.174   -13.053 1.00 14.01  ? 305 HOH A O   1 
HETATM 1587 O O   . HOH F 3 .   ? 5.696   -3.576  -23.549 1.00 13.74  ? 306 HOH A O   1 
HETATM 1588 O O   . HOH F 3 .   ? 18.958  -4.886  3.585   1.00 17.61  ? 307 HOH A O   1 
HETATM 1589 O O   . HOH F 3 .   ? 5.910   -0.344  -28.065 1.00 20.34  ? 308 HOH A O   1 
HETATM 1590 O O   . HOH F 3 .   ? 14.619  9.340   -21.309 1.00 19.26  ? 309 HOH A O   1 
HETATM 1591 O O   . HOH F 3 .   ? 7.169   -10.256 -0.255  1.00 15.28  ? 310 HOH A O   1 
HETATM 1592 O O   . HOH F 3 .   ? 2.206   6.256   -3.901  1.00 16.18  ? 311 HOH A O   1 
HETATM 1593 O O   . HOH F 3 .   ? 14.384  -13.748 -2.782  1.00 18.97  ? 312 HOH A O   1 
HETATM 1594 O O   . HOH F 3 .   ? 14.598  -4.379  -13.535 1.00 23.14  ? 313 HOH A O   1 
HETATM 1595 O O   . HOH F 3 .   ? 16.838  -3.579  2.389   1.00 18.33  ? 314 HOH A O   1 
HETATM 1596 O O   . HOH F 3 .   ? 11.896  -9.764  -15.790 1.00 17.11  ? 315 HOH A O   1 
HETATM 1597 O O   . HOH F 3 .   ? 6.795   9.869   0.900   1.00 19.14  ? 316 HOH A O   1 
HETATM 1598 O O   . HOH F 3 .   ? 17.231  -6.792  -10.983 1.00 19.15  ? 317 HOH A O   1 
HETATM 1599 O O   . HOH F 3 .   ? 9.681   7.821   -12.544 1.00 27.73  ? 318 HOH A O   1 
HETATM 1600 O O   . HOH F 3 .   ? 19.829  -8.721  -2.672  1.00 20.47  ? 319 HOH A O   1 
HETATM 1601 O O   . HOH F 3 .   ? 13.778  6.471   -15.476 1.00 20.59  ? 320 HOH A O   1 
HETATM 1602 O O   . HOH F 3 .   ? 10.003  9.716   -14.578 1.00 23.00  ? 321 HOH A O   1 
HETATM 1603 O O   . HOH F 3 .   ? 13.254  0.609   16.365  1.00 21.55  ? 322 HOH A O   1 
HETATM 1604 O O   . HOH F 3 .   ? 2.285   -3.966  -23.232 1.00 16.05  ? 323 HOH A O   1 
HETATM 1605 O O   . HOH F 3 .   ? 4.593   -6.142  0.897   1.00 17.66  ? 324 HOH A O   1 
HETATM 1606 O O   . HOH F 3 .   ? 16.911  -4.252  -11.944 1.00 19.47  ? 325 HOH A O   1 
HETATM 1607 O O   . HOH F 3 .   ? 10.392  -4.226  -24.084 1.00 20.81  ? 326 HOH A O   1 
HETATM 1608 O O   . HOH F 3 .   ? -12.386 -3.392  -12.016 1.00 23.73  ? 327 HOH A O   1 
HETATM 1609 O O   . HOH F 3 .   ? 0.677   3.003   -25.934 1.00 20.79  ? 328 HOH A O   1 
HETATM 1610 O O   . HOH F 3 .   ? 11.644  -4.450  -19.520 1.00 17.40  ? 329 HOH A O   1 
HETATM 1611 O O   . HOH F 3 .   ? 6.154   -3.081  11.608  1.00 23.77  ? 330 HOH A O   1 
HETATM 1612 O O   . HOH F 3 .   ? 11.861  -10.561 1.917   1.00 18.81  ? 331 HOH A O   1 
HETATM 1613 O O   . HOH F 3 .   ? 14.533  -15.238 -9.601  1.00 23.75  ? 332 HOH A O   1 
HETATM 1614 O O   . HOH F 3 .   ? 0.078   6.382   -23.081 1.00 23.69  ? 333 HOH A O   1 
HETATM 1615 O O   . HOH F 3 .   ? -0.942  1.558   -27.520 1.00 22.73  ? 334 HOH A O   1 
HETATM 1616 O O   . HOH F 3 .   ? 13.450  2.120   -20.455 1.00 21.85  ? 335 HOH A O   1 
HETATM 1617 O O   . HOH F 3 .   ? 1.905   -7.117  0.363   1.00 27.36  ? 336 HOH A O   1 
HETATM 1618 O O   . HOH F 3 .   ? 17.667  -2.958  8.667   1.00 20.38  ? 337 HOH A O   1 
HETATM 1619 O O   . HOH F 3 .   ? 11.837  1.562   -2.976  1.00 20.41  ? 338 HOH A O   1 
HETATM 1620 O O   . HOH F 3 .   ? 6.223   -11.837 -11.290 1.00 19.93  ? 339 HOH A O   1 
HETATM 1621 O O   . HOH F 3 .   ? 6.301   7.782   -21.971 1.00 19.26  ? 340 HOH A O   1 
HETATM 1622 O O   . HOH F 3 .   ? 12.266  4.464   10.042  1.00 33.75  ? 341 HOH A O   1 
HETATM 1623 O O   . HOH F 3 .   ? 3.197   0.424   -29.920 1.00 22.75  ? 342 HOH A O   1 
HETATM 1624 O O   . HOH F 3 .   ? 5.598   10.406  -19.596 1.00 22.95  ? 343 HOH A O   1 
HETATM 1625 O O   . HOH F 3 .   ? 13.509  -0.576  -20.039 1.00 26.92  ? 344 HOH A O   1 
HETATM 1626 O O   . HOH F 3 .   ? 6.759   -9.068  -19.260 1.00 29.60  ? 345 HOH A O   1 
HETATM 1627 O O   . HOH F 3 .   ? 15.276  8.310   16.564  1.00 30.05  ? 346 HOH A O   1 
HETATM 1628 O O   . HOH F 3 .   ? 20.950  -5.205  1.525   1.00 27.44  ? 347 HOH A O   1 
HETATM 1629 O O   . HOH F 3 .   ? 3.376   11.124  -20.870 1.00 27.04  ? 348 HOH A O   1 
HETATM 1630 O O   . HOH F 3 .   ? 3.523   10.879  -10.715 1.00 28.30  ? 349 HOH A O   1 
HETATM 1631 O O   . HOH F 3 .   ? 6.514   10.268  -5.925  1.00 30.62  ? 350 HOH A O   1 
HETATM 1632 O O   . HOH F 3 .   ? 18.378  -15.108 -4.164  1.00 26.93  ? 351 HOH A O   1 
HETATM 1633 O O   . HOH F 3 .   ? 5.755   -12.090 -15.570 1.00 25.99  ? 352 HOH A O   1 
HETATM 1634 O O   . HOH F 3 .   ? 18.390  -13.595 1.711   1.00 28.68  ? 353 HOH A O   1 
HETATM 1635 O O   . HOH F 3 .   ? 13.962  7.766   -12.125 1.00 37.58  ? 354 HOH A O   1 
HETATM 1636 O O   . HOH F 3 .   ? 10.392  8.912   -1.933  1.00 26.14  ? 355 HOH A O   1 
HETATM 1637 O O   . HOH F 3 .   ? 2.888   -1.191  14.320  1.00 37.97  ? 356 HOH A O   1 
HETATM 1638 O O   . HOH F 3 .   ? 1.146   8.765   -22.777 1.00 34.14  ? 357 HOH A O   1 
HETATM 1639 O O   . HOH F 3 .   ? 15.864  -3.784  -19.938 1.00 31.25  ? 358 HOH A O   1 
HETATM 1640 O O   . HOH F 3 .   ? 11.199  -5.803  -21.879 1.00 25.94  ? 359 HOH A O   1 
HETATM 1641 O O   . HOH F 3 .   ? 9.258   9.291   -9.137  1.00 27.80  ? 360 HOH A O   1 
HETATM 1642 O O   . HOH F 3 .   ? -3.593  2.447   -26.700 1.00 37.33  ? 361 HOH A O   1 
HETATM 1643 O O   . HOH F 3 .   ? -8.858  0.262   -9.615  1.00 34.26  ? 362 HOH A O   1 
HETATM 1644 O O   . HOH F 3 .   ? 12.169  9.024   0.967   1.00 31.48  ? 363 HOH A O   1 
HETATM 1645 O O   . HOH F 3 .   ? 2.716   13.173  -12.470 1.00 27.08  ? 364 HOH A O   1 
HETATM 1646 O O   . HOH F 3 .   ? 17.820  8.701   4.806   1.00 34.72  ? 365 HOH A O   1 
HETATM 1647 O O   . HOH F 3 .   ? 20.749  5.153   6.054   1.00 32.74  ? 366 HOH A O   1 
HETATM 1648 O O   . HOH F 3 .   ? 20.562  -10.544 -4.423  1.00 31.35  ? 367 HOH A O   1 
HETATM 1649 O O   . HOH F 3 .   ? 13.885  -6.340  12.524  1.00 36.37  ? 368 HOH A O   1 
HETATM 1650 O O   . HOH F 3 .   ? 14.766  -2.401  13.031  1.00 27.26  ? 369 HOH A O   1 
HETATM 1651 O O   . HOH F 3 .   ? -6.875  -5.499  -12.688 1.00 29.86  ? 370 HOH A O   1 
HETATM 1652 O O   . HOH F 3 .   ? 11.198  -16.362 -7.677  1.00 29.32  ? 371 HOH A O   1 
HETATM 1653 O O   . HOH F 3 .   ? 11.749  4.055   -2.820  1.00 26.96  ? 372 HOH A O   1 
HETATM 1654 O O   . HOH F 3 .   ? 13.156  5.069   16.919  1.00 33.40  ? 373 HOH A O   1 
HETATM 1655 O O   . HOH F 3 .   ? 8.762   9.676   -17.038 1.00 32.27  ? 374 HOH A O   1 
HETATM 1656 O O   . HOH F 3 .   ? 8.494   -7.207  -22.988 1.00 39.53  ? 375 HOH A O   1 
HETATM 1657 O O   . HOH F 3 .   ? 7.816   -4.446  9.897   1.00 30.48  ? 376 HOH A O   1 
HETATM 1658 O O   . HOH F 3 .   ? 9.949   5.524   15.963  1.00 56.67  ? 377 HOH A O   1 
HETATM 1659 O O   . HOH F 3 .   ? 15.084  -10.820 3.895   1.00 27.34  ? 378 HOH A O   1 
HETATM 1660 O O   . HOH F 3 .   ? 20.112  -2.683  7.411   1.00 30.31  ? 379 HOH A O   1 
HETATM 1661 O O   . HOH F 3 .   ? -8.799  -6.720  -11.692 1.00 39.09  ? 380 HOH A O   1 
HETATM 1662 O O   . HOH F 3 .   ? 10.741  9.715   3.744   1.00 36.47  ? 381 HOH A O   1 
HETATM 1663 O O   . HOH F 3 .   ? -6.831  -0.465  -17.734 1.00 36.09  ? 382 HOH A O   1 
HETATM 1664 O O   . HOH F 3 .   ? 8.673   8.970   -20.244 1.00 30.16  ? 383 HOH A O   1 
HETATM 1665 O O   . HOH F 3 .   ? 8.136   1.915   12.572  1.00 29.53  ? 384 HOH A O   1 
HETATM 1666 O O   . HOH F 3 .   ? 25.027  2.778   -4.367  1.00 43.46  ? 385 HOH A O   1 
HETATM 1667 O O   . HOH F 3 .   ? 12.332  -4.183  12.173  1.00 30.85  ? 386 HOH A O   1 
HETATM 1668 O O   . HOH F 3 .   ? 21.392  -6.588  -2.589  1.00 32.12  ? 387 HOH A O   1 
HETATM 1669 O O   . HOH F 3 .   ? 13.145  -6.069  -17.995 1.00 34.57  ? 388 HOH A O   1 
HETATM 1670 O O   . HOH F 3 .   ? 21.547  -7.141  -6.938  1.00 30.13  ? 389 HOH A O   1 
HETATM 1671 O O   . HOH F 3 .   ? 9.205   4.495   10.269  1.00 33.98  ? 390 HOH A O   1 
HETATM 1672 O O   . HOH F 3 .   ? 21.157  -7.750  2.254   1.00 31.48  ? 391 HOH A O   1 
HETATM 1673 O O   . HOH F 3 .   ? -1.508  0.929   -19.531 1.00 34.57  ? 392 HOH A O   1 
HETATM 1674 O O   . HOH F 3 .   ? 0.925   -13.133 -13.498 1.00 47.17  ? 393 HOH A O   1 
HETATM 1675 O O   . HOH F 3 .   ? 4.732   -5.643  12.372  1.00 30.24  ? 394 HOH A O   1 
HETATM 1676 O O   . HOH F 3 .   ? 3.518   -3.537  -26.963 1.00 35.42  ? 395 HOH A O   1 
HETATM 1677 O O   . HOH F 3 .   ? 3.255   -12.134 -16.490 1.00 40.07  ? 396 HOH A O   1 
HETATM 1678 O O   . HOH F 3 .   ? 17.044  10.676  6.523   1.00 46.82  ? 397 HOH A O   1 
HETATM 1679 O O   . HOH F 3 .   ? 20.231  -3.968  -1.128  1.00 40.60  ? 398 HOH A O   1 
HETATM 1680 O O   . HOH F 3 .   ? 6.622   -9.733  10.589  1.00 43.26  ? 399 HOH A O   1 
HETATM 1681 O O   . HOH F 3 .   ? -0.731  -1.506  -26.881 1.00 43.35  ? 400 HOH A O   1 
HETATM 1682 O O   . HOH F 3 .   ? 22.990  -1.063  -1.268  1.00 39.99  ? 401 HOH A O   1 
HETATM 1683 O O   . HOH F 3 .   ? 20.223  0.621   -16.910 1.00 36.71  ? 402 HOH A O   1 
HETATM 1684 O O   . HOH F 3 .   ? 9.715   9.671   -6.273  1.00 39.65  ? 403 HOH A O   1 
HETATM 1685 O O   . HOH F 3 .   ? 1.394   -7.985  2.606   1.00 30.75  ? 404 HOH A O   1 
HETATM 1686 O O   . HOH F 3 .   ? -4.990  -2.491  -19.277 1.00 45.98  ? 405 HOH A O   1 
HETATM 1687 O O   . HOH F 3 .   ? 19.806  -4.666  5.977   1.00 35.36  ? 406 HOH A O   1 
HETATM 1688 O O   . HOH F 3 .   ? 21.254  -10.335 1.571   1.00 44.84  ? 407 HOH A O   1 
HETATM 1689 O O   . HOH F 3 .   ? 12.408  -2.606  -21.310 1.00 25.69  ? 408 HOH A O   1 
HETATM 1690 O O   . HOH F 3 .   ? 19.272  5.890   -17.993 1.00 32.50  ? 409 HOH A O   1 
HETATM 1691 O O   . HOH F 3 .   ? -2.142  6.487   -21.861 1.00 35.18  ? 410 HOH A O   1 
HETATM 1692 O O   . HOH F 3 .   ? 15.355  4.526   15.561  1.00 23.97  ? 411 HOH A O   1 
HETATM 1693 O O   . HOH F 3 .   ? 9.394   10.417  1.752   1.00 36.11  ? 412 HOH A O   1 
HETATM 1694 O O   . HOH F 3 .   ? 0.297   8.350   -4.757  1.00 34.60  ? 413 HOH A O   1 
HETATM 1695 O O   . HOH F 3 .   ? 6.076   11.381  -8.542  1.00 31.55  ? 414 HOH A O   1 
HETATM 1696 O O   . HOH F 3 .   ? 9.156   0.032   15.956  1.00 36.94  ? 415 HOH A O   1 
HETATM 1697 O O   . HOH F 3 .   ? 14.829  9.385   11.056  1.00 18.77  ? 416 HOH A O   1 
HETATM 1698 O O   . HOH F 3 .   ? 16.855  7.569   14.508  1.00 17.49  ? 417 HOH A O   1 
HETATM 1699 O O   . HOH F 3 .   ? -2.595  -0.393  -31.265 1.00 36.11  ? 418 HOH A O   1 
HETATM 1700 O O   . HOH F 3 .   ? 8.609   7.555   7.556   1.00 39.10  ? 419 HOH A O   1 
HETATM 1701 O O   . HOH F 3 .   ? 12.189  7.181   8.000   1.00 43.43  ? 420 HOH A O   1 
HETATM 1702 O O   . HOH F 3 .   ? 14.176  9.515   8.534   1.00 32.49  ? 421 HOH A O   1 
HETATM 1703 O O   . HOH F 3 .   ? -0.408  5.724   -2.476  1.00 28.81  ? 422 HOH A O   1 
HETATM 1704 O O   . HOH F 3 .   ? 7.689   -2.867  7.717   1.00 22.89  ? 423 HOH A O   1 
HETATM 1705 O O   . HOH F 3 .   ? 17.129  -4.114  -17.027 1.00 35.30  ? 424 HOH A O   1 
HETATM 1706 O O   . HOH F 3 .   ? -0.144  13.828  -12.497 1.00 39.58  ? 425 HOH A O   1 
HETATM 1707 O O   . HOH F 3 .   ? 8.609   3.175   -23.115 1.00 339.78 ? 426 HOH A O   1 
HETATM 1708 O O   . HOH F 3 .   ? -0.299  -11.709 -15.104 1.00 34.05  ? 427 HOH A O   1 
HETATM 1709 O O   . HOH F 3 .   ? 2.614   -8.115  -18.554 1.00 24.35  ? 428 HOH A O   1 
HETATM 1710 O O   . HOH F 3 .   ? -0.482  -7.841  -17.546 1.00 40.57  ? 429 HOH A O   1 
HETATM 1711 O O   . HOH F 3 .   ? 1.581   -7.587  -16.192 1.00 32.88  ? 430 HOH A O   1 
HETATM 1712 O O   . HOH G 3 .   ? -9.536  -1.783  16.892  1.00 21.44  ? 303 HOH B O   1 
HETATM 1713 O O   . HOH G 3 .   ? -9.240  11.505  2.057   1.00 17.47  ? 304 HOH B O   1 
HETATM 1714 O O   . HOH G 3 .   ? -16.507 1.524   13.295  1.00 17.37  ? 305 HOH B O   1 
HETATM 1715 O O   . HOH G 3 .   ? -9.863  15.723  15.744  1.00 17.31  ? 306 HOH B O   1 
HETATM 1716 O O   . HOH G 3 .   ? -14.674 3.638   13.728  1.00 17.27  ? 307 HOH B O   1 
HETATM 1717 O O   . HOH G 3 .   ? -15.450 -0.482  15.092  1.00 18.54  ? 308 HOH B O   1 
HETATM 1718 O O   . HOH G 3 .   ? -18.575 -6.049  13.835  1.00 19.96  ? 309 HOH B O   1 
HETATM 1719 O O   . HOH G 3 .   ? -5.337  4.684   -2.987  1.00 21.31  ? 310 HOH B O   1 
HETATM 1720 O O   . HOH G 3 .   ? -6.684  -10.884 9.703   1.00 25.28  ? 311 HOH B O   1 
HETATM 1721 O O   . HOH G 3 .   ? -1.788  -5.258  5.327   1.00 19.39  ? 312 HOH B O   1 
HETATM 1722 O O   . HOH G 3 .   ? -13.765 -10.119 5.112   1.00 21.88  ? 313 HOH B O   1 
HETATM 1723 O O   . HOH G 3 .   ? -17.989 12.192  11.774  1.00 19.32  ? 314 HOH B O   1 
HETATM 1724 O O   . HOH G 3 .   ? 3.855   -10.579 1.462   1.00 25.69  ? 315 HOH B O   1 
HETATM 1725 O O   . HOH G 3 .   ? 0.871   -13.776 -6.237  1.00 28.49  ? 316 HOH B O   1 
HETATM 1726 O O   . HOH G 3 .   ? -2.794  -7.131  9.811   1.00 23.31  ? 317 HOH B O   1 
HETATM 1727 O O   . HOH G 3 .   ? 4.713   11.362  2.137   1.00 23.49  ? 318 HOH B O   1 
HETATM 1728 O O   . HOH G 3 .   ? -13.888 7.317   16.962  1.00 26.04  ? 319 HOH B O   1 
HETATM 1729 O O   . HOH G 3 .   ? -24.795 -4.514  5.520   1.00 20.18  ? 320 HOH B O   1 
HETATM 1730 O O   . HOH G 3 .   ? -23.919 9.924   8.835   1.00 16.01  ? 321 HOH B O   1 
HETATM 1731 O O   . HOH G 3 .   ? -13.786 9.715   15.587  1.00 24.24  ? 322 HOH B O   1 
HETATM 1732 O O   . HOH G 3 .   ? -21.922 -9.075  12.403  1.00 18.61  ? 323 HOH B O   1 
HETATM 1733 O O   . HOH G 3 .   ? -12.198 -1.704  2.827   1.00 24.63  ? 324 HOH B O   1 
HETATM 1734 O O   . HOH G 3 .   ? -17.733 5.788   16.082  1.00 22.10  ? 325 HOH B O   1 
HETATM 1735 O O   . HOH G 3 .   ? 9.636   10.878  8.153   1.00 44.35  ? 326 HOH B O   1 
HETATM 1736 O O   . HOH G 3 .   ? -8.417  -9.281  15.539  1.00 32.09  ? 327 HOH B O   1 
HETATM 1737 O O   . HOH G 3 .   ? -14.981 9.586   1.805   1.00 33.81  ? 328 HOH B O   1 
HETATM 1738 O O   . HOH G 3 .   ? -19.208 9.872   5.937   1.00 24.77  ? 329 HOH B O   1 
HETATM 1739 O O   . HOH G 3 .   ? -18.119 8.641   17.351  1.00 31.63  ? 330 HOH B O   1 
HETATM 1740 O O   . HOH G 3 .   ? -10.400 0.244   -7.065  1.00 27.22  ? 331 HOH B O   1 
HETATM 1741 O O   . HOH G 3 .   ? -16.769 -5.129  -9.155  1.00 24.56  ? 332 HOH B O   1 
HETATM 1742 O O   . HOH G 3 .   ? -13.819 2.801   2.206   1.00 34.79  ? 333 HOH B O   1 
HETATM 1743 O O   . HOH G 3 .   ? -16.734 11.308  14.041  1.00 28.64  ? 334 HOH B O   1 
HETATM 1744 O O   . HOH G 3 .   ? -16.307 -18.479 -2.900  1.00 28.63  ? 335 HOH B O   1 
HETATM 1745 O O   . HOH G 3 .   ? -11.855 -1.602  17.987  1.00 30.65  ? 336 HOH B O   1 
HETATM 1746 O O   . HOH G 3 .   ? -6.001  17.115  0.910   1.00 35.69  ? 337 HOH B O   1 
HETATM 1747 O O   . HOH G 3 .   ? -17.472 -8.802  11.388  1.00 34.05  ? 338 HOH B O   1 
HETATM 1748 O O   . HOH G 3 .   ? -14.828 -12.309 6.234   1.00 28.65  ? 339 HOH B O   1 
HETATM 1749 O O   . HOH G 3 .   ? 1.257   10.347  14.348  1.00 41.09  ? 340 HOH B O   1 
HETATM 1750 O O   . HOH G 3 .   ? -20.084 -9.198  8.985   1.00 46.48  ? 341 HOH B O   1 
HETATM 1751 O O   . HOH G 3 .   ? -12.862 -3.517  -7.677  1.00 32.04  ? 342 HOH B O   1 
HETATM 1752 O O   . HOH G 3 .   ? -10.460 19.190  17.364  1.00 35.84  ? 343 HOH B O   1 
HETATM 1753 O O   . HOH G 3 .   ? -10.630 4.326   18.636  1.00 25.55  ? 344 HOH B O   1 
HETATM 1754 O O   . HOH G 3 .   ? -14.666 -19.635 9.243   1.00 29.07  ? 345 HOH B O   1 
HETATM 1755 O O   . HOH G 3 .   ? -4.135  17.137  8.416   1.00 28.27  ? 346 HOH B O   1 
HETATM 1756 O O   . HOH G 3 .   ? -3.299  2.374   15.692  1.00 38.72  ? 347 HOH B O   1 
HETATM 1757 O O   . HOH G 3 .   ? 0.723   6.023   17.189  1.00 28.96  ? 348 HOH B O   1 
HETATM 1758 O O   . HOH G 3 .   ? 0.661   -7.220  8.531   1.00 36.95  ? 349 HOH B O   1 
HETATM 1759 O O   . HOH G 3 .   ? -2.455  9.977   14.513  1.00 42.10  ? 350 HOH B O   1 
HETATM 1760 O O   . HOH G 3 .   ? 6.830   -15.158 -6.085  1.00 29.12  ? 351 HOH B O   1 
HETATM 1761 O O   . HOH G 3 .   ? -20.519 -4.863  0.097   1.00 31.01  ? 352 HOH B O   1 
HETATM 1762 O O   . HOH G 3 .   ? -4.679  -10.698 -0.257  1.00 33.19  ? 353 HOH B O   1 
HETATM 1763 O O   . HOH G 3 .   ? -4.779  -11.643 -8.771  1.00 35.44  ? 354 HOH B O   1 
HETATM 1764 O O   . HOH G 3 .   ? -9.126  22.173  10.288  1.00 33.85  ? 355 HOH B O   1 
HETATM 1765 O O   . HOH G 3 .   ? -6.089  -16.318 0.236   1.00 40.87  ? 356 HOH B O   1 
HETATM 1766 O O   . HOH G 3 .   ? -15.370 -8.456  15.307  1.00 29.90  ? 357 HOH B O   1 
HETATM 1767 O O   . HOH G 3 .   ? -13.826 11.204  17.879  1.00 31.49  ? 358 HOH B O   1 
HETATM 1768 O O   . HOH G 3 .   ? -16.977 11.505  1.229   1.00 34.37  ? 359 HOH B O   1 
HETATM 1769 O O   . HOH G 3 .   ? -14.224 14.083  17.867  1.00 29.57  ? 360 HOH B O   1 
HETATM 1770 O O   . HOH G 3 .   ? -12.175 20.978  15.907  1.00 37.43  ? 361 HOH B O   1 
HETATM 1771 O O   . HOH G 3 .   ? -14.247 7.129   -1.490  1.00 31.97  ? 362 HOH B O   1 
HETATM 1772 O O   . HOH G 3 .   ? -7.738  15.683  -5.599  1.00 37.33  ? 363 HOH B O   1 
HETATM 1773 O O   . HOH G 3 .   ? -19.754 13.602  3.851   1.00 33.82  ? 364 HOH B O   1 
HETATM 1774 O O   . HOH G 3 .   ? -6.735  9.997   18.535  1.00 40.79  ? 365 HOH B O   1 
HETATM 1775 O O   . HOH G 3 .   ? -4.003  16.051  4.410   1.00 41.88  ? 366 HOH B O   1 
HETATM 1776 O O   . HOH G 3 .   ? -4.306  11.036  18.076  1.00 30.50  ? 367 HOH B O   1 
HETATM 1777 O O   . HOH G 3 .   ? -5.223  6.366   -5.084  1.00 37.06  ? 368 HOH B O   1 
HETATM 1778 O O   . HOH G 3 .   ? -19.470 3.329   -2.595  1.00 37.31  ? 369 HOH B O   1 
HETATM 1779 O O   . HOH G 3 .   ? -6.404  -5.653  17.037  1.00 46.36  ? 370 HOH B O   1 
HETATM 1780 O O   . HOH G 3 .   ? -11.499 -9.665  18.348  1.00 35.63  ? 371 HOH B O   1 
HETATM 1781 O O   . HOH G 3 .   ? -12.562 -19.295 11.570  1.00 45.62  ? 372 HOH B O   1 
HETATM 1782 O O   . HOH G 3 .   ? 5.013   9.991   9.818   1.00 45.94  ? 373 HOH B O   1 
HETATM 1783 O O   . HOH G 3 .   ? -16.224 16.950  5.255   1.00 26.26  ? 374 HOH B O   1 
HETATM 1784 O O   . HOH G 3 .   ? 3.834   18.036  5.057   1.00 27.93  ? 375 HOH B O   1 
HETATM 1785 O O   . HOH G 3 .   ? -21.250 -8.300  5.636   1.00 47.56  ? 376 HOH B O   1 
HETATM 1786 O O   . HOH G 3 .   ? -7.944  -14.293 9.457   1.00 43.49  ? 377 HOH B O   1 
HETATM 1787 O O   . HOH G 3 .   ? -12.118 -13.421 -5.578  1.00 43.18  ? 378 HOH B O   1 
HETATM 1788 O O   . HOH G 3 .   ? -11.560 9.102   -4.409  1.00 33.45  ? 379 HOH B O   1 
HETATM 1789 O O   . HOH G 3 .   ? -18.514 -7.070  -5.780  1.00 42.05  ? 380 HOH B O   1 
HETATM 1790 O O   . HOH G 3 .   ? -7.834  18.602  17.290  1.00 36.48  ? 381 HOH B O   1 
HETATM 1791 O O   . HOH G 3 .   ? -0.104  8.567   -1.303  1.00 36.86  ? 382 HOH B O   1 
HETATM 1792 O O   . HOH G 3 .   ? -22.191 15.546  6.557   1.00 21.99  ? 383 HOH B O   1 
# 
